data_5M1M
# 
_entry.id   5M1M 
# 
_audit_conform.dict_name       mmcif_pdbx.dic 
_audit_conform.dict_version    5.391 
_audit_conform.dict_location   http://mmcif.pdb.org/dictionaries/ascii/mmcif_pdbx.dic 
# 
loop_
_database_2.database_id 
_database_2.database_code 
_database_2.pdbx_database_accession 
_database_2.pdbx_DOI 
PDB   5M1M         pdb_00005m1m 10.2210/pdb5m1m/pdb 
WWPDB D_1200001735 ?            ?                   
# 
loop_
_pdbx_audit_revision_history.ordinal 
_pdbx_audit_revision_history.data_content_type 
_pdbx_audit_revision_history.major_revision 
_pdbx_audit_revision_history.minor_revision 
_pdbx_audit_revision_history.revision_date 
1 'Structure model' 1 0 2017-02-08 
2 'Structure model' 1 1 2017-09-06 
3 'Structure model' 1 2 2024-05-08 
# 
_pdbx_audit_revision_details.ordinal             1 
_pdbx_audit_revision_details.revision_ordinal    1 
_pdbx_audit_revision_details.data_content_type   'Structure model' 
_pdbx_audit_revision_details.provider            repository 
_pdbx_audit_revision_details.type                'Initial release' 
_pdbx_audit_revision_details.description         ? 
_pdbx_audit_revision_details.details             ? 
# 
loop_
_pdbx_audit_revision_group.ordinal 
_pdbx_audit_revision_group.revision_ordinal 
_pdbx_audit_revision_group.data_content_type 
_pdbx_audit_revision_group.group 
1 2 'Structure model' 'Author supporting evidence' 
2 2 'Structure model' 'Data collection'            
3 3 'Structure model' 'Data collection'            
4 3 'Structure model' 'Database references'        
5 3 'Structure model' 'Derived calculations'       
# 
loop_
_pdbx_audit_revision_category.ordinal 
_pdbx_audit_revision_category.revision_ordinal 
_pdbx_audit_revision_category.data_content_type 
_pdbx_audit_revision_category.category 
1 2 'Structure model' diffrn_radiation_wavelength 
2 2 'Structure model' pdbx_audit_support          
3 3 'Structure model' chem_comp_atom              
4 3 'Structure model' chem_comp_bond              
5 3 'Structure model' database_2                  
6 3 'Structure model' struct_conn                 
# 
loop_
_pdbx_audit_revision_item.ordinal 
_pdbx_audit_revision_item.revision_ordinal 
_pdbx_audit_revision_item.data_content_type 
_pdbx_audit_revision_item.item 
1 2 'Structure model' '_pdbx_audit_support.funding_organization' 
2 3 'Structure model' '_database_2.pdbx_DOI'                     
3 3 'Structure model' '_database_2.pdbx_database_accession'      
4 3 'Structure model' '_struct_conn.pdbx_dist_value'             
5 3 'Structure model' '_struct_conn.ptnr1_label_atom_id'         
6 3 'Structure model' '_struct_conn.ptnr2_auth_seq_id'           
7 3 'Structure model' '_struct_conn.ptnr2_label_asym_id'         
# 
_pdbx_database_status.status_code                     REL 
_pdbx_database_status.status_code_sf                  REL 
_pdbx_database_status.status_code_mr                  ? 
_pdbx_database_status.entry_id                        5M1M 
_pdbx_database_status.recvd_initial_deposition_date   2016-10-09 
_pdbx_database_status.SG_entry                        N 
_pdbx_database_status.deposit_site                    PDBE 
_pdbx_database_status.process_site                    PDBE 
_pdbx_database_status.status_code_cs                  ? 
_pdbx_database_status.methods_development_category    ? 
_pdbx_database_status.pdb_format_compatible           Y 
_pdbx_database_status.status_code_nmr_data            ? 
# 
loop_
_audit_author.name 
_audit_author.pdbx_ordinal 
'Radzimanowski, J.' 1 
'Weissenhorn, W.'   2 
# 
_citation.abstract                  ? 
_citation.abstract_id_CAS           ? 
_citation.book_id_ISBN              ? 
_citation.book_publisher            ? 
_citation.book_publisher_city       ? 
_citation.book_title                ? 
_citation.coordinate_linkage        ? 
_citation.country                   UK 
_citation.database_id_Medline       ? 
_citation.details                   ? 
_citation.id                        primary 
_citation.journal_abbrev            'Sci Rep' 
_citation.journal_id_ASTM           ? 
_citation.journal_id_CSD            ? 
_citation.journal_id_ISSN           2045-2322 
_citation.journal_full              ? 
_citation.journal_issue             ? 
_citation.journal_volume            7 
_citation.language                  ? 
_citation.page_first                40801 
_citation.page_last                 40801 
_citation.title                     
'The Matrix protein M1 from influenza C virus induces tubular membrane invaginations in an in vitro cell membrane model.' 
_citation.year                      2017 
_citation.database_id_CSD           ? 
_citation.pdbx_database_id_DOI      10.1038/srep40801 
_citation.pdbx_database_id_PubMed   28120862 
_citation.unpublished_flag          ? 
# 
loop_
_citation_author.citation_id 
_citation_author.name 
_citation_author.ordinal 
_citation_author.identifier_ORCID 
primary 'Saletti, D.'       1 ? 
primary 'Radzimanowski, J.' 2 ? 
primary 'Effantin, G.'      3 ? 
primary 'Midtvedt, D.'      4 ? 
primary 'Mangenot, S.'      5 ? 
primary 'Weissenhorn, W.'   6 ? 
primary 'Bassereau, P.'     7 ? 
primary 'Bally, M.'         8 ? 
# 
loop_
_entity.id 
_entity.type 
_entity.src_method 
_entity.pdbx_description 
_entity.formula_weight 
_entity.pdbx_number_of_molecules 
_entity.pdbx_ec 
_entity.pdbx_mutation 
_entity.pdbx_fragment 
_entity.details 
1 polymer     man 'Matrix protein 1' 17477.480 1   ? ? ? ? 
2 non-polymer syn 'MAGNESIUM ION'    24.305    2   ? ? ? ? 
3 water       nat water              18.015    169 ? ? ? ? 
# 
_entity_poly.entity_id                      1 
_entity_poly.type                           'polypeptide(L)' 
_entity_poly.nstd_linkage                   no 
_entity_poly.nstd_monomer                   no 
_entity_poly.pdbx_seq_one_letter_code       
;MAHEILIAETEAFLKNVAPETRTAIISAITGGKSACKSAAKLIKNEHLPLMSGEATTMHIVMRCLYPEIKPWKKASDMLN
KATSSLKKSEGRDIRKQMKAAGDFLGVESMMKMRAFRDDQIMEMVEEVYDHPDDYTPDIRIGTITAWLRCKNKKS
;
_entity_poly.pdbx_seq_one_letter_code_can   
;MAHEILIAETEAFLKNVAPETRTAIISAITGGKSACKSAAKLIKNEHLPLMSGEATTMHIVMRCLYPEIKPWKKASDMLN
KATSSLKKSEGRDIRKQMKAAGDFLGVESMMKMRAFRDDQIMEMVEEVYDHPDDYTPDIRIGTITAWLRCKNKKS
;
_entity_poly.pdbx_strand_id                 A 
_entity_poly.pdbx_target_identifier         ? 
# 
loop_
_pdbx_entity_nonpoly.entity_id 
_pdbx_entity_nonpoly.name 
_pdbx_entity_nonpoly.comp_id 
2 'MAGNESIUM ION' MG  
3 water           HOH 
# 
loop_
_entity_poly_seq.entity_id 
_entity_poly_seq.num 
_entity_poly_seq.mon_id 
_entity_poly_seq.hetero 
1 1   MET n 
1 2   ALA n 
1 3   HIS n 
1 4   GLU n 
1 5   ILE n 
1 6   LEU n 
1 7   ILE n 
1 8   ALA n 
1 9   GLU n 
1 10  THR n 
1 11  GLU n 
1 12  ALA n 
1 13  PHE n 
1 14  LEU n 
1 15  LYS n 
1 16  ASN n 
1 17  VAL n 
1 18  ALA n 
1 19  PRO n 
1 20  GLU n 
1 21  THR n 
1 22  ARG n 
1 23  THR n 
1 24  ALA n 
1 25  ILE n 
1 26  ILE n 
1 27  SER n 
1 28  ALA n 
1 29  ILE n 
1 30  THR n 
1 31  GLY n 
1 32  GLY n 
1 33  LYS n 
1 34  SER n 
1 35  ALA n 
1 36  CYS n 
1 37  LYS n 
1 38  SER n 
1 39  ALA n 
1 40  ALA n 
1 41  LYS n 
1 42  LEU n 
1 43  ILE n 
1 44  LYS n 
1 45  ASN n 
1 46  GLU n 
1 47  HIS n 
1 48  LEU n 
1 49  PRO n 
1 50  LEU n 
1 51  MET n 
1 52  SER n 
1 53  GLY n 
1 54  GLU n 
1 55  ALA n 
1 56  THR n 
1 57  THR n 
1 58  MET n 
1 59  HIS n 
1 60  ILE n 
1 61  VAL n 
1 62  MET n 
1 63  ARG n 
1 64  CYS n 
1 65  LEU n 
1 66  TYR n 
1 67  PRO n 
1 68  GLU n 
1 69  ILE n 
1 70  LYS n 
1 71  PRO n 
1 72  TRP n 
1 73  LYS n 
1 74  LYS n 
1 75  ALA n 
1 76  SER n 
1 77  ASP n 
1 78  MET n 
1 79  LEU n 
1 80  ASN n 
1 81  LYS n 
1 82  ALA n 
1 83  THR n 
1 84  SER n 
1 85  SER n 
1 86  LEU n 
1 87  LYS n 
1 88  LYS n 
1 89  SER n 
1 90  GLU n 
1 91  GLY n 
1 92  ARG n 
1 93  ASP n 
1 94  ILE n 
1 95  ARG n 
1 96  LYS n 
1 97  GLN n 
1 98  MET n 
1 99  LYS n 
1 100 ALA n 
1 101 ALA n 
1 102 GLY n 
1 103 ASP n 
1 104 PHE n 
1 105 LEU n 
1 106 GLY n 
1 107 VAL n 
1 108 GLU n 
1 109 SER n 
1 110 MET n 
1 111 MET n 
1 112 LYS n 
1 113 MET n 
1 114 ARG n 
1 115 ALA n 
1 116 PHE n 
1 117 ARG n 
1 118 ASP n 
1 119 ASP n 
1 120 GLN n 
1 121 ILE n 
1 122 MET n 
1 123 GLU n 
1 124 MET n 
1 125 VAL n 
1 126 GLU n 
1 127 GLU n 
1 128 VAL n 
1 129 TYR n 
1 130 ASP n 
1 131 HIS n 
1 132 PRO n 
1 133 ASP n 
1 134 ASP n 
1 135 TYR n 
1 136 THR n 
1 137 PRO n 
1 138 ASP n 
1 139 ILE n 
1 140 ARG n 
1 141 ILE n 
1 142 GLY n 
1 143 THR n 
1 144 ILE n 
1 145 THR n 
1 146 ALA n 
1 147 TRP n 
1 148 LEU n 
1 149 ARG n 
1 150 CYS n 
1 151 LYS n 
1 152 ASN n 
1 153 LYS n 
1 154 LYS n 
1 155 SER n 
# 
_entity_src_gen.entity_id                          1 
_entity_src_gen.pdbx_src_id                        1 
_entity_src_gen.pdbx_alt_source_flag               sample 
_entity_src_gen.pdbx_seq_type                      'Biological sequence' 
_entity_src_gen.pdbx_beg_seq_num                   1 
_entity_src_gen.pdbx_end_seq_num                   155 
_entity_src_gen.gene_src_common_name               ? 
_entity_src_gen.gene_src_genus                     ? 
_entity_src_gen.pdbx_gene_src_gene                 ? 
_entity_src_gen.gene_src_species                   ? 
_entity_src_gen.gene_src_strain                    'C/Ann Arbor/1/1950' 
_entity_src_gen.gene_src_tissue                    ? 
_entity_src_gen.gene_src_tissue_fraction           ? 
_entity_src_gen.gene_src_details                   ? 
_entity_src_gen.pdbx_gene_src_fragment             ? 
_entity_src_gen.pdbx_gene_src_scientific_name      'Influenza C virus (strain C/Ann Arbor/1/1950)' 
_entity_src_gen.pdbx_gene_src_ncbi_taxonomy_id     11553 
_entity_src_gen.pdbx_gene_src_variant              ? 
_entity_src_gen.pdbx_gene_src_cell_line            ? 
_entity_src_gen.pdbx_gene_src_atcc                 ? 
_entity_src_gen.pdbx_gene_src_organ                ? 
_entity_src_gen.pdbx_gene_src_organelle            ? 
_entity_src_gen.pdbx_gene_src_cell                 ? 
_entity_src_gen.pdbx_gene_src_cellular_location    ? 
_entity_src_gen.host_org_common_name               ? 
_entity_src_gen.pdbx_host_org_scientific_name      'Escherichia coli' 
_entity_src_gen.pdbx_host_org_ncbi_taxonomy_id     562 
_entity_src_gen.host_org_genus                     ? 
_entity_src_gen.pdbx_host_org_gene                 ? 
_entity_src_gen.pdbx_host_org_organ                ? 
_entity_src_gen.host_org_species                   ? 
_entity_src_gen.pdbx_host_org_tissue               ? 
_entity_src_gen.pdbx_host_org_tissue_fraction      ? 
_entity_src_gen.pdbx_host_org_strain               ? 
_entity_src_gen.pdbx_host_org_variant              ? 
_entity_src_gen.pdbx_host_org_cell_line            ? 
_entity_src_gen.pdbx_host_org_atcc                 ? 
_entity_src_gen.pdbx_host_org_culture_collection   ? 
_entity_src_gen.pdbx_host_org_cell                 ? 
_entity_src_gen.pdbx_host_org_organelle            ? 
_entity_src_gen.pdbx_host_org_cellular_location    ? 
_entity_src_gen.pdbx_host_org_vector_type          ? 
_entity_src_gen.pdbx_host_org_vector               ? 
_entity_src_gen.host_org_details                   ? 
_entity_src_gen.expression_system_id               ? 
_entity_src_gen.plasmid_name                       ? 
_entity_src_gen.plasmid_details                    ? 
_entity_src_gen.pdbx_description                   ? 
# 
loop_
_chem_comp.id 
_chem_comp.type 
_chem_comp.mon_nstd_flag 
_chem_comp.name 
_chem_comp.pdbx_synonyms 
_chem_comp.formula 
_chem_comp.formula_weight 
ALA 'L-peptide linking' y ALANINE         ? 'C3 H7 N O2'     89.093  
ARG 'L-peptide linking' y ARGININE        ? 'C6 H15 N4 O2 1' 175.209 
ASN 'L-peptide linking' y ASPARAGINE      ? 'C4 H8 N2 O3'    132.118 
ASP 'L-peptide linking' y 'ASPARTIC ACID' ? 'C4 H7 N O4'     133.103 
CYS 'L-peptide linking' y CYSTEINE        ? 'C3 H7 N O2 S'   121.158 
GLN 'L-peptide linking' y GLUTAMINE       ? 'C5 H10 N2 O3'   146.144 
GLU 'L-peptide linking' y 'GLUTAMIC ACID' ? 'C5 H9 N O4'     147.129 
GLY 'peptide linking'   y GLYCINE         ? 'C2 H5 N O2'     75.067  
HIS 'L-peptide linking' y HISTIDINE       ? 'C6 H10 N3 O2 1' 156.162 
HOH non-polymer         . WATER           ? 'H2 O'           18.015  
ILE 'L-peptide linking' y ISOLEUCINE      ? 'C6 H13 N O2'    131.173 
LEU 'L-peptide linking' y LEUCINE         ? 'C6 H13 N O2'    131.173 
LYS 'L-peptide linking' y LYSINE          ? 'C6 H15 N2 O2 1' 147.195 
MET 'L-peptide linking' y METHIONINE      ? 'C5 H11 N O2 S'  149.211 
MG  non-polymer         . 'MAGNESIUM ION' ? 'Mg 2'           24.305  
PHE 'L-peptide linking' y PHENYLALANINE   ? 'C9 H11 N O2'    165.189 
PRO 'L-peptide linking' y PROLINE         ? 'C5 H9 N O2'     115.130 
SER 'L-peptide linking' y SERINE          ? 'C3 H7 N O3'     105.093 
THR 'L-peptide linking' y THREONINE       ? 'C4 H9 N O3'     119.119 
TRP 'L-peptide linking' y TRYPTOPHAN      ? 'C11 H12 N2 O2'  204.225 
TYR 'L-peptide linking' y TYROSINE        ? 'C9 H11 N O3'    181.189 
VAL 'L-peptide linking' y VALINE          ? 'C5 H11 N O2'    117.146 
# 
loop_
_pdbx_poly_seq_scheme.asym_id 
_pdbx_poly_seq_scheme.entity_id 
_pdbx_poly_seq_scheme.seq_id 
_pdbx_poly_seq_scheme.mon_id 
_pdbx_poly_seq_scheme.ndb_seq_num 
_pdbx_poly_seq_scheme.pdb_seq_num 
_pdbx_poly_seq_scheme.auth_seq_num 
_pdbx_poly_seq_scheme.pdb_mon_id 
_pdbx_poly_seq_scheme.auth_mon_id 
_pdbx_poly_seq_scheme.pdb_strand_id 
_pdbx_poly_seq_scheme.pdb_ins_code 
_pdbx_poly_seq_scheme.hetero 
A 1 1   MET 1   1   ?   ?   ?   A . n 
A 1 2   ALA 2   2   2   ALA ALA A . n 
A 1 3   HIS 3   3   3   HIS HIS A . n 
A 1 4   GLU 4   4   4   GLU GLU A . n 
A 1 5   ILE 5   5   5   ILE ILE A . n 
A 1 6   LEU 6   6   6   LEU LEU A . n 
A 1 7   ILE 7   7   7   ILE ILE A . n 
A 1 8   ALA 8   8   8   ALA ALA A . n 
A 1 9   GLU 9   9   9   GLU GLU A . n 
A 1 10  THR 10  10  10  THR THR A . n 
A 1 11  GLU 11  11  11  GLU GLU A . n 
A 1 12  ALA 12  12  12  ALA ALA A . n 
A 1 13  PHE 13  13  13  PHE PHE A . n 
A 1 14  LEU 14  14  14  LEU LEU A . n 
A 1 15  LYS 15  15  15  LYS LYS A . n 
A 1 16  ASN 16  16  16  ASN ASN A . n 
A 1 17  VAL 17  17  17  VAL VAL A . n 
A 1 18  ALA 18  18  18  ALA ALA A . n 
A 1 19  PRO 19  19  19  PRO PRO A . n 
A 1 20  GLU 20  20  20  GLU GLU A . n 
A 1 21  THR 21  21  21  THR THR A . n 
A 1 22  ARG 22  22  22  ARG ARG A . n 
A 1 23  THR 23  23  23  THR THR A . n 
A 1 24  ALA 24  24  24  ALA ALA A . n 
A 1 25  ILE 25  25  25  ILE ILE A . n 
A 1 26  ILE 26  26  26  ILE ILE A . n 
A 1 27  SER 27  27  27  SER SER A . n 
A 1 28  ALA 28  28  28  ALA ALA A . n 
A 1 29  ILE 29  29  29  ILE ILE A . n 
A 1 30  THR 30  30  30  THR THR A . n 
A 1 31  GLY 31  31  31  GLY GLY A . n 
A 1 32  GLY 32  32  32  GLY GLY A . n 
A 1 33  LYS 33  33  33  LYS LYS A . n 
A 1 34  SER 34  34  34  SER SER A . n 
A 1 35  ALA 35  35  35  ALA ALA A . n 
A 1 36  CYS 36  36  36  CYS CYS A . n 
A 1 37  LYS 37  37  37  LYS LYS A . n 
A 1 38  SER 38  38  38  SER SER A . n 
A 1 39  ALA 39  39  39  ALA ALA A . n 
A 1 40  ALA 40  40  40  ALA ALA A . n 
A 1 41  LYS 41  41  41  LYS LYS A . n 
A 1 42  LEU 42  42  42  LEU LEU A . n 
A 1 43  ILE 43  43  43  ILE ILE A . n 
A 1 44  LYS 44  44  44  LYS LYS A . n 
A 1 45  ASN 45  45  45  ASN ASN A . n 
A 1 46  GLU 46  46  46  GLU GLU A . n 
A 1 47  HIS 47  47  47  HIS HIS A . n 
A 1 48  LEU 48  48  48  LEU LEU A . n 
A 1 49  PRO 49  49  49  PRO PRO A . n 
A 1 50  LEU 50  50  50  LEU LEU A . n 
A 1 51  MET 51  51  51  MET MET A . n 
A 1 52  SER 52  52  52  SER SER A . n 
A 1 53  GLY 53  53  53  GLY GLY A . n 
A 1 54  GLU 54  54  54  GLU GLU A . n 
A 1 55  ALA 55  55  55  ALA ALA A . n 
A 1 56  THR 56  56  56  THR THR A . n 
A 1 57  THR 57  57  57  THR THR A . n 
A 1 58  MET 58  58  58  MET MET A . n 
A 1 59  HIS 59  59  59  HIS HIS A . n 
A 1 60  ILE 60  60  60  ILE ILE A . n 
A 1 61  VAL 61  61  61  VAL VAL A . n 
A 1 62  MET 62  62  62  MET MET A . n 
A 1 63  ARG 63  63  63  ARG ARG A . n 
A 1 64  CYS 64  64  64  CYS CYS A . n 
A 1 65  LEU 65  65  65  LEU LEU A . n 
A 1 66  TYR 66  66  66  TYR TYR A . n 
A 1 67  PRO 67  67  67  PRO PRO A . n 
A 1 68  GLU 68  68  68  GLU GLU A . n 
A 1 69  ILE 69  69  69  ILE ILE A . n 
A 1 70  LYS 70  70  70  LYS LYS A . n 
A 1 71  PRO 71  71  71  PRO PRO A . n 
A 1 72  TRP 72  72  72  TRP TRP A . n 
A 1 73  LYS 73  73  73  LYS LYS A . n 
A 1 74  LYS 74  74  74  LYS LYS A . n 
A 1 75  ALA 75  75  75  ALA ALA A . n 
A 1 76  SER 76  76  76  SER SER A . n 
A 1 77  ASP 77  77  77  ASP ASP A . n 
A 1 78  MET 78  78  78  MET MET A . n 
A 1 79  LEU 79  79  79  LEU LEU A . n 
A 1 80  ASN 80  80  80  ASN ASN A . n 
A 1 81  LYS 81  81  81  LYS LYS A . n 
A 1 82  ALA 82  82  82  ALA ALA A . n 
A 1 83  THR 83  83  83  THR THR A . n 
A 1 84  SER 84  84  84  SER SER A . n 
A 1 85  SER 85  85  85  SER SER A . n 
A 1 86  LEU 86  86  86  LEU LEU A . n 
A 1 87  LYS 87  87  87  LYS LYS A . n 
A 1 88  LYS 88  88  88  LYS LYS A . n 
A 1 89  SER 89  89  89  SER SER A . n 
A 1 90  GLU 90  90  90  GLU GLU A . n 
A 1 91  GLY 91  91  91  GLY GLY A . n 
A 1 92  ARG 92  92  92  ARG ARG A . n 
A 1 93  ASP 93  93  93  ASP ASP A . n 
A 1 94  ILE 94  94  94  ILE ILE A . n 
A 1 95  ARG 95  95  95  ARG ARG A . n 
A 1 96  LYS 96  96  96  LYS LYS A . n 
A 1 97  GLN 97  97  97  GLN GLN A . n 
A 1 98  MET 98  98  98  MET MET A . n 
A 1 99  LYS 99  99  99  LYS LYS A . n 
A 1 100 ALA 100 100 100 ALA ALA A . n 
A 1 101 ALA 101 101 101 ALA ALA A . n 
A 1 102 GLY 102 102 102 GLY GLY A . n 
A 1 103 ASP 103 103 103 ASP ASP A . n 
A 1 104 PHE 104 104 104 PHE PHE A . n 
A 1 105 LEU 105 105 105 LEU LEU A . n 
A 1 106 GLY 106 106 106 GLY GLY A . n 
A 1 107 VAL 107 107 107 VAL VAL A . n 
A 1 108 GLU 108 108 108 GLU GLU A . n 
A 1 109 SER 109 109 109 SER SER A . n 
A 1 110 MET 110 110 110 MET MET A . n 
A 1 111 MET 111 111 111 MET MET A . n 
A 1 112 LYS 112 112 112 LYS LYS A . n 
A 1 113 MET 113 113 113 MET MET A . n 
A 1 114 ARG 114 114 114 ARG ARG A . n 
A 1 115 ALA 115 115 115 ALA ALA A . n 
A 1 116 PHE 116 116 116 PHE PHE A . n 
A 1 117 ARG 117 117 117 ARG ARG A . n 
A 1 118 ASP 118 118 118 ASP ASP A . n 
A 1 119 ASP 119 119 119 ASP ASP A . n 
A 1 120 GLN 120 120 120 GLN GLN A . n 
A 1 121 ILE 121 121 121 ILE ILE A . n 
A 1 122 MET 122 122 122 MET MET A . n 
A 1 123 GLU 123 123 123 GLU GLU A . n 
A 1 124 MET 124 124 124 MET MET A . n 
A 1 125 VAL 125 125 125 VAL VAL A . n 
A 1 126 GLU 126 126 126 GLU GLU A . n 
A 1 127 GLU 127 127 127 GLU GLU A . n 
A 1 128 VAL 128 128 128 VAL VAL A . n 
A 1 129 TYR 129 129 129 TYR TYR A . n 
A 1 130 ASP 130 130 130 ASP ASP A . n 
A 1 131 HIS 131 131 131 HIS HIS A . n 
A 1 132 PRO 132 132 132 PRO PRO A . n 
A 1 133 ASP 133 133 133 ASP ASP A . n 
A 1 134 ASP 134 134 134 ASP ASP A . n 
A 1 135 TYR 135 135 135 TYR TYR A . n 
A 1 136 THR 136 136 136 THR THR A . n 
A 1 137 PRO 137 137 137 PRO PRO A . n 
A 1 138 ASP 138 138 138 ASP ASP A . n 
A 1 139 ILE 139 139 139 ILE ILE A . n 
A 1 140 ARG 140 140 140 ARG ARG A . n 
A 1 141 ILE 141 141 141 ILE ILE A . n 
A 1 142 GLY 142 142 142 GLY GLY A . n 
A 1 143 THR 143 143 143 THR THR A . n 
A 1 144 ILE 144 144 144 ILE ILE A . n 
A 1 145 THR 145 145 145 THR THR A . n 
A 1 146 ALA 146 146 146 ALA ALA A . n 
A 1 147 TRP 147 147 147 TRP TRP A . n 
A 1 148 LEU 148 148 148 LEU LEU A . n 
A 1 149 ARG 149 149 149 ARG ARG A . n 
A 1 150 CYS 150 150 150 CYS CYS A . n 
A 1 151 LYS 151 151 151 LYS LYS A . n 
A 1 152 ASN 152 152 152 ASN ASN A . n 
A 1 153 LYS 153 153 153 LYS LYS A . n 
A 1 154 LYS 154 154 154 LYS LYS A . n 
A 1 155 SER 155 155 155 SER SER A . n 
# 
loop_
_pdbx_nonpoly_scheme.asym_id 
_pdbx_nonpoly_scheme.entity_id 
_pdbx_nonpoly_scheme.mon_id 
_pdbx_nonpoly_scheme.ndb_seq_num 
_pdbx_nonpoly_scheme.pdb_seq_num 
_pdbx_nonpoly_scheme.auth_seq_num 
_pdbx_nonpoly_scheme.pdb_mon_id 
_pdbx_nonpoly_scheme.auth_mon_id 
_pdbx_nonpoly_scheme.pdb_strand_id 
_pdbx_nonpoly_scheme.pdb_ins_code 
B 2 MG  1   201 1   MG  MG  A . 
C 2 MG  1   202 1   MG  MG  A . 
D 3 HOH 1   301 56  HOH HOH A . 
D 3 HOH 2   302 133 HOH HOH A . 
D 3 HOH 3   303 142 HOH HOH A . 
D 3 HOH 4   304 81  HOH HOH A . 
D 3 HOH 5   305 134 HOH HOH A . 
D 3 HOH 6   306 68  HOH HOH A . 
D 3 HOH 7   307 181 HOH HOH A . 
D 3 HOH 8   308 178 HOH HOH A . 
D 3 HOH 9   309 54  HOH HOH A . 
D 3 HOH 10  310 106 HOH HOH A . 
D 3 HOH 11  311 98  HOH HOH A . 
D 3 HOH 12  312 11  HOH HOH A . 
D 3 HOH 13  313 47  HOH HOH A . 
D 3 HOH 14  314 14  HOH HOH A . 
D 3 HOH 15  315 65  HOH HOH A . 
D 3 HOH 16  316 9   HOH HOH A . 
D 3 HOH 17  317 122 HOH HOH A . 
D 3 HOH 18  318 135 HOH HOH A . 
D 3 HOH 19  319 143 HOH HOH A . 
D 3 HOH 20  320 171 HOH HOH A . 
D 3 HOH 21  321 73  HOH HOH A . 
D 3 HOH 22  322 21  HOH HOH A . 
D 3 HOH 23  323 146 HOH HOH A . 
D 3 HOH 24  324 4   HOH HOH A . 
D 3 HOH 25  325 137 HOH HOH A . 
D 3 HOH 26  326 3   HOH HOH A . 
D 3 HOH 27  327 84  HOH HOH A . 
D 3 HOH 28  328 26  HOH HOH A . 
D 3 HOH 29  329 8   HOH HOH A . 
D 3 HOH 30  330 62  HOH HOH A . 
D 3 HOH 31  331 144 HOH HOH A . 
D 3 HOH 32  332 34  HOH HOH A . 
D 3 HOH 33  333 23  HOH HOH A . 
D 3 HOH 34  334 61  HOH HOH A . 
D 3 HOH 35  335 41  HOH HOH A . 
D 3 HOH 36  336 13  HOH HOH A . 
D 3 HOH 37  337 99  HOH HOH A . 
D 3 HOH 38  338 43  HOH HOH A . 
D 3 HOH 39  339 27  HOH HOH A . 
D 3 HOH 40  340 28  HOH HOH A . 
D 3 HOH 41  341 170 HOH HOH A . 
D 3 HOH 42  342 138 HOH HOH A . 
D 3 HOH 43  343 44  HOH HOH A . 
D 3 HOH 44  344 22  HOH HOH A . 
D 3 HOH 45  345 114 HOH HOH A . 
D 3 HOH 46  346 59  HOH HOH A . 
D 3 HOH 47  347 12  HOH HOH A . 
D 3 HOH 48  348 107 HOH HOH A . 
D 3 HOH 49  349 154 HOH HOH A . 
D 3 HOH 50  350 20  HOH HOH A . 
D 3 HOH 51  351 172 HOH HOH A . 
D 3 HOH 52  352 6   HOH HOH A . 
D 3 HOH 53  353 123 HOH HOH A . 
D 3 HOH 54  354 82  HOH HOH A . 
D 3 HOH 55  355 16  HOH HOH A . 
D 3 HOH 56  356 48  HOH HOH A . 
D 3 HOH 57  357 101 HOH HOH A . 
D 3 HOH 58  358 66  HOH HOH A . 
D 3 HOH 59  359 36  HOH HOH A . 
D 3 HOH 60  360 24  HOH HOH A . 
D 3 HOH 61  361 77  HOH HOH A . 
D 3 HOH 62  362 155 HOH HOH A . 
D 3 HOH 63  363 130 HOH HOH A . 
D 3 HOH 64  364 46  HOH HOH A . 
D 3 HOH 65  365 91  HOH HOH A . 
D 3 HOH 66  366 86  HOH HOH A . 
D 3 HOH 67  367 163 HOH HOH A . 
D 3 HOH 68  368 111 HOH HOH A . 
D 3 HOH 69  369 76  HOH HOH A . 
D 3 HOH 70  370 15  HOH HOH A . 
D 3 HOH 71  371 120 HOH HOH A . 
D 3 HOH 72  372 58  HOH HOH A . 
D 3 HOH 73  373 131 HOH HOH A . 
D 3 HOH 74  374 108 HOH HOH A . 
D 3 HOH 75  375 33  HOH HOH A . 
D 3 HOH 76  376 184 HOH HOH A . 
D 3 HOH 77  377 71  HOH HOH A . 
D 3 HOH 78  378 69  HOH HOH A . 
D 3 HOH 79  379 51  HOH HOH A . 
D 3 HOH 80  380 67  HOH HOH A . 
D 3 HOH 81  381 159 HOH HOH A . 
D 3 HOH 82  382 17  HOH HOH A . 
D 3 HOH 83  383 55  HOH HOH A . 
D 3 HOH 84  384 102 HOH HOH A . 
D 3 HOH 85  385 183 HOH HOH A . 
D 3 HOH 86  386 5   HOH HOH A . 
D 3 HOH 87  387 37  HOH HOH A . 
D 3 HOH 88  388 64  HOH HOH A . 
D 3 HOH 89  389 30  HOH HOH A . 
D 3 HOH 90  390 18  HOH HOH A . 
D 3 HOH 91  391 119 HOH HOH A . 
D 3 HOH 92  392 161 HOH HOH A . 
D 3 HOH 93  393 78  HOH HOH A . 
D 3 HOH 94  394 113 HOH HOH A . 
D 3 HOH 95  395 74  HOH HOH A . 
D 3 HOH 96  396 31  HOH HOH A . 
D 3 HOH 97  397 40  HOH HOH A . 
D 3 HOH 98  398 49  HOH HOH A . 
D 3 HOH 99  399 185 HOH HOH A . 
D 3 HOH 100 400 95  HOH HOH A . 
D 3 HOH 101 401 109 HOH HOH A . 
D 3 HOH 102 402 105 HOH HOH A . 
D 3 HOH 103 403 72  HOH HOH A . 
D 3 HOH 104 404 83  HOH HOH A . 
D 3 HOH 105 405 19  HOH HOH A . 
D 3 HOH 106 406 150 HOH HOH A . 
D 3 HOH 107 407 104 HOH HOH A . 
D 3 HOH 108 408 42  HOH HOH A . 
D 3 HOH 109 409 85  HOH HOH A . 
D 3 HOH 110 410 52  HOH HOH A . 
D 3 HOH 111 411 139 HOH HOH A . 
D 3 HOH 112 412 45  HOH HOH A . 
D 3 HOH 113 413 35  HOH HOH A . 
D 3 HOH 114 414 124 HOH HOH A . 
D 3 HOH 115 415 180 HOH HOH A . 
D 3 HOH 116 416 88  HOH HOH A . 
D 3 HOH 117 417 179 HOH HOH A . 
D 3 HOH 118 418 117 HOH HOH A . 
D 3 HOH 119 419 162 HOH HOH A . 
D 3 HOH 120 420 60  HOH HOH A . 
D 3 HOH 121 421 167 HOH HOH A . 
D 3 HOH 122 422 126 HOH HOH A . 
D 3 HOH 123 423 32  HOH HOH A . 
D 3 HOH 124 424 149 HOH HOH A . 
D 3 HOH 125 425 166 HOH HOH A . 
D 3 HOH 126 426 94  HOH HOH A . 
D 3 HOH 127 427 25  HOH HOH A . 
D 3 HOH 128 428 110 HOH HOH A . 
D 3 HOH 129 429 89  HOH HOH A . 
D 3 HOH 130 430 7   HOH HOH A . 
D 3 HOH 131 431 141 HOH HOH A . 
D 3 HOH 132 432 10  HOH HOH A . 
D 3 HOH 133 433 145 HOH HOH A . 
D 3 HOH 134 434 160 HOH HOH A . 
D 3 HOH 135 435 153 HOH HOH A . 
D 3 HOH 136 436 57  HOH HOH A . 
D 3 HOH 137 437 151 HOH HOH A . 
D 3 HOH 138 438 87  HOH HOH A . 
D 3 HOH 139 439 156 HOH HOH A . 
D 3 HOH 140 440 70  HOH HOH A . 
D 3 HOH 141 441 50  HOH HOH A . 
D 3 HOH 142 442 75  HOH HOH A . 
D 3 HOH 143 443 175 HOH HOH A . 
D 3 HOH 144 444 93  HOH HOH A . 
D 3 HOH 145 445 128 HOH HOH A . 
D 3 HOH 146 446 136 HOH HOH A . 
D 3 HOH 147 447 96  HOH HOH A . 
D 3 HOH 148 448 168 HOH HOH A . 
D 3 HOH 149 449 39  HOH HOH A . 
D 3 HOH 150 450 173 HOH HOH A . 
D 3 HOH 151 451 116 HOH HOH A . 
D 3 HOH 152 452 147 HOH HOH A . 
D 3 HOH 153 453 148 HOH HOH A . 
D 3 HOH 154 454 158 HOH HOH A . 
D 3 HOH 155 455 92  HOH HOH A . 
D 3 HOH 156 456 177 HOH HOH A . 
D 3 HOH 157 457 53  HOH HOH A . 
D 3 HOH 158 458 63  HOH HOH A . 
D 3 HOH 159 459 182 HOH HOH A . 
D 3 HOH 160 460 186 HOH HOH A . 
D 3 HOH 161 461 164 HOH HOH A . 
D 3 HOH 162 462 115 HOH HOH A . 
D 3 HOH 163 463 97  HOH HOH A . 
D 3 HOH 164 464 112 HOH HOH A . 
D 3 HOH 165 465 100 HOH HOH A . 
D 3 HOH 166 466 79  HOH HOH A . 
D 3 HOH 167 467 140 HOH HOH A . 
D 3 HOH 168 468 118 HOH HOH A . 
D 3 HOH 169 469 121 HOH HOH A . 
# 
loop_
_software.citation_id 
_software.classification 
_software.compiler_name 
_software.compiler_version 
_software.contact_author 
_software.contact_author_email 
_software.date 
_software.description 
_software.dependencies 
_software.hardware 
_software.language 
_software.location 
_software.mods 
_software.name 
_software.os 
_software.os_version 
_software.type 
_software.version 
_software.pdbx_ordinal 
? refinement       ? ? ? ? ? ? ? ? ? ? ? PHENIX ? ? ? 1.8_1069 1 
? 'data reduction' ? ? ? ? ? ? ? ? ? ? ? XDS    ? ? ? .        2 
? 'data scaling'   ? ? ? ? ? ? ? ? ? ? ? SCALA  ? ? ? .        3 
? phasing          ? ? ? ? ? ? ? ? ? ? ? PHENIX ? ? ? .        4 
# 
_cell.angle_alpha                  90.00 
_cell.angle_alpha_esd              ? 
_cell.angle_beta                   108.40 
_cell.angle_beta_esd               ? 
_cell.angle_gamma                  90.00 
_cell.angle_gamma_esd              ? 
_cell.entry_id                     5M1M 
_cell.details                      ? 
_cell.formula_units_Z              ? 
_cell.length_a                     66.398 
_cell.length_a_esd                 ? 
_cell.length_b                     26.841 
_cell.length_b_esd                 ? 
_cell.length_c                     77.224 
_cell.length_c_esd                 ? 
_cell.volume                       ? 
_cell.volume_esd                   ? 
_cell.Z_PDB                        4 
_cell.reciprocal_angle_alpha       ? 
_cell.reciprocal_angle_beta        ? 
_cell.reciprocal_angle_gamma       ? 
_cell.reciprocal_angle_alpha_esd   ? 
_cell.reciprocal_angle_beta_esd    ? 
_cell.reciprocal_angle_gamma_esd   ? 
_cell.reciprocal_length_a          ? 
_cell.reciprocal_length_b          ? 
_cell.reciprocal_length_c          ? 
_cell.reciprocal_length_a_esd      ? 
_cell.reciprocal_length_b_esd      ? 
_cell.reciprocal_length_c_esd      ? 
_cell.pdbx_unique_axis             ? 
# 
_symmetry.entry_id                         5M1M 
_symmetry.cell_setting                     ? 
_symmetry.Int_Tables_number                5 
_symmetry.space_group_name_Hall            ? 
_symmetry.space_group_name_H-M             'C 1 2 1' 
_symmetry.pdbx_full_space_group_name_H-M   ? 
# 
_exptl.absorpt_coefficient_mu     ? 
_exptl.absorpt_correction_T_max   ? 
_exptl.absorpt_correction_T_min   ? 
_exptl.absorpt_correction_type    ? 
_exptl.absorpt_process_details    ? 
_exptl.entry_id                   5M1M 
_exptl.crystals_number            1 
_exptl.details                    ? 
_exptl.method                     'X-RAY DIFFRACTION' 
_exptl.method_details             ? 
# 
_exptl_crystal.colour                      ? 
_exptl_crystal.density_diffrn              ? 
_exptl_crystal.density_Matthews            1.87 
_exptl_crystal.density_method              ? 
_exptl_crystal.density_percent_sol         34.15 
_exptl_crystal.description                 ? 
_exptl_crystal.F_000                       ? 
_exptl_crystal.id                          1 
_exptl_crystal.preparation                 ? 
_exptl_crystal.size_max                    ? 
_exptl_crystal.size_mid                    ? 
_exptl_crystal.size_min                    ? 
_exptl_crystal.size_rad                    ? 
_exptl_crystal.colour_lustre               ? 
_exptl_crystal.colour_modifier             ? 
_exptl_crystal.colour_primary              ? 
_exptl_crystal.density_meas                ? 
_exptl_crystal.density_meas_esd            ? 
_exptl_crystal.density_meas_gt             ? 
_exptl_crystal.density_meas_lt             ? 
_exptl_crystal.density_meas_temp           ? 
_exptl_crystal.density_meas_temp_esd       ? 
_exptl_crystal.density_meas_temp_gt        ? 
_exptl_crystal.density_meas_temp_lt        ? 
_exptl_crystal.pdbx_crystal_image_url      ? 
_exptl_crystal.pdbx_crystal_image_format   ? 
_exptl_crystal.pdbx_mosaicity              ? 
_exptl_crystal.pdbx_mosaicity_esd          ? 
# 
_exptl_crystal_grow.apparatus       ? 
_exptl_crystal_grow.atmosphere      ? 
_exptl_crystal_grow.crystal_id      1 
_exptl_crystal_grow.details         ? 
_exptl_crystal_grow.method          'VAPOR DIFFUSION, HANGING DROP' 
_exptl_crystal_grow.method_ref      ? 
_exptl_crystal_grow.pH              8.0 
_exptl_crystal_grow.pressure        ? 
_exptl_crystal_grow.pressure_esd    ? 
_exptl_crystal_grow.seeding         ? 
_exptl_crystal_grow.seeding_ref     ? 
_exptl_crystal_grow.temp            293 
_exptl_crystal_grow.temp_details    ? 
_exptl_crystal_grow.temp_esd        ? 
_exptl_crystal_grow.time            ? 
_exptl_crystal_grow.pdbx_details    '100mM Tris pH8.0, 200mM MgCl2 and25% PEG3350' 
_exptl_crystal_grow.pdbx_pH_range   ? 
# 
_diffrn.ambient_environment    ? 
_diffrn.ambient_temp           100 
_diffrn.ambient_temp_details   ? 
_diffrn.ambient_temp_esd       ? 
_diffrn.crystal_id             1 
_diffrn.crystal_support        ? 
_diffrn.crystal_treatment      ? 
_diffrn.details                ? 
_diffrn.id                     1 
_diffrn.ambient_pressure       ? 
_diffrn.ambient_pressure_esd   ? 
_diffrn.ambient_pressure_gt    ? 
_diffrn.ambient_pressure_lt    ? 
_diffrn.ambient_temp_gt        ? 
_diffrn.ambient_temp_lt        ? 
# 
_diffrn_detector.details                      ? 
_diffrn_detector.detector                     PIXEL 
_diffrn_detector.diffrn_id                    1 
_diffrn_detector.type                         'DECTRIS PILATUS 6M-F' 
_diffrn_detector.area_resol_mean              ? 
_diffrn_detector.dtime                        ? 
_diffrn_detector.pdbx_frames_total            ? 
_diffrn_detector.pdbx_collection_time_total   ? 
_diffrn_detector.pdbx_collection_date         2012-11-12 
# 
_diffrn_radiation.collimation                      ? 
_diffrn_radiation.diffrn_id                        1 
_diffrn_radiation.filter_edge                      ? 
_diffrn_radiation.inhomogeneity                    ? 
_diffrn_radiation.monochromator                    ? 
_diffrn_radiation.polarisn_norm                    ? 
_diffrn_radiation.polarisn_ratio                   ? 
_diffrn_radiation.probe                            ? 
_diffrn_radiation.type                             ? 
_diffrn_radiation.xray_symbol                      ? 
_diffrn_radiation.wavelength_id                    1 
_diffrn_radiation.pdbx_monochromatic_or_laue_m_l   M 
_diffrn_radiation.pdbx_wavelength_list             ? 
_diffrn_radiation.pdbx_wavelength                  ? 
_diffrn_radiation.pdbx_diffrn_protocol             'SINGLE WAVELENGTH' 
_diffrn_radiation.pdbx_analyzer                    ? 
_diffrn_radiation.pdbx_scattering_type             x-ray 
# 
_diffrn_radiation_wavelength.id           1 
_diffrn_radiation_wavelength.wavelength   0.93928 
_diffrn_radiation_wavelength.wt           1.0 
# 
_diffrn_source.current                     ? 
_diffrn_source.details                     ? 
_diffrn_source.diffrn_id                   1 
_diffrn_source.power                       ? 
_diffrn_source.size                        ? 
_diffrn_source.source                      SYNCHROTRON 
_diffrn_source.target                      ? 
_diffrn_source.type                        'ESRF BEAMLINE ID29' 
_diffrn_source.voltage                     ? 
_diffrn_source.take-off_angle              ? 
_diffrn_source.pdbx_wavelength_list        0.93928 
_diffrn_source.pdbx_wavelength             ? 
_diffrn_source.pdbx_synchrotron_beamline   ID29 
_diffrn_source.pdbx_synchrotron_site       ESRF 
# 
_reflns.B_iso_Wilson_estimate            ? 
_reflns.entry_id                         5M1M 
_reflns.data_reduction_details           ? 
_reflns.data_reduction_method            ? 
_reflns.d_resolution_high                1.5 
_reflns.d_resolution_low                 36.64 
_reflns.details                          ? 
_reflns.limit_h_max                      ? 
_reflns.limit_h_min                      ? 
_reflns.limit_k_max                      ? 
_reflns.limit_k_min                      ? 
_reflns.limit_l_max                      ? 
_reflns.limit_l_min                      ? 
_reflns.number_all                       ? 
_reflns.number_obs                       20888 
_reflns.observed_criterion               ? 
_reflns.observed_criterion_F_max         ? 
_reflns.observed_criterion_F_min         ? 
_reflns.observed_criterion_I_max         ? 
_reflns.observed_criterion_I_min         ? 
_reflns.observed_criterion_sigma_F       ? 
_reflns.observed_criterion_sigma_I       ? 
_reflns.percent_possible_obs             99.2 
_reflns.R_free_details                   ? 
_reflns.Rmerge_F_all                     ? 
_reflns.Rmerge_F_obs                     ? 
_reflns.Friedel_coverage                 ? 
_reflns.number_gt                        ? 
_reflns.threshold_expression             ? 
_reflns.pdbx_redundancy                  3.7 
_reflns.pdbx_Rmerge_I_obs                ? 
_reflns.pdbx_Rmerge_I_all                ? 
_reflns.pdbx_Rsym_value                  0.063 
_reflns.pdbx_netI_over_av_sigmaI         ? 
_reflns.pdbx_netI_over_sigmaI            12.1 
_reflns.pdbx_res_netI_over_av_sigmaI_2   ? 
_reflns.pdbx_res_netI_over_sigmaI_2      ? 
_reflns.pdbx_chi_squared                 ? 
_reflns.pdbx_scaling_rejects             ? 
_reflns.pdbx_d_res_high_opt              ? 
_reflns.pdbx_d_res_low_opt               ? 
_reflns.pdbx_d_res_opt_method            ? 
_reflns.phase_calculation_details        ? 
_reflns.pdbx_Rrim_I_all                  ? 
_reflns.pdbx_Rpim_I_all                  ? 
_reflns.pdbx_d_opt                       ? 
_reflns.pdbx_number_measured_all         ? 
_reflns.pdbx_diffrn_id                   1 
_reflns.pdbx_ordinal                     1 
_reflns.pdbx_CC_half                     ? 
_reflns.pdbx_R_split                     ? 
# 
_reflns_shell.d_res_high                  1.5 
_reflns_shell.d_res_low                   1.58 
_reflns_shell.meanI_over_sigI_all         ? 
_reflns_shell.meanI_over_sigI_obs         2.4 
_reflns_shell.number_measured_all         ? 
_reflns_shell.number_measured_obs         ? 
_reflns_shell.number_possible             ? 
_reflns_shell.number_unique_all           ? 
_reflns_shell.number_unique_obs           ? 
_reflns_shell.percent_possible_all        99.3 
_reflns_shell.percent_possible_obs        ? 
_reflns_shell.Rmerge_F_all                ? 
_reflns_shell.Rmerge_F_obs                ? 
_reflns_shell.Rmerge_I_all                ? 
_reflns_shell.Rmerge_I_obs                ? 
_reflns_shell.meanI_over_sigI_gt          ? 
_reflns_shell.meanI_over_uI_all           ? 
_reflns_shell.meanI_over_uI_gt            ? 
_reflns_shell.number_measured_gt          ? 
_reflns_shell.number_unique_gt            ? 
_reflns_shell.percent_possible_gt         ? 
_reflns_shell.Rmerge_F_gt                 ? 
_reflns_shell.Rmerge_I_gt                 ? 
_reflns_shell.pdbx_redundancy             3.8 
_reflns_shell.pdbx_Rsym_value             0.527 
_reflns_shell.pdbx_chi_squared            ? 
_reflns_shell.pdbx_netI_over_sigmaI_all   ? 
_reflns_shell.pdbx_netI_over_sigmaI_obs   ? 
_reflns_shell.pdbx_Rrim_I_all             ? 
_reflns_shell.pdbx_Rpim_I_all             ? 
_reflns_shell.pdbx_rejects                ? 
_reflns_shell.pdbx_ordinal                1 
_reflns_shell.pdbx_diffrn_id              1 
_reflns_shell.pdbx_CC_half                ? 
_reflns_shell.pdbx_R_split                ? 
# 
_refine.aniso_B[1][1]                            ? 
_refine.aniso_B[1][2]                            ? 
_refine.aniso_B[1][3]                            ? 
_refine.aniso_B[2][2]                            ? 
_refine.aniso_B[2][3]                            ? 
_refine.aniso_B[3][3]                            ? 
_refine.B_iso_max                                ? 
_refine.B_iso_mean                               ? 
_refine.B_iso_min                                ? 
_refine.correlation_coeff_Fo_to_Fc               ? 
_refine.correlation_coeff_Fo_to_Fc_free          ? 
_refine.details                                  ? 
_refine.diff_density_max                         ? 
_refine.diff_density_max_esd                     ? 
_refine.diff_density_min                         ? 
_refine.diff_density_min_esd                     ? 
_refine.diff_density_rms                         ? 
_refine.diff_density_rms_esd                     ? 
_refine.entry_id                                 5M1M 
_refine.pdbx_refine_id                           'X-RAY DIFFRACTION' 
_refine.ls_abs_structure_details                 ? 
_refine.ls_abs_structure_Flack                   ? 
_refine.ls_abs_structure_Flack_esd               ? 
_refine.ls_abs_structure_Rogers                  ? 
_refine.ls_abs_structure_Rogers_esd              ? 
_refine.ls_d_res_high                            1.500 
_refine.ls_d_res_low                             31.502 
_refine.ls_extinction_coef                       ? 
_refine.ls_extinction_coef_esd                   ? 
_refine.ls_extinction_expression                 ? 
_refine.ls_extinction_method                     ? 
_refine.ls_goodness_of_fit_all                   ? 
_refine.ls_goodness_of_fit_all_esd               ? 
_refine.ls_goodness_of_fit_obs                   ? 
_refine.ls_goodness_of_fit_obs_esd               ? 
_refine.ls_hydrogen_treatment                    ? 
_refine.ls_matrix_type                           ? 
_refine.ls_number_constraints                    ? 
_refine.ls_number_parameters                     ? 
_refine.ls_number_reflns_all                     ? 
_refine.ls_number_reflns_obs                     20868 
_refine.ls_number_reflns_R_free                  1074 
_refine.ls_number_reflns_R_work                  ? 
_refine.ls_number_restraints                     ? 
_refine.ls_percent_reflns_obs                    98.94 
_refine.ls_percent_reflns_R_free                 5.15 
_refine.ls_R_factor_all                          ? 
_refine.ls_R_factor_obs                          0.1894 
_refine.ls_R_factor_R_free                       0.2195 
_refine.ls_R_factor_R_free_error                 ? 
_refine.ls_R_factor_R_free_error_details         ? 
_refine.ls_R_factor_R_work                       0.1878 
_refine.ls_R_Fsqd_factor_obs                     ? 
_refine.ls_R_I_factor_obs                        ? 
_refine.ls_redundancy_reflns_all                 ? 
_refine.ls_redundancy_reflns_obs                 ? 
_refine.ls_restrained_S_all                      ? 
_refine.ls_restrained_S_obs                      ? 
_refine.ls_shift_over_esd_max                    ? 
_refine.ls_shift_over_esd_mean                   ? 
_refine.ls_structure_factor_coef                 ? 
_refine.ls_weighting_details                     ? 
_refine.ls_weighting_scheme                      ? 
_refine.ls_wR_factor_all                         ? 
_refine.ls_wR_factor_obs                         ? 
_refine.ls_wR_factor_R_free                      ? 
_refine.ls_wR_factor_R_work                      ? 
_refine.occupancy_max                            ? 
_refine.occupancy_min                            ? 
_refine.solvent_model_details                    ? 
_refine.solvent_model_param_bsol                 ? 
_refine.solvent_model_param_ksol                 ? 
_refine.ls_R_factor_gt                           ? 
_refine.ls_goodness_of_fit_gt                    ? 
_refine.ls_goodness_of_fit_ref                   ? 
_refine.ls_shift_over_su_max                     ? 
_refine.ls_shift_over_su_max_lt                  ? 
_refine.ls_shift_over_su_mean                    ? 
_refine.ls_shift_over_su_mean_lt                 ? 
_refine.pdbx_ls_sigma_I                          ? 
_refine.pdbx_ls_sigma_F                          1.35 
_refine.pdbx_ls_sigma_Fsqd                       ? 
_refine.pdbx_data_cutoff_high_absF               ? 
_refine.pdbx_data_cutoff_high_rms_absF           ? 
_refine.pdbx_data_cutoff_low_absF                ? 
_refine.pdbx_isotropic_thermal_model             ? 
_refine.pdbx_ls_cross_valid_method               'FREE R-VALUE' 
_refine.pdbx_method_to_determine_struct          SAD 
_refine.pdbx_starting_model                      ? 
_refine.pdbx_stereochemistry_target_values       ? 
_refine.pdbx_R_Free_selection_details            ? 
_refine.pdbx_stereochem_target_val_spec_case     ? 
_refine.pdbx_overall_ESU_R                       ? 
_refine.pdbx_overall_ESU_R_Free                  ? 
_refine.pdbx_solvent_vdw_probe_radii             1.11 
_refine.pdbx_solvent_ion_probe_radii             ? 
_refine.pdbx_solvent_shrinkage_radii             0.90 
_refine.pdbx_real_space_R                        ? 
_refine.pdbx_density_correlation                 ? 
_refine.pdbx_pd_number_of_powder_patterns        ? 
_refine.pdbx_pd_number_of_points                 ? 
_refine.pdbx_pd_meas_number_of_points            ? 
_refine.pdbx_pd_proc_ls_prof_R_factor            ? 
_refine.pdbx_pd_proc_ls_prof_wR_factor           ? 
_refine.pdbx_pd_Marquardt_correlation_coeff      ? 
_refine.pdbx_pd_Fsqrd_R_factor                   ? 
_refine.pdbx_pd_ls_matrix_band_width             ? 
_refine.pdbx_overall_phase_error                 22.42 
_refine.pdbx_overall_SU_R_free_Cruickshank_DPI   ? 
_refine.pdbx_overall_SU_R_free_Blow_DPI          ? 
_refine.pdbx_overall_SU_R_Blow_DPI               ? 
_refine.pdbx_TLS_residual_ADP_flag               ? 
_refine.pdbx_diffrn_id                           1 
_refine.overall_SU_B                             ? 
_refine.overall_SU_ML                            0.12 
_refine.overall_SU_R_Cruickshank_DPI             ? 
_refine.overall_SU_R_free                        ? 
_refine.overall_FOM_free_R_set                   ? 
_refine.overall_FOM_work_R_set                   ? 
_refine.pdbx_average_fsc_overall                 ? 
_refine.pdbx_average_fsc_work                    ? 
_refine.pdbx_average_fsc_free                    ? 
# 
_refine_hist.pdbx_refine_id                   'X-RAY DIFFRACTION' 
_refine_hist.cycle_id                         LAST 
_refine_hist.pdbx_number_atoms_protein        1205 
_refine_hist.pdbx_number_atoms_nucleic_acid   0 
_refine_hist.pdbx_number_atoms_ligand         2 
_refine_hist.number_atoms_solvent             169 
_refine_hist.number_atoms_total               1376 
_refine_hist.d_res_high                       1.500 
_refine_hist.d_res_low                        31.502 
# 
loop_
_refine_ls_restr.pdbx_refine_id 
_refine_ls_restr.criterion 
_refine_ls_restr.dev_ideal 
_refine_ls_restr.dev_ideal_target 
_refine_ls_restr.number 
_refine_ls_restr.rejects 
_refine_ls_restr.type 
_refine_ls_restr.weight 
_refine_ls_restr.pdbx_restraint_function 
'X-RAY DIFFRACTION' ? 0.006  ? 1195 ? f_bond_d           ? ? 
'X-RAY DIFFRACTION' ? 0.969  ? 1601 ? f_angle_d          ? ? 
'X-RAY DIFFRACTION' ? 12.511 ? 468  ? f_dihedral_angle_d ? ? 
'X-RAY DIFFRACTION' ? 0.068  ? 180  ? f_chiral_restr     ? ? 
'X-RAY DIFFRACTION' ? 0.005  ? 200  ? f_plane_restr      ? ? 
# 
loop_
_refine_ls_shell.pdbx_refine_id 
_refine_ls_shell.d_res_high 
_refine_ls_shell.d_res_low 
_refine_ls_shell.number_reflns_all 
_refine_ls_shell.number_reflns_obs 
_refine_ls_shell.number_reflns_R_free 
_refine_ls_shell.number_reflns_R_work 
_refine_ls_shell.percent_reflns_obs 
_refine_ls_shell.percent_reflns_R_free 
_refine_ls_shell.R_factor_all 
_refine_ls_shell.R_factor_obs 
_refine_ls_shell.R_factor_R_free 
_refine_ls_shell.R_factor_R_free_error 
_refine_ls_shell.R_factor_R_work 
_refine_ls_shell.redundancy_reflns_all 
_refine_ls_shell.redundancy_reflns_obs 
_refine_ls_shell.wR_factor_all 
_refine_ls_shell.wR_factor_obs 
_refine_ls_shell.wR_factor_R_free 
_refine_ls_shell.wR_factor_R_work 
_refine_ls_shell.pdbx_total_number_of_bins_used 
_refine_ls_shell.pdbx_phase_error 
_refine_ls_shell.pdbx_fsc_work 
_refine_ls_shell.pdbx_fsc_free 
'X-RAY DIFFRACTION' 1.5000 1.5683  . . 134 2440 99.00  . . . 0.2364 . 0.2250 . . . . . . . . . . 
'X-RAY DIFFRACTION' 1.5683 1.6510  . . 126 2418 99.00  . . . 0.2620 . 0.2096 . . . . . . . . . . 
'X-RAY DIFFRACTION' 1.6510 1.7544  . . 147 2458 100.00 . . . 0.2789 . 0.2102 . . . . . . . . . . 
'X-RAY DIFFRACTION' 1.7544 1.8898  . . 131 2490 99.00  . . . 0.2556 . 0.1998 . . . . . . . . . . 
'X-RAY DIFFRACTION' 1.8898 2.0800  . . 139 2459 99.00  . . . 0.2468 . 0.1896 . . . . . . . . . . 
'X-RAY DIFFRACTION' 2.0800 2.3809  . . 123 2491 99.00  . . . 0.2090 . 0.1731 . . . . . . . . . . 
'X-RAY DIFFRACTION' 2.3809 2.9993  . . 133 2498 99.00  . . . 0.2012 . 0.1879 . . . . . . . . . . 
'X-RAY DIFFRACTION' 2.9993 31.5089 . . 141 2540 98.00  . . . 0.1992 . 0.1795 . . . . . . . . . . 
# 
_struct.entry_id                     5M1M 
_struct.title                        'Crystal structure of matrix protein 1 from Influenza C virus (strain C/Ann Arbor/1/1950)' 
_struct.pdbx_model_details           ? 
_struct.pdbx_formula_weight          ? 
_struct.pdbx_formula_weight_method   ? 
_struct.pdbx_model_type_details      ? 
_struct.pdbx_CASP_flag               N 
# 
_struct_keywords.entry_id        5M1M 
_struct_keywords.text            'influenza C, matrix protein 1, viral protein' 
_struct_keywords.pdbx_keywords   'VIRAL PROTEIN' 
# 
loop_
_struct_asym.id 
_struct_asym.pdbx_blank_PDB_chainid_flag 
_struct_asym.pdbx_modified 
_struct_asym.entity_id 
_struct_asym.details 
A N N 1 ? 
B N N 2 ? 
C N N 2 ? 
D N N 3 ? 
# 
_struct_ref.id                         1 
_struct_ref.db_name                    UNP 
_struct_ref.db_code                    MAT_INCAA 
_struct_ref.pdbx_db_accession          Q6I7B9 
_struct_ref.pdbx_db_isoform            ? 
_struct_ref.entity_id                  1 
_struct_ref.pdbx_seq_one_letter_code   
;MAHEILIAETEAFLKNVAPETRTAIISAITGGKSACKSAAKLIKNEHLPLMSGEATTMHIVMRCLYPEIKPWKKASDMLN
KATSSLKKSEGRDIRKQMKAAGDFLGVESMMKMRAFRDDQIMEMVEEVYDHPDDYTPDIRIGTITAWLRCKNKKS
;
_struct_ref.pdbx_align_begin           1 
# 
_struct_ref_seq.align_id                      1 
_struct_ref_seq.ref_id                        1 
_struct_ref_seq.pdbx_PDB_id_code              5M1M 
_struct_ref_seq.pdbx_strand_id                A 
_struct_ref_seq.seq_align_beg                 1 
_struct_ref_seq.pdbx_seq_align_beg_ins_code   ? 
_struct_ref_seq.seq_align_end                 155 
_struct_ref_seq.pdbx_seq_align_end_ins_code   ? 
_struct_ref_seq.pdbx_db_accession             Q6I7B9 
_struct_ref_seq.db_align_beg                  1 
_struct_ref_seq.pdbx_db_align_beg_ins_code    ? 
_struct_ref_seq.db_align_end                  155 
_struct_ref_seq.pdbx_db_align_end_ins_code    ? 
_struct_ref_seq.pdbx_auth_seq_align_beg       1 
_struct_ref_seq.pdbx_auth_seq_align_end       155 
# 
_pdbx_struct_assembly.id                   1 
_pdbx_struct_assembly.details              software_defined_assembly 
_pdbx_struct_assembly.method_details       PISA 
_pdbx_struct_assembly.oligomeric_details   monomeric 
_pdbx_struct_assembly.oligomeric_count     1 
# 
loop_
_pdbx_struct_assembly_prop.biol_id 
_pdbx_struct_assembly_prop.type 
_pdbx_struct_assembly_prop.value 
_pdbx_struct_assembly_prop.details 
1 'ABSA (A^2)' 200  ? 
1 MORE         -17  ? 
1 'SSA (A^2)'  8130 ? 
# 
_pdbx_struct_assembly_gen.assembly_id       1 
_pdbx_struct_assembly_gen.oper_expression   1 
_pdbx_struct_assembly_gen.asym_id_list      A,B,C,D 
# 
_pdbx_struct_oper_list.id                   1 
_pdbx_struct_oper_list.type                 'identity operation' 
_pdbx_struct_oper_list.name                 1_555 
_pdbx_struct_oper_list.symmetry_operation   x,y,z 
_pdbx_struct_oper_list.matrix[1][1]         1.0000000000 
_pdbx_struct_oper_list.matrix[1][2]         0.0000000000 
_pdbx_struct_oper_list.matrix[1][3]         0.0000000000 
_pdbx_struct_oper_list.vector[1]            0.0000000000 
_pdbx_struct_oper_list.matrix[2][1]         0.0000000000 
_pdbx_struct_oper_list.matrix[2][2]         1.0000000000 
_pdbx_struct_oper_list.matrix[2][3]         0.0000000000 
_pdbx_struct_oper_list.vector[2]            0.0000000000 
_pdbx_struct_oper_list.matrix[3][1]         0.0000000000 
_pdbx_struct_oper_list.matrix[3][2]         0.0000000000 
_pdbx_struct_oper_list.matrix[3][3]         1.0000000000 
_pdbx_struct_oper_list.vector[3]            0.0000000000 
# 
loop_
_struct_conf.conf_type_id 
_struct_conf.id 
_struct_conf.pdbx_PDB_helix_id 
_struct_conf.beg_label_comp_id 
_struct_conf.beg_label_asym_id 
_struct_conf.beg_label_seq_id 
_struct_conf.pdbx_beg_PDB_ins_code 
_struct_conf.end_label_comp_id 
_struct_conf.end_label_asym_id 
_struct_conf.end_label_seq_id 
_struct_conf.pdbx_end_PDB_ins_code 
_struct_conf.beg_auth_comp_id 
_struct_conf.beg_auth_asym_id 
_struct_conf.beg_auth_seq_id 
_struct_conf.end_auth_comp_id 
_struct_conf.end_auth_asym_id 
_struct_conf.end_auth_seq_id 
_struct_conf.pdbx_PDB_helix_class 
_struct_conf.details 
_struct_conf.pdbx_PDB_helix_length 
HELX_P HELX_P1  AA1 ALA A 2   ? LEU A 14  ? ALA A 2   LEU A 14  1 ? 13 
HELX_P HELX_P2  AA2 ALA A 18  ? THR A 30  ? ALA A 18  THR A 30  1 ? 13 
HELX_P HELX_P3  AA3 GLY A 32  ? ASN A 45  ? GLY A 32  ASN A 45  1 ? 14 
HELX_P HELX_P4  AA4 MET A 51  ? TYR A 66  ? MET A 51  TYR A 66  1 ? 16 
HELX_P HELX_P5  AA5 TRP A 72  ? THR A 83  ? TRP A 72  THR A 83  1 ? 12 
HELX_P HELX_P6  AA6 LYS A 87  ? GLY A 102 ? LYS A 87  GLY A 102 1 ? 16 
HELX_P HELX_P7  AA7 ASP A 103 ? ARG A 114 ? ASP A 103 ARG A 114 1 ? 12 
HELX_P HELX_P8  AA8 ARG A 117 ? HIS A 131 ? ARG A 117 HIS A 131 1 ? 15 
HELX_P HELX_P9  AA9 PRO A 132 ? TYR A 135 ? PRO A 132 TYR A 135 5 ? 4  
HELX_P HELX_P10 AB1 THR A 136 ? LYS A 153 ? THR A 136 LYS A 153 1 ? 18 
# 
_struct_conf_type.id          HELX_P 
_struct_conf_type.criteria    ? 
_struct_conf_type.reference   ? 
# 
loop_
_struct_conn.id 
_struct_conn.conn_type_id 
_struct_conn.pdbx_leaving_atom_flag 
_struct_conn.pdbx_PDB_id 
_struct_conn.ptnr1_label_asym_id 
_struct_conn.ptnr1_label_comp_id 
_struct_conn.ptnr1_label_seq_id 
_struct_conn.ptnr1_label_atom_id 
_struct_conn.pdbx_ptnr1_label_alt_id 
_struct_conn.pdbx_ptnr1_PDB_ins_code 
_struct_conn.pdbx_ptnr1_standard_comp_id 
_struct_conn.ptnr1_symmetry 
_struct_conn.ptnr2_label_asym_id 
_struct_conn.ptnr2_label_comp_id 
_struct_conn.ptnr2_label_seq_id 
_struct_conn.ptnr2_label_atom_id 
_struct_conn.pdbx_ptnr2_label_alt_id 
_struct_conn.pdbx_ptnr2_PDB_ins_code 
_struct_conn.ptnr1_auth_asym_id 
_struct_conn.ptnr1_auth_comp_id 
_struct_conn.ptnr1_auth_seq_id 
_struct_conn.ptnr2_auth_asym_id 
_struct_conn.ptnr2_auth_comp_id 
_struct_conn.ptnr2_auth_seq_id 
_struct_conn.ptnr2_symmetry 
_struct_conn.pdbx_ptnr3_label_atom_id 
_struct_conn.pdbx_ptnr3_label_seq_id 
_struct_conn.pdbx_ptnr3_label_comp_id 
_struct_conn.pdbx_ptnr3_label_asym_id 
_struct_conn.pdbx_ptnr3_label_alt_id 
_struct_conn.pdbx_ptnr3_PDB_ins_code 
_struct_conn.details 
_struct_conn.pdbx_dist_value 
_struct_conn.pdbx_value_order 
_struct_conn.pdbx_role 
metalc1  metalc ? ? A ASN 80  OD1 ? ? ? 1_555 B MG  . MG ? ? A ASN 80  A MG  201 1_555 ? ? ? ? ? ? ? 2.019 ? ? 
metalc2  metalc ? ? A THR 83  OG1 ? ? ? 1_555 C MG  . MG ? ? A THR 83  A MG  202 1_555 ? ? ? ? ? ? ? 2.199 ? ? 
metalc3  metalc ? ? A GLU 123 OE1 ? ? ? 1_555 C MG  . MG ? ? A GLU 123 A MG  202 1_555 ? ? ? ? ? ? ? 2.186 ? ? 
metalc4  metalc ? ? A GLU 126 OE2 ? ? ? 1_555 B MG  . MG ? ? A GLU 126 A MG  201 1_555 ? ? ? ? ? ? ? 2.071 ? ? 
metalc5  metalc ? ? A GLU 126 OE1 ? ? ? 1_555 C MG  . MG ? ? A GLU 126 A MG  202 1_555 ? ? ? ? ? ? ? 2.034 ? ? 
metalc6  metalc ? ? A ASP 130 OD2 ? ? ? 1_555 B MG  . MG ? ? A ASP 130 A MG  201 1_555 ? ? ? ? ? ? ? 2.050 ? ? 
metalc7  metalc ? ? B MG  .   MG  ? ? ? 1_555 D HOH . O  ? ? A MG  201 A HOH 326 1_555 ? ? ? ? ? ? ? 2.149 ? ? 
metalc8  metalc ? ? B MG  .   MG  ? ? ? 1_555 D HOH . O  ? ? A MG  201 A HOH 386 1_555 ? ? ? ? ? ? ? 2.032 ? ? 
metalc9  metalc ? ? B MG  .   MG  ? ? ? 1_555 D HOH . O  ? ? A MG  201 A HOH 390 1_555 ? ? ? ? ? ? ? 2.171 ? ? 
metalc10 metalc ? ? C MG  .   MG  ? ? ? 1_555 D HOH . O  ? ? A MG  202 A HOH 316 1_555 ? ? ? ? ? ? ? 2.066 ? ? 
metalc11 metalc ? ? C MG  .   MG  ? ? ? 1_555 D HOH . O  ? ? A MG  202 A HOH 324 1_555 ? ? ? ? ? ? ? 2.059 ? ? 
metalc12 metalc ? ? C MG  .   MG  ? ? ? 1_555 D HOH . O  ? ? A MG  202 A HOH 329 1_555 ? ? ? ? ? ? ? 2.088 ? ? 
# 
_struct_conn_type.id          metalc 
_struct_conn_type.criteria    ? 
_struct_conn_type.reference   ? 
# 
loop_
_pdbx_struct_conn_angle.id 
_pdbx_struct_conn_angle.ptnr1_label_atom_id 
_pdbx_struct_conn_angle.ptnr1_label_alt_id 
_pdbx_struct_conn_angle.ptnr1_label_asym_id 
_pdbx_struct_conn_angle.ptnr1_label_comp_id 
_pdbx_struct_conn_angle.ptnr1_label_seq_id 
_pdbx_struct_conn_angle.ptnr1_auth_atom_id 
_pdbx_struct_conn_angle.ptnr1_auth_asym_id 
_pdbx_struct_conn_angle.ptnr1_auth_comp_id 
_pdbx_struct_conn_angle.ptnr1_auth_seq_id 
_pdbx_struct_conn_angle.ptnr1_PDB_ins_code 
_pdbx_struct_conn_angle.ptnr1_symmetry 
_pdbx_struct_conn_angle.ptnr2_label_atom_id 
_pdbx_struct_conn_angle.ptnr2_label_alt_id 
_pdbx_struct_conn_angle.ptnr2_label_asym_id 
_pdbx_struct_conn_angle.ptnr2_label_comp_id 
_pdbx_struct_conn_angle.ptnr2_label_seq_id 
_pdbx_struct_conn_angle.ptnr2_auth_atom_id 
_pdbx_struct_conn_angle.ptnr2_auth_asym_id 
_pdbx_struct_conn_angle.ptnr2_auth_comp_id 
_pdbx_struct_conn_angle.ptnr2_auth_seq_id 
_pdbx_struct_conn_angle.ptnr2_PDB_ins_code 
_pdbx_struct_conn_angle.ptnr2_symmetry 
_pdbx_struct_conn_angle.ptnr3_label_atom_id 
_pdbx_struct_conn_angle.ptnr3_label_alt_id 
_pdbx_struct_conn_angle.ptnr3_label_asym_id 
_pdbx_struct_conn_angle.ptnr3_label_comp_id 
_pdbx_struct_conn_angle.ptnr3_label_seq_id 
_pdbx_struct_conn_angle.ptnr3_auth_atom_id 
_pdbx_struct_conn_angle.ptnr3_auth_asym_id 
_pdbx_struct_conn_angle.ptnr3_auth_comp_id 
_pdbx_struct_conn_angle.ptnr3_auth_seq_id 
_pdbx_struct_conn_angle.ptnr3_PDB_ins_code 
_pdbx_struct_conn_angle.ptnr3_symmetry 
_pdbx_struct_conn_angle.value 
_pdbx_struct_conn_angle.value_esd 
1  OD1 ? A ASN 80  ? A ASN 80  ? 1_555 MG ? B MG . ? A MG 201 ? 1_555 OE2 ? A GLU 126 ? A GLU 126 ? 1_555 84.9  ? 
2  OD1 ? A ASN 80  ? A ASN 80  ? 1_555 MG ? B MG . ? A MG 201 ? 1_555 OD2 ? A ASP 130 ? A ASP 130 ? 1_555 174.2 ? 
3  OE2 ? A GLU 126 ? A GLU 126 ? 1_555 MG ? B MG . ? A MG 201 ? 1_555 OD2 ? A ASP 130 ? A ASP 130 ? 1_555 93.9  ? 
4  OD1 ? A ASN 80  ? A ASN 80  ? 1_555 MG ? B MG . ? A MG 201 ? 1_555 O   ? D HOH .   ? A HOH 326 ? 1_555 88.7  ? 
5  OE2 ? A GLU 126 ? A GLU 126 ? 1_555 MG ? B MG . ? A MG 201 ? 1_555 O   ? D HOH .   ? A HOH 326 ? 1_555 97.3  ? 
6  OD2 ? A ASP 130 ? A ASP 130 ? 1_555 MG ? B MG . ? A MG 201 ? 1_555 O   ? D HOH .   ? A HOH 326 ? 1_555 85.8  ? 
7  OD1 ? A ASN 80  ? A ASN 80  ? 1_555 MG ? B MG . ? A MG 201 ? 1_555 O   ? D HOH .   ? A HOH 386 ? 1_555 92.6  ? 
8  OE2 ? A GLU 126 ? A GLU 126 ? 1_555 MG ? B MG . ? A MG 201 ? 1_555 O   ? D HOH .   ? A HOH 386 ? 1_555 89.0  ? 
9  OD2 ? A ASP 130 ? A ASP 130 ? 1_555 MG ? B MG . ? A MG 201 ? 1_555 O   ? D HOH .   ? A HOH 386 ? 1_555 93.0  ? 
10 O   ? D HOH .   ? A HOH 326 ? 1_555 MG ? B MG . ? A MG 201 ? 1_555 O   ? D HOH .   ? A HOH 386 ? 1_555 173.7 ? 
11 OD1 ? A ASN 80  ? A ASN 80  ? 1_555 MG ? B MG . ? A MG 201 ? 1_555 O   ? D HOH .   ? A HOH 390 ? 1_555 95.0  ? 
12 OE2 ? A GLU 126 ? A GLU 126 ? 1_555 MG ? B MG . ? A MG 201 ? 1_555 O   ? D HOH .   ? A HOH 390 ? 1_555 176.0 ? 
13 OD2 ? A ASP 130 ? A ASP 130 ? 1_555 MG ? B MG . ? A MG 201 ? 1_555 O   ? D HOH .   ? A HOH 390 ? 1_555 86.6  ? 
14 O   ? D HOH .   ? A HOH 326 ? 1_555 MG ? B MG . ? A MG 201 ? 1_555 O   ? D HOH .   ? A HOH 390 ? 1_555 86.7  ? 
15 O   ? D HOH .   ? A HOH 386 ? 1_555 MG ? B MG . ? A MG 201 ? 1_555 O   ? D HOH .   ? A HOH 390 ? 1_555 87.0  ? 
16 OG1 ? A THR 83  ? A THR 83  ? 1_555 MG ? C MG . ? A MG 202 ? 1_555 OE1 ? A GLU 123 ? A GLU 123 ? 1_555 91.3  ? 
17 OG1 ? A THR 83  ? A THR 83  ? 1_555 MG ? C MG . ? A MG 202 ? 1_555 OE1 ? A GLU 126 ? A GLU 126 ? 1_555 87.6  ? 
18 OE1 ? A GLU 123 ? A GLU 123 ? 1_555 MG ? C MG . ? A MG 202 ? 1_555 OE1 ? A GLU 126 ? A GLU 126 ? 1_555 85.3  ? 
19 OG1 ? A THR 83  ? A THR 83  ? 1_555 MG ? C MG . ? A MG 202 ? 1_555 O   ? D HOH .   ? A HOH 316 ? 1_555 88.0  ? 
20 OE1 ? A GLU 123 ? A GLU 123 ? 1_555 MG ? C MG . ? A MG 202 ? 1_555 O   ? D HOH .   ? A HOH 316 ? 1_555 171.9 ? 
21 OE1 ? A GLU 126 ? A GLU 126 ? 1_555 MG ? C MG . ? A MG 202 ? 1_555 O   ? D HOH .   ? A HOH 316 ? 1_555 86.7  ? 
22 OG1 ? A THR 83  ? A THR 83  ? 1_555 MG ? C MG . ? A MG 202 ? 1_555 O   ? D HOH .   ? A HOH 324 ? 1_555 84.8  ? 
23 OE1 ? A GLU 123 ? A GLU 123 ? 1_555 MG ? C MG . ? A MG 202 ? 1_555 O   ? D HOH .   ? A HOH 324 ? 1_555 93.3  ? 
24 OE1 ? A GLU 126 ? A GLU 126 ? 1_555 MG ? C MG . ? A MG 202 ? 1_555 O   ? D HOH .   ? A HOH 324 ? 1_555 172.2 ? 
25 O   ? D HOH .   ? A HOH 316 ? 1_555 MG ? C MG . ? A MG 202 ? 1_555 O   ? D HOH .   ? A HOH 324 ? 1_555 94.7  ? 
26 OG1 ? A THR 83  ? A THR 83  ? 1_555 MG ? C MG . ? A MG 202 ? 1_555 O   ? D HOH .   ? A HOH 329 ? 1_555 174.9 ? 
27 OE1 ? A GLU 123 ? A GLU 123 ? 1_555 MG ? C MG . ? A MG 202 ? 1_555 O   ? D HOH .   ? A HOH 329 ? 1_555 90.7  ? 
28 OE1 ? A GLU 126 ? A GLU 126 ? 1_555 MG ? C MG . ? A MG 202 ? 1_555 O   ? D HOH .   ? A HOH 329 ? 1_555 97.2  ? 
29 O   ? D HOH .   ? A HOH 316 ? 1_555 MG ? C MG . ? A MG 202 ? 1_555 O   ? D HOH .   ? A HOH 329 ? 1_555 90.6  ? 
30 O   ? D HOH .   ? A HOH 324 ? 1_555 MG ? C MG . ? A MG 202 ? 1_555 O   ? D HOH .   ? A HOH 329 ? 1_555 90.4  ? 
# 
loop_
_struct_site.id 
_struct_site.pdbx_evidence_code 
_struct_site.pdbx_auth_asym_id 
_struct_site.pdbx_auth_comp_id 
_struct_site.pdbx_auth_seq_id 
_struct_site.pdbx_auth_ins_code 
_struct_site.pdbx_num_residues 
_struct_site.details 
AC1 Software A MG 201 ? 6 'binding site for residue MG A 201' 
AC2 Software A MG 202 ? 6 'binding site for residue MG A 202' 
# 
loop_
_struct_site_gen.id 
_struct_site_gen.site_id 
_struct_site_gen.pdbx_num_res 
_struct_site_gen.label_comp_id 
_struct_site_gen.label_asym_id 
_struct_site_gen.label_seq_id 
_struct_site_gen.pdbx_auth_ins_code 
_struct_site_gen.auth_comp_id 
_struct_site_gen.auth_asym_id 
_struct_site_gen.auth_seq_id 
_struct_site_gen.label_atom_id 
_struct_site_gen.label_alt_id 
_struct_site_gen.symmetry 
_struct_site_gen.details 
1  AC1 6 ASN A 80  ? ASN A 80  . ? 1_555 ? 
2  AC1 6 GLU A 126 ? GLU A 126 . ? 1_555 ? 
3  AC1 6 ASP A 130 ? ASP A 130 . ? 1_555 ? 
4  AC1 6 HOH D .   ? HOH A 326 . ? 1_555 ? 
5  AC1 6 HOH D .   ? HOH A 386 . ? 1_555 ? 
6  AC1 6 HOH D .   ? HOH A 390 . ? 1_555 ? 
7  AC2 6 THR A 83  ? THR A 83  . ? 1_555 ? 
8  AC2 6 GLU A 123 ? GLU A 123 . ? 1_555 ? 
9  AC2 6 GLU A 126 ? GLU A 126 . ? 1_555 ? 
10 AC2 6 HOH D .   ? HOH A 316 . ? 1_555 ? 
11 AC2 6 HOH D .   ? HOH A 324 . ? 1_555 ? 
12 AC2 6 HOH D .   ? HOH A 329 . ? 1_555 ? 
# 
loop_
_pdbx_validate_close_contact.id 
_pdbx_validate_close_contact.PDB_model_num 
_pdbx_validate_close_contact.auth_atom_id_1 
_pdbx_validate_close_contact.auth_asym_id_1 
_pdbx_validate_close_contact.auth_comp_id_1 
_pdbx_validate_close_contact.auth_seq_id_1 
_pdbx_validate_close_contact.PDB_ins_code_1 
_pdbx_validate_close_contact.label_alt_id_1 
_pdbx_validate_close_contact.auth_atom_id_2 
_pdbx_validate_close_contact.auth_asym_id_2 
_pdbx_validate_close_contact.auth_comp_id_2 
_pdbx_validate_close_contact.auth_seq_id_2 
_pdbx_validate_close_contact.PDB_ins_code_2 
_pdbx_validate_close_contact.label_alt_id_2 
_pdbx_validate_close_contact.dist 
1 1 O   A HOH 365 ? ? O A HOH 411 ? ? 2.06 
2 1 O   A HOH 433 ? ? O A HOH 435 ? ? 2.13 
3 1 O   A HOH 353 ? ? O A HOH 399 ? ? 2.15 
4 1 NH2 A ARG 114 ? ? O A HOH 301 ? ? 2.17 
5 1 O   A SER 155 ? ? O A HOH 302 ? ? 2.18 
# 
loop_
_pdbx_validate_symm_contact.id 
_pdbx_validate_symm_contact.PDB_model_num 
_pdbx_validate_symm_contact.auth_atom_id_1 
_pdbx_validate_symm_contact.auth_asym_id_1 
_pdbx_validate_symm_contact.auth_comp_id_1 
_pdbx_validate_symm_contact.auth_seq_id_1 
_pdbx_validate_symm_contact.PDB_ins_code_1 
_pdbx_validate_symm_contact.label_alt_id_1 
_pdbx_validate_symm_contact.site_symmetry_1 
_pdbx_validate_symm_contact.auth_atom_id_2 
_pdbx_validate_symm_contact.auth_asym_id_2 
_pdbx_validate_symm_contact.auth_comp_id_2 
_pdbx_validate_symm_contact.auth_seq_id_2 
_pdbx_validate_symm_contact.PDB_ins_code_2 
_pdbx_validate_symm_contact.label_alt_id_2 
_pdbx_validate_symm_contact.site_symmetry_2 
_pdbx_validate_symm_contact.dist 
1 1 O A HOH 348 ? ? 1_555 O A HOH 435 ? ? 4_556 2.02 
2 1 O A HOH 384 ? ? 1_555 O A HOH 411 ? ? 4_555 2.09 
3 1 O A HOH 327 ? ? 1_555 O A HOH 415 ? ? 1_565 2.12 
# 
loop_
_pdbx_validate_rmsd_bond.id 
_pdbx_validate_rmsd_bond.PDB_model_num 
_pdbx_validate_rmsd_bond.auth_atom_id_1 
_pdbx_validate_rmsd_bond.auth_asym_id_1 
_pdbx_validate_rmsd_bond.auth_comp_id_1 
_pdbx_validate_rmsd_bond.auth_seq_id_1 
_pdbx_validate_rmsd_bond.PDB_ins_code_1 
_pdbx_validate_rmsd_bond.label_alt_id_1 
_pdbx_validate_rmsd_bond.auth_atom_id_2 
_pdbx_validate_rmsd_bond.auth_asym_id_2 
_pdbx_validate_rmsd_bond.auth_comp_id_2 
_pdbx_validate_rmsd_bond.auth_seq_id_2 
_pdbx_validate_rmsd_bond.PDB_ins_code_2 
_pdbx_validate_rmsd_bond.label_alt_id_2 
_pdbx_validate_rmsd_bond.bond_value 
_pdbx_validate_rmsd_bond.bond_target_value 
_pdbx_validate_rmsd_bond.bond_deviation 
_pdbx_validate_rmsd_bond.bond_standard_deviation 
_pdbx_validate_rmsd_bond.linker_flag 
1 1 CD A GLU 4  ? ? OE2 A GLU 4  ? ? 1.172 1.252 -0.080 0.011 N 
2 1 CD A GLU 46 ? ? OE1 A GLU 46 ? ? 1.180 1.252 -0.072 0.011 N 
3 1 CD A GLU 46 ? ? OE2 A GLU 46 ? ? 1.148 1.252 -0.104 0.011 N 
# 
_pdbx_unobs_or_zero_occ_residues.id               1 
_pdbx_unobs_or_zero_occ_residues.PDB_model_num    1 
_pdbx_unobs_or_zero_occ_residues.polymer_flag     Y 
_pdbx_unobs_or_zero_occ_residues.occupancy_flag   1 
_pdbx_unobs_or_zero_occ_residues.auth_asym_id     A 
_pdbx_unobs_or_zero_occ_residues.auth_comp_id     MET 
_pdbx_unobs_or_zero_occ_residues.auth_seq_id      1 
_pdbx_unobs_or_zero_occ_residues.PDB_ins_code     ? 
_pdbx_unobs_or_zero_occ_residues.label_asym_id    A 
_pdbx_unobs_or_zero_occ_residues.label_comp_id    MET 
_pdbx_unobs_or_zero_occ_residues.label_seq_id     1 
# 
loop_
_chem_comp_atom.comp_id 
_chem_comp_atom.atom_id 
_chem_comp_atom.type_symbol 
_chem_comp_atom.pdbx_aromatic_flag 
_chem_comp_atom.pdbx_stereo_config 
_chem_comp_atom.pdbx_ordinal 
ALA N    N  N N 1   
ALA CA   C  N S 2   
ALA C    C  N N 3   
ALA O    O  N N 4   
ALA CB   C  N N 5   
ALA OXT  O  N N 6   
ALA H    H  N N 7   
ALA H2   H  N N 8   
ALA HA   H  N N 9   
ALA HB1  H  N N 10  
ALA HB2  H  N N 11  
ALA HB3  H  N N 12  
ALA HXT  H  N N 13  
ARG N    N  N N 14  
ARG CA   C  N S 15  
ARG C    C  N N 16  
ARG O    O  N N 17  
ARG CB   C  N N 18  
ARG CG   C  N N 19  
ARG CD   C  N N 20  
ARG NE   N  N N 21  
ARG CZ   C  N N 22  
ARG NH1  N  N N 23  
ARG NH2  N  N N 24  
ARG OXT  O  N N 25  
ARG H    H  N N 26  
ARG H2   H  N N 27  
ARG HA   H  N N 28  
ARG HB2  H  N N 29  
ARG HB3  H  N N 30  
ARG HG2  H  N N 31  
ARG HG3  H  N N 32  
ARG HD2  H  N N 33  
ARG HD3  H  N N 34  
ARG HE   H  N N 35  
ARG HH11 H  N N 36  
ARG HH12 H  N N 37  
ARG HH21 H  N N 38  
ARG HH22 H  N N 39  
ARG HXT  H  N N 40  
ASN N    N  N N 41  
ASN CA   C  N S 42  
ASN C    C  N N 43  
ASN O    O  N N 44  
ASN CB   C  N N 45  
ASN CG   C  N N 46  
ASN OD1  O  N N 47  
ASN ND2  N  N N 48  
ASN OXT  O  N N 49  
ASN H    H  N N 50  
ASN H2   H  N N 51  
ASN HA   H  N N 52  
ASN HB2  H  N N 53  
ASN HB3  H  N N 54  
ASN HD21 H  N N 55  
ASN HD22 H  N N 56  
ASN HXT  H  N N 57  
ASP N    N  N N 58  
ASP CA   C  N S 59  
ASP C    C  N N 60  
ASP O    O  N N 61  
ASP CB   C  N N 62  
ASP CG   C  N N 63  
ASP OD1  O  N N 64  
ASP OD2  O  N N 65  
ASP OXT  O  N N 66  
ASP H    H  N N 67  
ASP H2   H  N N 68  
ASP HA   H  N N 69  
ASP HB2  H  N N 70  
ASP HB3  H  N N 71  
ASP HD2  H  N N 72  
ASP HXT  H  N N 73  
CYS N    N  N N 74  
CYS CA   C  N R 75  
CYS C    C  N N 76  
CYS O    O  N N 77  
CYS CB   C  N N 78  
CYS SG   S  N N 79  
CYS OXT  O  N N 80  
CYS H    H  N N 81  
CYS H2   H  N N 82  
CYS HA   H  N N 83  
CYS HB2  H  N N 84  
CYS HB3  H  N N 85  
CYS HG   H  N N 86  
CYS HXT  H  N N 87  
GLN N    N  N N 88  
GLN CA   C  N S 89  
GLN C    C  N N 90  
GLN O    O  N N 91  
GLN CB   C  N N 92  
GLN CG   C  N N 93  
GLN CD   C  N N 94  
GLN OE1  O  N N 95  
GLN NE2  N  N N 96  
GLN OXT  O  N N 97  
GLN H    H  N N 98  
GLN H2   H  N N 99  
GLN HA   H  N N 100 
GLN HB2  H  N N 101 
GLN HB3  H  N N 102 
GLN HG2  H  N N 103 
GLN HG3  H  N N 104 
GLN HE21 H  N N 105 
GLN HE22 H  N N 106 
GLN HXT  H  N N 107 
GLU N    N  N N 108 
GLU CA   C  N S 109 
GLU C    C  N N 110 
GLU O    O  N N 111 
GLU CB   C  N N 112 
GLU CG   C  N N 113 
GLU CD   C  N N 114 
GLU OE1  O  N N 115 
GLU OE2  O  N N 116 
GLU OXT  O  N N 117 
GLU H    H  N N 118 
GLU H2   H  N N 119 
GLU HA   H  N N 120 
GLU HB2  H  N N 121 
GLU HB3  H  N N 122 
GLU HG2  H  N N 123 
GLU HG3  H  N N 124 
GLU HE2  H  N N 125 
GLU HXT  H  N N 126 
GLY N    N  N N 127 
GLY CA   C  N N 128 
GLY C    C  N N 129 
GLY O    O  N N 130 
GLY OXT  O  N N 131 
GLY H    H  N N 132 
GLY H2   H  N N 133 
GLY HA2  H  N N 134 
GLY HA3  H  N N 135 
GLY HXT  H  N N 136 
HIS N    N  N N 137 
HIS CA   C  N S 138 
HIS C    C  N N 139 
HIS O    O  N N 140 
HIS CB   C  N N 141 
HIS CG   C  Y N 142 
HIS ND1  N  Y N 143 
HIS CD2  C  Y N 144 
HIS CE1  C  Y N 145 
HIS NE2  N  Y N 146 
HIS OXT  O  N N 147 
HIS H    H  N N 148 
HIS H2   H  N N 149 
HIS HA   H  N N 150 
HIS HB2  H  N N 151 
HIS HB3  H  N N 152 
HIS HD1  H  N N 153 
HIS HD2  H  N N 154 
HIS HE1  H  N N 155 
HIS HE2  H  N N 156 
HIS HXT  H  N N 157 
HOH O    O  N N 158 
HOH H1   H  N N 159 
HOH H2   H  N N 160 
ILE N    N  N N 161 
ILE CA   C  N S 162 
ILE C    C  N N 163 
ILE O    O  N N 164 
ILE CB   C  N S 165 
ILE CG1  C  N N 166 
ILE CG2  C  N N 167 
ILE CD1  C  N N 168 
ILE OXT  O  N N 169 
ILE H    H  N N 170 
ILE H2   H  N N 171 
ILE HA   H  N N 172 
ILE HB   H  N N 173 
ILE HG12 H  N N 174 
ILE HG13 H  N N 175 
ILE HG21 H  N N 176 
ILE HG22 H  N N 177 
ILE HG23 H  N N 178 
ILE HD11 H  N N 179 
ILE HD12 H  N N 180 
ILE HD13 H  N N 181 
ILE HXT  H  N N 182 
LEU N    N  N N 183 
LEU CA   C  N S 184 
LEU C    C  N N 185 
LEU O    O  N N 186 
LEU CB   C  N N 187 
LEU CG   C  N N 188 
LEU CD1  C  N N 189 
LEU CD2  C  N N 190 
LEU OXT  O  N N 191 
LEU H    H  N N 192 
LEU H2   H  N N 193 
LEU HA   H  N N 194 
LEU HB2  H  N N 195 
LEU HB3  H  N N 196 
LEU HG   H  N N 197 
LEU HD11 H  N N 198 
LEU HD12 H  N N 199 
LEU HD13 H  N N 200 
LEU HD21 H  N N 201 
LEU HD22 H  N N 202 
LEU HD23 H  N N 203 
LEU HXT  H  N N 204 
LYS N    N  N N 205 
LYS CA   C  N S 206 
LYS C    C  N N 207 
LYS O    O  N N 208 
LYS CB   C  N N 209 
LYS CG   C  N N 210 
LYS CD   C  N N 211 
LYS CE   C  N N 212 
LYS NZ   N  N N 213 
LYS OXT  O  N N 214 
LYS H    H  N N 215 
LYS H2   H  N N 216 
LYS HA   H  N N 217 
LYS HB2  H  N N 218 
LYS HB3  H  N N 219 
LYS HG2  H  N N 220 
LYS HG3  H  N N 221 
LYS HD2  H  N N 222 
LYS HD3  H  N N 223 
LYS HE2  H  N N 224 
LYS HE3  H  N N 225 
LYS HZ1  H  N N 226 
LYS HZ2  H  N N 227 
LYS HZ3  H  N N 228 
LYS HXT  H  N N 229 
MET N    N  N N 230 
MET CA   C  N S 231 
MET C    C  N N 232 
MET O    O  N N 233 
MET CB   C  N N 234 
MET CG   C  N N 235 
MET SD   S  N N 236 
MET CE   C  N N 237 
MET OXT  O  N N 238 
MET H    H  N N 239 
MET H2   H  N N 240 
MET HA   H  N N 241 
MET HB2  H  N N 242 
MET HB3  H  N N 243 
MET HG2  H  N N 244 
MET HG3  H  N N 245 
MET HE1  H  N N 246 
MET HE2  H  N N 247 
MET HE3  H  N N 248 
MET HXT  H  N N 249 
MG  MG   MG N N 250 
PHE N    N  N N 251 
PHE CA   C  N S 252 
PHE C    C  N N 253 
PHE O    O  N N 254 
PHE CB   C  N N 255 
PHE CG   C  Y N 256 
PHE CD1  C  Y N 257 
PHE CD2  C  Y N 258 
PHE CE1  C  Y N 259 
PHE CE2  C  Y N 260 
PHE CZ   C  Y N 261 
PHE OXT  O  N N 262 
PHE H    H  N N 263 
PHE H2   H  N N 264 
PHE HA   H  N N 265 
PHE HB2  H  N N 266 
PHE HB3  H  N N 267 
PHE HD1  H  N N 268 
PHE HD2  H  N N 269 
PHE HE1  H  N N 270 
PHE HE2  H  N N 271 
PHE HZ   H  N N 272 
PHE HXT  H  N N 273 
PRO N    N  N N 274 
PRO CA   C  N S 275 
PRO C    C  N N 276 
PRO O    O  N N 277 
PRO CB   C  N N 278 
PRO CG   C  N N 279 
PRO CD   C  N N 280 
PRO OXT  O  N N 281 
PRO H    H  N N 282 
PRO HA   H  N N 283 
PRO HB2  H  N N 284 
PRO HB3  H  N N 285 
PRO HG2  H  N N 286 
PRO HG3  H  N N 287 
PRO HD2  H  N N 288 
PRO HD3  H  N N 289 
PRO HXT  H  N N 290 
SER N    N  N N 291 
SER CA   C  N S 292 
SER C    C  N N 293 
SER O    O  N N 294 
SER CB   C  N N 295 
SER OG   O  N N 296 
SER OXT  O  N N 297 
SER H    H  N N 298 
SER H2   H  N N 299 
SER HA   H  N N 300 
SER HB2  H  N N 301 
SER HB3  H  N N 302 
SER HG   H  N N 303 
SER HXT  H  N N 304 
THR N    N  N N 305 
THR CA   C  N S 306 
THR C    C  N N 307 
THR O    O  N N 308 
THR CB   C  N R 309 
THR OG1  O  N N 310 
THR CG2  C  N N 311 
THR OXT  O  N N 312 
THR H    H  N N 313 
THR H2   H  N N 314 
THR HA   H  N N 315 
THR HB   H  N N 316 
THR HG1  H  N N 317 
THR HG21 H  N N 318 
THR HG22 H  N N 319 
THR HG23 H  N N 320 
THR HXT  H  N N 321 
TRP N    N  N N 322 
TRP CA   C  N S 323 
TRP C    C  N N 324 
TRP O    O  N N 325 
TRP CB   C  N N 326 
TRP CG   C  Y N 327 
TRP CD1  C  Y N 328 
TRP CD2  C  Y N 329 
TRP NE1  N  Y N 330 
TRP CE2  C  Y N 331 
TRP CE3  C  Y N 332 
TRP CZ2  C  Y N 333 
TRP CZ3  C  Y N 334 
TRP CH2  C  Y N 335 
TRP OXT  O  N N 336 
TRP H    H  N N 337 
TRP H2   H  N N 338 
TRP HA   H  N N 339 
TRP HB2  H  N N 340 
TRP HB3  H  N N 341 
TRP HD1  H  N N 342 
TRP HE1  H  N N 343 
TRP HE3  H  N N 344 
TRP HZ2  H  N N 345 
TRP HZ3  H  N N 346 
TRP HH2  H  N N 347 
TRP HXT  H  N N 348 
TYR N    N  N N 349 
TYR CA   C  N S 350 
TYR C    C  N N 351 
TYR O    O  N N 352 
TYR CB   C  N N 353 
TYR CG   C  Y N 354 
TYR CD1  C  Y N 355 
TYR CD2  C  Y N 356 
TYR CE1  C  Y N 357 
TYR CE2  C  Y N 358 
TYR CZ   C  Y N 359 
TYR OH   O  N N 360 
TYR OXT  O  N N 361 
TYR H    H  N N 362 
TYR H2   H  N N 363 
TYR HA   H  N N 364 
TYR HB2  H  N N 365 
TYR HB3  H  N N 366 
TYR HD1  H  N N 367 
TYR HD2  H  N N 368 
TYR HE1  H  N N 369 
TYR HE2  H  N N 370 
TYR HH   H  N N 371 
TYR HXT  H  N N 372 
VAL N    N  N N 373 
VAL CA   C  N S 374 
VAL C    C  N N 375 
VAL O    O  N N 376 
VAL CB   C  N N 377 
VAL CG1  C  N N 378 
VAL CG2  C  N N 379 
VAL OXT  O  N N 380 
VAL H    H  N N 381 
VAL H2   H  N N 382 
VAL HA   H  N N 383 
VAL HB   H  N N 384 
VAL HG11 H  N N 385 
VAL HG12 H  N N 386 
VAL HG13 H  N N 387 
VAL HG21 H  N N 388 
VAL HG22 H  N N 389 
VAL HG23 H  N N 390 
VAL HXT  H  N N 391 
# 
loop_
_chem_comp_bond.comp_id 
_chem_comp_bond.atom_id_1 
_chem_comp_bond.atom_id_2 
_chem_comp_bond.value_order 
_chem_comp_bond.pdbx_aromatic_flag 
_chem_comp_bond.pdbx_stereo_config 
_chem_comp_bond.pdbx_ordinal 
ALA N   CA   sing N N 1   
ALA N   H    sing N N 2   
ALA N   H2   sing N N 3   
ALA CA  C    sing N N 4   
ALA CA  CB   sing N N 5   
ALA CA  HA   sing N N 6   
ALA C   O    doub N N 7   
ALA C   OXT  sing N N 8   
ALA CB  HB1  sing N N 9   
ALA CB  HB2  sing N N 10  
ALA CB  HB3  sing N N 11  
ALA OXT HXT  sing N N 12  
ARG N   CA   sing N N 13  
ARG N   H    sing N N 14  
ARG N   H2   sing N N 15  
ARG CA  C    sing N N 16  
ARG CA  CB   sing N N 17  
ARG CA  HA   sing N N 18  
ARG C   O    doub N N 19  
ARG C   OXT  sing N N 20  
ARG CB  CG   sing N N 21  
ARG CB  HB2  sing N N 22  
ARG CB  HB3  sing N N 23  
ARG CG  CD   sing N N 24  
ARG CG  HG2  sing N N 25  
ARG CG  HG3  sing N N 26  
ARG CD  NE   sing N N 27  
ARG CD  HD2  sing N N 28  
ARG CD  HD3  sing N N 29  
ARG NE  CZ   sing N N 30  
ARG NE  HE   sing N N 31  
ARG CZ  NH1  sing N N 32  
ARG CZ  NH2  doub N N 33  
ARG NH1 HH11 sing N N 34  
ARG NH1 HH12 sing N N 35  
ARG NH2 HH21 sing N N 36  
ARG NH2 HH22 sing N N 37  
ARG OXT HXT  sing N N 38  
ASN N   CA   sing N N 39  
ASN N   H    sing N N 40  
ASN N   H2   sing N N 41  
ASN CA  C    sing N N 42  
ASN CA  CB   sing N N 43  
ASN CA  HA   sing N N 44  
ASN C   O    doub N N 45  
ASN C   OXT  sing N N 46  
ASN CB  CG   sing N N 47  
ASN CB  HB2  sing N N 48  
ASN CB  HB3  sing N N 49  
ASN CG  OD1  doub N N 50  
ASN CG  ND2  sing N N 51  
ASN ND2 HD21 sing N N 52  
ASN ND2 HD22 sing N N 53  
ASN OXT HXT  sing N N 54  
ASP N   CA   sing N N 55  
ASP N   H    sing N N 56  
ASP N   H2   sing N N 57  
ASP CA  C    sing N N 58  
ASP CA  CB   sing N N 59  
ASP CA  HA   sing N N 60  
ASP C   O    doub N N 61  
ASP C   OXT  sing N N 62  
ASP CB  CG   sing N N 63  
ASP CB  HB2  sing N N 64  
ASP CB  HB3  sing N N 65  
ASP CG  OD1  doub N N 66  
ASP CG  OD2  sing N N 67  
ASP OD2 HD2  sing N N 68  
ASP OXT HXT  sing N N 69  
CYS N   CA   sing N N 70  
CYS N   H    sing N N 71  
CYS N   H2   sing N N 72  
CYS CA  C    sing N N 73  
CYS CA  CB   sing N N 74  
CYS CA  HA   sing N N 75  
CYS C   O    doub N N 76  
CYS C   OXT  sing N N 77  
CYS CB  SG   sing N N 78  
CYS CB  HB2  sing N N 79  
CYS CB  HB3  sing N N 80  
CYS SG  HG   sing N N 81  
CYS OXT HXT  sing N N 82  
GLN N   CA   sing N N 83  
GLN N   H    sing N N 84  
GLN N   H2   sing N N 85  
GLN CA  C    sing N N 86  
GLN CA  CB   sing N N 87  
GLN CA  HA   sing N N 88  
GLN C   O    doub N N 89  
GLN C   OXT  sing N N 90  
GLN CB  CG   sing N N 91  
GLN CB  HB2  sing N N 92  
GLN CB  HB3  sing N N 93  
GLN CG  CD   sing N N 94  
GLN CG  HG2  sing N N 95  
GLN CG  HG3  sing N N 96  
GLN CD  OE1  doub N N 97  
GLN CD  NE2  sing N N 98  
GLN NE2 HE21 sing N N 99  
GLN NE2 HE22 sing N N 100 
GLN OXT HXT  sing N N 101 
GLU N   CA   sing N N 102 
GLU N   H    sing N N 103 
GLU N   H2   sing N N 104 
GLU CA  C    sing N N 105 
GLU CA  CB   sing N N 106 
GLU CA  HA   sing N N 107 
GLU C   O    doub N N 108 
GLU C   OXT  sing N N 109 
GLU CB  CG   sing N N 110 
GLU CB  HB2  sing N N 111 
GLU CB  HB3  sing N N 112 
GLU CG  CD   sing N N 113 
GLU CG  HG2  sing N N 114 
GLU CG  HG3  sing N N 115 
GLU CD  OE1  doub N N 116 
GLU CD  OE2  sing N N 117 
GLU OE2 HE2  sing N N 118 
GLU OXT HXT  sing N N 119 
GLY N   CA   sing N N 120 
GLY N   H    sing N N 121 
GLY N   H2   sing N N 122 
GLY CA  C    sing N N 123 
GLY CA  HA2  sing N N 124 
GLY CA  HA3  sing N N 125 
GLY C   O    doub N N 126 
GLY C   OXT  sing N N 127 
GLY OXT HXT  sing N N 128 
HIS N   CA   sing N N 129 
HIS N   H    sing N N 130 
HIS N   H2   sing N N 131 
HIS CA  C    sing N N 132 
HIS CA  CB   sing N N 133 
HIS CA  HA   sing N N 134 
HIS C   O    doub N N 135 
HIS C   OXT  sing N N 136 
HIS CB  CG   sing N N 137 
HIS CB  HB2  sing N N 138 
HIS CB  HB3  sing N N 139 
HIS CG  ND1  sing Y N 140 
HIS CG  CD2  doub Y N 141 
HIS ND1 CE1  doub Y N 142 
HIS ND1 HD1  sing N N 143 
HIS CD2 NE2  sing Y N 144 
HIS CD2 HD2  sing N N 145 
HIS CE1 NE2  sing Y N 146 
HIS CE1 HE1  sing N N 147 
HIS NE2 HE2  sing N N 148 
HIS OXT HXT  sing N N 149 
HOH O   H1   sing N N 150 
HOH O   H2   sing N N 151 
ILE N   CA   sing N N 152 
ILE N   H    sing N N 153 
ILE N   H2   sing N N 154 
ILE CA  C    sing N N 155 
ILE CA  CB   sing N N 156 
ILE CA  HA   sing N N 157 
ILE C   O    doub N N 158 
ILE C   OXT  sing N N 159 
ILE CB  CG1  sing N N 160 
ILE CB  CG2  sing N N 161 
ILE CB  HB   sing N N 162 
ILE CG1 CD1  sing N N 163 
ILE CG1 HG12 sing N N 164 
ILE CG1 HG13 sing N N 165 
ILE CG2 HG21 sing N N 166 
ILE CG2 HG22 sing N N 167 
ILE CG2 HG23 sing N N 168 
ILE CD1 HD11 sing N N 169 
ILE CD1 HD12 sing N N 170 
ILE CD1 HD13 sing N N 171 
ILE OXT HXT  sing N N 172 
LEU N   CA   sing N N 173 
LEU N   H    sing N N 174 
LEU N   H2   sing N N 175 
LEU CA  C    sing N N 176 
LEU CA  CB   sing N N 177 
LEU CA  HA   sing N N 178 
LEU C   O    doub N N 179 
LEU C   OXT  sing N N 180 
LEU CB  CG   sing N N 181 
LEU CB  HB2  sing N N 182 
LEU CB  HB3  sing N N 183 
LEU CG  CD1  sing N N 184 
LEU CG  CD2  sing N N 185 
LEU CG  HG   sing N N 186 
LEU CD1 HD11 sing N N 187 
LEU CD1 HD12 sing N N 188 
LEU CD1 HD13 sing N N 189 
LEU CD2 HD21 sing N N 190 
LEU CD2 HD22 sing N N 191 
LEU CD2 HD23 sing N N 192 
LEU OXT HXT  sing N N 193 
LYS N   CA   sing N N 194 
LYS N   H    sing N N 195 
LYS N   H2   sing N N 196 
LYS CA  C    sing N N 197 
LYS CA  CB   sing N N 198 
LYS CA  HA   sing N N 199 
LYS C   O    doub N N 200 
LYS C   OXT  sing N N 201 
LYS CB  CG   sing N N 202 
LYS CB  HB2  sing N N 203 
LYS CB  HB3  sing N N 204 
LYS CG  CD   sing N N 205 
LYS CG  HG2  sing N N 206 
LYS CG  HG3  sing N N 207 
LYS CD  CE   sing N N 208 
LYS CD  HD2  sing N N 209 
LYS CD  HD3  sing N N 210 
LYS CE  NZ   sing N N 211 
LYS CE  HE2  sing N N 212 
LYS CE  HE3  sing N N 213 
LYS NZ  HZ1  sing N N 214 
LYS NZ  HZ2  sing N N 215 
LYS NZ  HZ3  sing N N 216 
LYS OXT HXT  sing N N 217 
MET N   CA   sing N N 218 
MET N   H    sing N N 219 
MET N   H2   sing N N 220 
MET CA  C    sing N N 221 
MET CA  CB   sing N N 222 
MET CA  HA   sing N N 223 
MET C   O    doub N N 224 
MET C   OXT  sing N N 225 
MET CB  CG   sing N N 226 
MET CB  HB2  sing N N 227 
MET CB  HB3  sing N N 228 
MET CG  SD   sing N N 229 
MET CG  HG2  sing N N 230 
MET CG  HG3  sing N N 231 
MET SD  CE   sing N N 232 
MET CE  HE1  sing N N 233 
MET CE  HE2  sing N N 234 
MET CE  HE3  sing N N 235 
MET OXT HXT  sing N N 236 
PHE N   CA   sing N N 237 
PHE N   H    sing N N 238 
PHE N   H2   sing N N 239 
PHE CA  C    sing N N 240 
PHE CA  CB   sing N N 241 
PHE CA  HA   sing N N 242 
PHE C   O    doub N N 243 
PHE C   OXT  sing N N 244 
PHE CB  CG   sing N N 245 
PHE CB  HB2  sing N N 246 
PHE CB  HB3  sing N N 247 
PHE CG  CD1  doub Y N 248 
PHE CG  CD2  sing Y N 249 
PHE CD1 CE1  sing Y N 250 
PHE CD1 HD1  sing N N 251 
PHE CD2 CE2  doub Y N 252 
PHE CD2 HD2  sing N N 253 
PHE CE1 CZ   doub Y N 254 
PHE CE1 HE1  sing N N 255 
PHE CE2 CZ   sing Y N 256 
PHE CE2 HE2  sing N N 257 
PHE CZ  HZ   sing N N 258 
PHE OXT HXT  sing N N 259 
PRO N   CA   sing N N 260 
PRO N   CD   sing N N 261 
PRO N   H    sing N N 262 
PRO CA  C    sing N N 263 
PRO CA  CB   sing N N 264 
PRO CA  HA   sing N N 265 
PRO C   O    doub N N 266 
PRO C   OXT  sing N N 267 
PRO CB  CG   sing N N 268 
PRO CB  HB2  sing N N 269 
PRO CB  HB3  sing N N 270 
PRO CG  CD   sing N N 271 
PRO CG  HG2  sing N N 272 
PRO CG  HG3  sing N N 273 
PRO CD  HD2  sing N N 274 
PRO CD  HD3  sing N N 275 
PRO OXT HXT  sing N N 276 
SER N   CA   sing N N 277 
SER N   H    sing N N 278 
SER N   H2   sing N N 279 
SER CA  C    sing N N 280 
SER CA  CB   sing N N 281 
SER CA  HA   sing N N 282 
SER C   O    doub N N 283 
SER C   OXT  sing N N 284 
SER CB  OG   sing N N 285 
SER CB  HB2  sing N N 286 
SER CB  HB3  sing N N 287 
SER OG  HG   sing N N 288 
SER OXT HXT  sing N N 289 
THR N   CA   sing N N 290 
THR N   H    sing N N 291 
THR N   H2   sing N N 292 
THR CA  C    sing N N 293 
THR CA  CB   sing N N 294 
THR CA  HA   sing N N 295 
THR C   O    doub N N 296 
THR C   OXT  sing N N 297 
THR CB  OG1  sing N N 298 
THR CB  CG2  sing N N 299 
THR CB  HB   sing N N 300 
THR OG1 HG1  sing N N 301 
THR CG2 HG21 sing N N 302 
THR CG2 HG22 sing N N 303 
THR CG2 HG23 sing N N 304 
THR OXT HXT  sing N N 305 
TRP N   CA   sing N N 306 
TRP N   H    sing N N 307 
TRP N   H2   sing N N 308 
TRP CA  C    sing N N 309 
TRP CA  CB   sing N N 310 
TRP CA  HA   sing N N 311 
TRP C   O    doub N N 312 
TRP C   OXT  sing N N 313 
TRP CB  CG   sing N N 314 
TRP CB  HB2  sing N N 315 
TRP CB  HB3  sing N N 316 
TRP CG  CD1  doub Y N 317 
TRP CG  CD2  sing Y N 318 
TRP CD1 NE1  sing Y N 319 
TRP CD1 HD1  sing N N 320 
TRP CD2 CE2  doub Y N 321 
TRP CD2 CE3  sing Y N 322 
TRP NE1 CE2  sing Y N 323 
TRP NE1 HE1  sing N N 324 
TRP CE2 CZ2  sing Y N 325 
TRP CE3 CZ3  doub Y N 326 
TRP CE3 HE3  sing N N 327 
TRP CZ2 CH2  doub Y N 328 
TRP CZ2 HZ2  sing N N 329 
TRP CZ3 CH2  sing Y N 330 
TRP CZ3 HZ3  sing N N 331 
TRP CH2 HH2  sing N N 332 
TRP OXT HXT  sing N N 333 
TYR N   CA   sing N N 334 
TYR N   H    sing N N 335 
TYR N   H2   sing N N 336 
TYR CA  C    sing N N 337 
TYR CA  CB   sing N N 338 
TYR CA  HA   sing N N 339 
TYR C   O    doub N N 340 
TYR C   OXT  sing N N 341 
TYR CB  CG   sing N N 342 
TYR CB  HB2  sing N N 343 
TYR CB  HB3  sing N N 344 
TYR CG  CD1  doub Y N 345 
TYR CG  CD2  sing Y N 346 
TYR CD1 CE1  sing Y N 347 
TYR CD1 HD1  sing N N 348 
TYR CD2 CE2  doub Y N 349 
TYR CD2 HD2  sing N N 350 
TYR CE1 CZ   doub Y N 351 
TYR CE1 HE1  sing N N 352 
TYR CE2 CZ   sing Y N 353 
TYR CE2 HE2  sing N N 354 
TYR CZ  OH   sing N N 355 
TYR OH  HH   sing N N 356 
TYR OXT HXT  sing N N 357 
VAL N   CA   sing N N 358 
VAL N   H    sing N N 359 
VAL N   H2   sing N N 360 
VAL CA  C    sing N N 361 
VAL CA  CB   sing N N 362 
VAL CA  HA   sing N N 363 
VAL C   O    doub N N 364 
VAL C   OXT  sing N N 365 
VAL CB  CG1  sing N N 366 
VAL CB  CG2  sing N N 367 
VAL CB  HB   sing N N 368 
VAL CG1 HG11 sing N N 369 
VAL CG1 HG12 sing N N 370 
VAL CG1 HG13 sing N N 371 
VAL CG2 HG21 sing N N 372 
VAL CG2 HG22 sing N N 373 
VAL CG2 HG23 sing N N 374 
VAL OXT HXT  sing N N 375 
# 
_pdbx_audit_support.funding_organization   'French National Research Agency' 
_pdbx_audit_support.country                France 
_pdbx_audit_support.grant_number           ? 
_pdbx_audit_support.ordinal                1 
# 
_atom_sites.entry_id                    5M1M 
_atom_sites.fract_transf_matrix[1][1]   -0.01320113 
_atom_sites.fract_transf_matrix[1][2]   -0.00264343 
_atom_sites.fract_transf_matrix[1][3]   -0.00840692 
_atom_sites.fract_transf_matrix[2][1]   0.00003596 
_atom_sites.fract_transf_matrix[2][2]   -0.03555658 
_atom_sites.fract_transf_matrix[2][3]   0.01112376 
_atom_sites.fract_transf_matrix[3][1]   -0.01077236 
_atom_sites.fract_transf_matrix[3][2]   0.00249166 
_atom_sites.fract_transf_matrix[3][3]   0.00799928 
_atom_sites.fract_transf_vector[1]      0.259846 
_atom_sites.fract_transf_vector[2]      0.813568 
_atom_sites.fract_transf_vector[3]      0.256987 
# 
loop_
_atom_type.symbol 
C  
MG 
N  
O  
S  
# 
loop_
_atom_site.group_PDB 
_atom_site.id 
_atom_site.type_symbol 
_atom_site.label_atom_id 
_atom_site.label_alt_id 
_atom_site.label_comp_id 
_atom_site.label_asym_id 
_atom_site.label_entity_id 
_atom_site.label_seq_id 
_atom_site.pdbx_PDB_ins_code 
_atom_site.Cartn_x 
_atom_site.Cartn_y 
_atom_site.Cartn_z 
_atom_site.occupancy 
_atom_site.B_iso_or_equiv 
_atom_site.pdbx_formal_charge 
_atom_site.auth_seq_id 
_atom_site.auth_comp_id 
_atom_site.auth_asym_id 
_atom_site.auth_atom_id 
_atom_site.pdbx_PDB_model_num 
ATOM   1    N  N   . ALA A 1 2   ? 6.402   -9.892  6.687   1.00 30.00 ? 2   ALA A N   1 
ATOM   2    C  CA  . ALA A 1 2   ? 7.383   -8.871  6.498   1.00 30.00 ? 2   ALA A CA  1 
ATOM   3    C  C   . ALA A 1 2   ? 6.656   -7.682  7.019   1.00 30.00 ? 2   ALA A C   1 
ATOM   4    O  O   . ALA A 1 2   ? 7.015   -6.579  6.731   1.00 30.00 ? 2   ALA A O   1 
ATOM   5    C  CB  . ALA A 1 2   ? 7.690   -8.694  5.052   1.00 20.00 ? 2   ALA A CB  1 
ATOM   6    N  N   . HIS A 1 3   ? 5.591   -7.946  7.769   1.00 33.94 ? 3   HIS A N   1 
ATOM   7    C  CA  . HIS A 1 3   ? 4.837   -6.861  8.277   1.00 31.56 ? 3   HIS A CA  1 
ATOM   8    C  C   . HIS A 1 3   ? 5.579   -6.063  9.249   1.00 28.65 ? 3   HIS A C   1 
ATOM   9    O  O   . HIS A 1 3   ? 5.286   -4.948  9.368   1.00 25.86 ? 3   HIS A O   1 
ATOM   10   C  CB  . HIS A 1 3   ? 3.454   -7.222  8.748   1.00 32.84 ? 3   HIS A CB  1 
ATOM   11   C  CG  . HIS A 1 3   ? 3.413   -8.022  10.000  1.00 34.79 ? 3   HIS A CG  1 
ATOM   12   N  ND1 . HIS A 1 3   ? 3.526   -7.455  11.236  1.00 40.70 ? 3   HIS A ND1 1 
ATOM   13   C  CD2 . HIS A 1 3   ? 3.210   -9.339  10.198  1.00 37.82 ? 3   HIS A CD2 1 
ATOM   14   C  CE1 . HIS A 1 3   ? 3.387   -8.390  12.154  1.00 38.38 ? 3   HIS A CE1 1 
ATOM   15   N  NE2 . HIS A 1 3   ? 3.216   -9.547  11.554  1.00 39.42 ? 3   HIS A NE2 1 
ATOM   16   N  N   . GLU A 1 4   ? 6.595   -6.602  9.843   1.00 26.82 ? 4   GLU A N   1 
ATOM   17   C  CA  . GLU A 1 4   ? 7.459   -5.813  10.624  1.00 30.60 ? 4   GLU A CA  1 
ATOM   18   C  C   . GLU A 1 4   ? 8.173   -4.711  9.832   1.00 27.49 ? 4   GLU A C   1 
ATOM   19   O  O   . GLU A 1 4   ? 8.291   -3.612  10.271  1.00 27.46 ? 4   GLU A O   1 
ATOM   20   C  CB  . GLU A 1 4   ? 8.455   -6.728  11.277  1.00 40.70 ? 4   GLU A CB  1 
ATOM   21   C  CG  . GLU A 1 4   ? 9.382   -6.153  12.224  1.00 42.31 ? 4   GLU A CG  1 
ATOM   22   C  CD  . GLU A 1 4   ? 10.117  -7.294  12.992  1.00 43.72 ? 4   GLU A CD  1 
ATOM   23   O  OE1 . GLU A 1 4   ? 10.069  -8.396  12.533  1.00 53.95 ? 4   GLU A OE1 1 
ATOM   24   O  OE2 . GLU A 1 4   ? 10.732  -7.109  13.972  1.00 43.97 ? 4   GLU A OE2 1 
ATOM   25   N  N   . ILE A 1 5   ? 8.595   -5.028  8.627   1.00 25.85 ? 5   ILE A N   1 
ATOM   26   C  CA  . ILE A 1 5   ? 9.244   -4.062  7.797   1.00 22.57 ? 5   ILE A CA  1 
ATOM   27   C  C   . ILE A 1 5   ? 8.190   -3.155  7.301   1.00 23.34 ? 5   ILE A C   1 
ATOM   28   O  O   . ILE A 1 5   ? 8.461   -2.002  7.207   1.00 22.51 ? 5   ILE A O   1 
ATOM   29   C  CB  . ILE A 1 5   ? 9.952   -4.709  6.626   1.00 23.30 ? 5   ILE A CB  1 
ATOM   30   C  CG1 . ILE A 1 5   ? 10.970  -5.730  7.113   1.00 29.62 ? 5   ILE A CG1 1 
ATOM   31   C  CG2 . ILE A 1 5   ? 10.688  -3.684  5.813   1.00 23.94 ? 5   ILE A CG2 1 
ATOM   32   C  CD1 . ILE A 1 5   ? 11.430  -6.711  5.989   1.00 33.95 ? 5   ILE A CD1 1 
ATOM   33   N  N   . LEU A 1 6   ? 6.982   -3.647  7.079   1.00 20.97 ? 6   LEU A N   1 
ATOM   34   C  CA  . LEU A 1 6   ? 5.934   -2.728  6.649   1.00 21.94 ? 6   LEU A CA  1 
ATOM   35   C  C   . LEU A 1 6   ? 5.693   -1.641  7.690   1.00 22.98 ? 6   LEU A C   1 
ATOM   36   O  O   . LEU A 1 6   ? 5.639   -0.455  7.363   1.00 21.88 ? 6   LEU A O   1 
ATOM   37   C  CB  . LEU A 1 6   ? 4.635   -3.488  6.372   1.00 22.62 ? 6   LEU A CB  1 
ATOM   38   C  CG  . LEU A 1 6   ? 3.413   -2.637  6.026   1.00 26.09 ? 6   LEU A CG  1 
ATOM   39   C  CD1 . LEU A 1 6   ? 3.670   -1.809  4.776   1.00 24.90 ? 6   LEU A CD1 1 
ATOM   40   C  CD2 . LEU A 1 6   ? 2.181   -3.511  5.849   1.00 31.46 ? 6   LEU A CD2 1 
ATOM   41   N  N   . ILE A 1 7   ? 5.552   -2.052  8.946   1.00 23.95 ? 7   ILE A N   1 
ATOM   42   C  CA  . ILE A 1 7   ? 5.320   -1.114  10.037  1.00 24.99 ? 7   ILE A CA  1 
ATOM   43   C  C   . ILE A 1 7   ? 6.411   -0.051  10.091  1.00 25.35 ? 7   ILE A C   1 
ATOM   44   O  O   . ILE A 1 7   ? 6.128   1.136   10.254  1.00 23.23 ? 7   ILE A O   1 
ATOM   45   C  CB  . ILE A 1 7   ? 5.252   -1.834  11.397  1.00 24.45 ? 7   ILE A CB  1 
ATOM   46   C  CG1 . ILE A 1 7   ? 4.034   -2.759  11.450  1.00 32.32 ? 7   ILE A CG1 1 
ATOM   47   C  CG2 . ILE A 1 7   ? 5.212   -0.825  12.534  1.00 31.63 ? 7   ILE A CG2 1 
ATOM   48   C  CD1 . ILE A 1 7   ? 2.789   -2.165  10.826  1.00 30.98 ? 7   ILE A CD1 1 
ATOM   49   N  N   . ALA A 1 8   ? 7.660   -0.484  9.951   1.00 24.64 ? 8   ALA A N   1 
ATOM   50   C  CA  . ALA A 1 8   ? 8.799   0.431   9.979   1.00 27.39 ? 8   ALA A CA  1 
ATOM   51   C  C   . ALA A 1 8   ? 8.709   1.461   8.860   1.00 25.25 ? 8   ALA A C   1 
ATOM   52   O  O   . ALA A 1 8   ? 8.944   2.649   9.083   1.00 24.79 ? 8   ALA A O   1 
ATOM   53   C  CB  . ALA A 1 8   ? 10.103  -0.334  9.888   1.00 27.73 ? 8   ALA A CB  1 
ATOM   54   N  N   . GLU A 1 9   ? 8.382   1.010   7.652   1.00 23.44 ? 9   GLU A N   1 
ATOM   55   C  CA  . GLU A 1 9   ? 8.273   1.937   6.526   1.00 22.65 ? 9   GLU A CA  1 
ATOM   56   C  C   . GLU A 1 9   ? 7.076   2.881   6.663   1.00 21.45 ? 9   GLU A C   1 
ATOM   57   O  O   . GLU A 1 9   ? 7.106   4.011   6.167   1.00 20.51 ? 9   GLU A O   1 
ATOM   58   C  CB  . GLU A 1 9   ? 8.202   1.190   5.189   1.00 23.85 ? 9   GLU A CB  1 
ATOM   59   C  CG  . GLU A 1 9   ? 9.427   0.321   4.845   1.00 21.59 ? 9   GLU A CG  1 
ATOM   60   C  CD  . GLU A 1 9   ? 10.717  1.109   4.642   1.00 30.91 ? 9   GLU A CD  1 
ATOM   61   O  OE1 . GLU A 1 9   ? 10.673  2.348   4.466   1.00 27.74 ? 9   GLU A OE1 1 
ATOM   62   O  OE2 . GLU A 1 9   ? 11.796  0.476   4.657   1.00 30.60 ? 9   GLU A OE2 1 
ATOM   63   N  N   . THR A 1 10  ? 6.011   2.413   7.303   1.00 22.29 ? 10  THR A N   1 
ATOM   64   C  CA  . THR A 1 10  ? 4.824   3.231   7.486   1.00 25.38 ? 10  THR A CA  1 
ATOM   65   C  C   . THR A 1 10  ? 5.141   4.315   8.507   1.00 24.23 ? 10  THR A C   1 
ATOM   66   O  O   . THR A 1 10  ? 4.769   5.476   8.324   1.00 23.60 ? 10  THR A O   1 
ATOM   67   C  CB  . THR A 1 10  ? 3.617   2.396   7.961   1.00 24.36 ? 10  THR A CB  1 
ATOM   68   O  OG1 . THR A 1 10  ? 3.347   1.351   7.019   1.00 23.39 ? 10  THR A OG1 1 
ATOM   69   C  CG2 . THR A 1 10  ? 2.372   3.280   8.100   1.00 26.39 ? 10  THR A CG2 1 
ATOM   70   N  N   . GLU A 1 11  ? 5.859   3.915   9.538   1.00 23.98 ? 11  GLU A N   1 
ATOM   71   C  CA  . GLU A 1 11  ? 6.337   4.848   10.563  1.00 26.16 ? 11  GLU A CA  1 
ATOM   72   C  C   . GLU A 1 11  ? 7.194   5.936   9.958   1.00 25.44 ? 11  GLU A C   1 
ATOM   73   O  O   . GLU A 1 11  ? 7.038   7.075   10.282  1.00 27.25 ? 11  GLU A O   1 
ATOM   74   C  CB  . GLU A 1 11  ? 7.097   4.136   11.695  1.00 31.22 ? 11  GLU A CB  1 
ATOM   75   C  CG  . GLU A 1 11  ? 6.201   3.446   12.680  1.00 34.77 ? 11  GLU A CG  1 
ATOM   76   C  CD  . GLU A 1 11  ? 6.888   3.063   13.975  1.00 48.77 ? 11  GLU A CD  1 
ATOM   77   O  OE1 . GLU A 1 11  ? 7.865   3.732   14.352  1.00 52.77 ? 11  GLU A OE1 1 
ATOM   78   O  OE2 . GLU A 1 11  ? 6.447   2.091   14.619  1.00 48.55 ? 11  GLU A OE2 1 
ATOM   79   N  N   . ALA A 1 12  ? 8.098   5.549   9.067   1.00 23.74 ? 12  ALA A N   1 
ATOM   80   C  CA  . ALA A 1 12  ? 8.950   6.500   8.365   1.00 20.68 ? 12  ALA A CA  1 
ATOM   81   C  C   . ALA A 1 12  ? 8.133   7.382   7.423   1.00 22.26 ? 12  ALA A C   1 
ATOM   82   O  O   . ALA A 1 12  ? 8.364   8.590   7.336   1.00 23.68 ? 12  ALA A O   1 
ATOM   83   C  CB  . ALA A 1 12  ? 10.045  5.773   7.601   1.00 22.93 ? 12  ALA A CB  1 
ATOM   84   N  N   . PHE A 1 13  ? 7.186   6.781   6.705   1.00 22.05 ? 13  PHE A N   1 
ATOM   85   C  CA  . PHE A 1 13  ? 6.302   7.541   5.832   1.00 18.44 ? 13  PHE A CA  1 
ATOM   86   C  C   . PHE A 1 13  ? 5.561   8.625   6.608   1.00 22.01 ? 13  PHE A C   1 
ATOM   87   O  O   . PHE A 1 13  ? 5.320   9.704   6.083   1.00 27.66 ? 13  PHE A O   1 
ATOM   88   C  CB  . PHE A 1 13  ? 5.297   6.616   5.138   1.00 22.77 ? 13  PHE A CB  1 
ATOM   89   C  CG  . PHE A 1 13  ? 4.328   7.347   4.254   1.00 23.85 ? 13  PHE A CG  1 
ATOM   90   C  CD1 . PHE A 1 13  ? 4.721   7.815   3.013   1.00 23.01 ? 13  PHE A CD1 1 
ATOM   91   C  CD2 . PHE A 1 13  ? 3.036   7.604   4.680   1.00 23.38 ? 13  PHE A CD2 1 
ATOM   92   C  CE1 . PHE A 1 13  ? 3.839   8.508   2.206   1.00 23.94 ? 13  PHE A CE1 1 
ATOM   93   C  CE2 . PHE A 1 13  ? 2.140   8.292   3.870   1.00 23.01 ? 13  PHE A CE2 1 
ATOM   94   C  CZ  . PHE A 1 13  ? 2.543   8.748   2.637   1.00 22.19 ? 13  PHE A CZ  1 
ATOM   95   N  N   . LEU A 1 14  ? 5.211   8.320   7.859   1.00 19.97 ? 14  LEU A N   1 
ATOM   96   C  CA  . LEU A 1 14  ? 4.432   9.235   8.703   1.00 24.09 ? 14  LEU A CA  1 
ATOM   97   C  C   . LEU A 1 14  ? 5.281   10.106  9.623   1.00 26.64 ? 14  LEU A C   1 
ATOM   98   O  O   . LEU A 1 14  ? 4.750   10.705  10.556  1.00 27.65 ? 14  LEU A O   1 
ATOM   99   C  CB  . LEU A 1 14  ? 3.461   8.438   9.573   1.00 23.76 ? 14  LEU A CB  1 
ATOM   100  C  CG  . LEU A 1 14  ? 2.364   7.635   8.869   1.00 25.67 ? 14  LEU A CG  1 
ATOM   101  C  CD1 . LEU A 1 14  ? 1.604   6.807   9.877   1.00 26.47 ? 14  LEU A CD1 1 
ATOM   102  C  CD2 . LEU A 1 14  ? 1.432   8.577   8.141   1.00 31.18 ? 14  LEU A CD2 1 
ATOM   103  N  N   . LYS A 1 15  ? 6.572   10.202  9.361   1.00 24.68 ? 15  LYS A N   1 
ATOM   104  C  CA  . LYS A 1 15  ? 7.490   10.805  10.332  1.00 23.57 ? 15  LYS A CA  1 
ATOM   105  C  C   . LYS A 1 15  ? 7.176   12.270  10.586  1.00 30.14 ? 15  LYS A C   1 
ATOM   106  O  O   . LYS A 1 15  ? 7.528   12.820  11.618  1.00 27.04 ? 15  LYS A O   1 
ATOM   107  C  CB  . LYS A 1 15  ? 8.955   10.665  9.916   1.00 25.62 ? 15  LYS A CB  1 
ATOM   108  C  CG  . LYS A 1 15  ? 9.334   11.433  8.706   1.00 27.98 ? 15  LYS A CG  1 
ATOM   109  C  CD  . LYS A 1 15  ? 10.656  10.968  8.145   1.00 28.19 ? 15  LYS A CD  1 
ATOM   110  C  CE  . LYS A 1 15  ? 11.780  11.320  9.040   1.00 30.92 ? 15  LYS A CE  1 
ATOM   111  N  NZ  . LYS A 1 15  ? 13.097  10.921  8.517   1.00 32.89 ? 15  LYS A NZ  1 
ATOM   112  N  N   . ASN A 1 16  ? 6.548   12.899  9.628   1.00 30.00 ? 16  ASN A N   1 
ATOM   113  C  CA  . ASN A 1 16  ? 6.312   14.318  9.760   1.00 30.00 ? 16  ASN A CA  1 
ATOM   114  C  C   . ASN A 1 16  ? 4.991   14.684  10.390  1.00 30.00 ? 16  ASN A C   1 
ATOM   115  O  O   . ASN A 1 16  ? 4.781   15.842  10.754  1.00 30.00 ? 16  ASN A O   1 
ATOM   116  C  CB  . ASN A 1 16  ? 6.534   14.994  8.446   1.00 20.00 ? 16  ASN A CB  1 
ATOM   117  C  CG  . ASN A 1 16  ? 7.986   15.047  8.071   1.00 20.00 ? 16  ASN A CG  1 
ATOM   118  O  OD1 . ASN A 1 16  ? 8.865   15.203  8.919   1.00 20.00 ? 16  ASN A OD1 1 
ATOM   119  N  ND2 . ASN A 1 16  ? 8.250   14.917  6.799   1.00 20.00 ? 16  ASN A ND2 1 
ATOM   120  N  N   . VAL A 1 17  ? 4.111   13.707  10.578  1.00 30.00 ? 17  VAL A N   1 
ATOM   121  C  CA  . VAL A 1 17  ? 2.874   13.931  11.349  1.00 30.00 ? 17  VAL A CA  1 
ATOM   122  C  C   . VAL A 1 17  ? 3.104   13.912  12.865  1.00 30.00 ? 17  VAL A C   1 
ATOM   123  O  O   . VAL A 1 17  ? 4.178   13.538  13.304  1.00 30.00 ? 17  VAL A O   1 
ATOM   124  C  CB  . VAL A 1 17  ? 1.752   12.863  11.038  1.00 20.00 ? 17  VAL A CB  1 
ATOM   125  C  CG1 . VAL A 1 17  ? 1.392   12.921  9.637   1.00 20.00 ? 17  VAL A CG1 1 
ATOM   126  C  CG2 . VAL A 1 17  ? 2.197   11.475  11.393  1.00 20.00 ? 17  VAL A CG2 1 
ATOM   127  N  N   . ALA A 1 18  ? 2.098   14.317  13.633  1.00 30.00 ? 18  ALA A N   1 
ATOM   128  C  CA  . ALA A 1 18  ? 2.208   14.353  15.086  1.00 30.00 ? 18  ALA A CA  1 
ATOM   129  C  C   . ALA A 1 18  ? 2.381   12.952  15.666  1.00 30.00 ? 18  ALA A C   1 
ATOM   130  O  O   . ALA A 1 18  ? 2.013   11.959  15.037  1.00 30.00 ? 18  ALA A O   1 
ATOM   131  C  CB  . ALA A 1 18  ? 0.990   15.033  15.694  1.00 30.00 ? 18  ALA A CB  1 
ATOM   132  N  N   . PRO A 1 19  ? 2.944   12.881  16.868  1.00 30.00 ? 19  PRO A N   1 
ATOM   133  C  CA  . PRO A 1 19  ? 3.165   11.597  17.541  1.00 30.00 ? 19  PRO A CA  1 
ATOM   134  C  C   . PRO A 1 19  ? 1.854   10.856  17.784  1.00 30.00 ? 19  PRO A C   1 
ATOM   135  O  O   . PRO A 1 19  ? 1.612   9.816   17.173  1.00 30.00 ? 19  PRO A O   1 
ATOM   136  C  CB  . PRO A 1 19  ? 3.792   12.009  18.873  1.00 20.00 ? 19  PRO A CB  1 
ATOM   137  C  CG  . PRO A 1 19  ? 4.475   13.296  18.579  1.00 20.00 ? 19  PRO A CG  1 
ATOM   138  C  CD  . PRO A 1 19  ? 3.616   13.993  17.561  1.00 20.00 ? 19  PRO A CD  1 
ATOM   139  N  N   . GLU A 1 20  ? 1.022   11.392  18.670  1.00 30.00 ? 20  GLU A N   1 
ATOM   140  C  CA  . GLU A 1 20  ? -0.263  10.778  18.982  1.00 30.00 ? 20  GLU A CA  1 
ATOM   141  C  C   . GLU A 1 20  ? -0.981  10.337  17.711  1.00 30.00 ? 20  GLU A C   1 
ATOM   142  O  O   . GLU A 1 20  ? -1.516  9.231   17.641  1.00 30.00 ? 20  GLU A O   1 
ATOM   143  C  CB  . GLU A 1 20  ? -1.143  11.747  19.774  1.00 20.00 ? 20  GLU A CB  1 
ATOM   144  C  CG  . GLU A 1 20  ? -2.014  12.643  18.909  1.00 20.00 ? 20  GLU A CG  1 
ATOM   145  C  CD  . GLU A 1 20  ? -1.345  13.962  18.576  1.00 20.00 ? 20  GLU A CD  1 
ATOM   146  O  OE1 . GLU A 1 20  ? -0.130  14.094  18.831  1.00 20.00 ? 20  GLU A OE1 1 
ATOM   147  O  OE2 . GLU A 1 20  ? -2.035  14.866  18.060  1.00 20.00 ? 20  GLU A OE2 1 
ATOM   148  N  N   . THR A 1 21  ? -0.987  11.209  16.709  1.00 33.98 ? 21  THR A N   1 
ATOM   149  C  CA  . THR A 1 21  ? -1.631  10.909  15.436  1.00 42.85 ? 21  THR A CA  1 
ATOM   150  C  C   . THR A 1 21  ? -0.969  9.715   14.757  1.00 42.70 ? 21  THR A C   1 
ATOM   151  O  O   . THR A 1 21  ? -1.645  8.782   14.322  1.00 38.38 ? 21  THR A O   1 
ATOM   152  C  CB  . THR A 1 21  ? -1.589  12.118  14.482  1.00 38.28 ? 21  THR A CB  1 
ATOM   153  O  OG1 . THR A 1 21  ? -2.200  13.249  15.115  1.00 43.15 ? 21  THR A OG1 1 
ATOM   154  C  CG2 . THR A 1 21  ? -2.329  11.803  13.191  1.00 41.70 ? 21  THR A CG2 1 
ATOM   155  N  N   . ARG A 1 22  ? 0.347   9.767   14.659  1.00 39.29 ? 22  ARG A N   1 
ATOM   156  C  CA  . ARG A 1 22  ? 1.104   8.690   14.098  1.00 30.99 ? 22  ARG A CA  1 
ATOM   157  C  C   . ARG A 1 22  ? 0.972   7.516   14.975  1.00 35.22 ? 22  ARG A C   1 
ATOM   158  O  O   . ARG A 1 22  ? 0.753   6.472   14.545  1.00 31.27 ? 22  ARG A O   1 
ATOM   159  C  CB  . ARG A 1 22  ? 2.576   9.112   13.939  1.00 35.77 ? 22  ARG A CB  1 
ATOM   160  C  CG  . ARG A 1 22  ? 3.508   8.015   13.500  1.00 32.06 ? 22  ARG A CG  1 
ATOM   161  C  CD  . ARG A 1 22  ? 4.875   8.519   13.206  1.00 37.72 ? 22  ARG A CD  1 
ATOM   162  N  NE  . ARG A 1 22  ? 5.552   9.149   14.317  1.00 42.29 ? 22  ARG A NE  1 
ATOM   163  C  CZ  . ARG A 1 22  ? 5.713   10.444  14.408  1.00 47.64 ? 22  ARG A CZ  1 
ATOM   164  N  NH1 . ARG A 1 22  ? 5.230   11.179  13.479  1.00 52.01 ? 22  ARG A NH1 1 
ATOM   165  N  NH2 . ARG A 1 22  ? 6.327   10.975  15.425  1.00 50.98 ? 22  ARG A NH2 1 
ATOM   166  N  N   . THR A 1 23  ? 1.034   7.714   16.276  1.00 33.64 ? 23  THR A N   1 
ATOM   167  C  CA  . THR A 1 23  ? 0.899   6.646   17.252  1.00 36.49 ? 23  THR A CA  1 
ATOM   168  C  C   . THR A 1 23  ? -0.496  6.019   17.175  1.00 29.55 ? 23  THR A C   1 
ATOM   169  O  O   . THR A 1 23  ? -0.641  4.805   17.290  1.00 34.34 ? 23  THR A O   1 
ATOM   170  C  CB  . THR A 1 23  ? 1.219   7.155   18.678  1.00 39.88 ? 23  THR A CB  1 
ATOM   171  O  OG1 . THR A 1 23  ? 2.632   7.066   18.907  1.00 46.68 ? 23  THR A OG1 1 
ATOM   172  C  CG2 . THR A 1 23  ? 0.508   6.331   19.722  1.00 46.24 ? 23  THR A CG2 1 
ATOM   173  N  N   . ALA A 1 24  ? -1.510  6.849   16.947  1.00 38.78 ? 24  ALA A N   1 
ATOM   174  C  CA  . ALA A 1 24  ? -2.884  6.362   16.824  1.00 37.75 ? 24  ALA A CA  1 
ATOM   175  C  C   . ALA A 1 24  ? -3.025  5.438   15.617  1.00 26.51 ? 24  ALA A C   1 
ATOM   176  O  O   . ALA A 1 24  ? -3.638  4.372   15.711  1.00 34.70 ? 24  ALA A O   1 
ATOM   177  C  CB  . ALA A 1 24  ? -3.852  7.527   16.715  1.00 43.53 ? 24  ALA A CB  1 
ATOM   178  N  N   . ILE A 1 25  ? -2.463  5.861   14.484  1.00 27.82 ? 25  ILE A N   1 
ATOM   179  C  CA  . ILE A 1 25  ? -2.497  5.075   13.255  1.00 30.12 ? 25  ILE A CA  1 
ATOM   180  C  C   . ILE A 1 25  ? -1.696  3.778   13.392  1.00 29.60 ? 25  ILE A C   1 
ATOM   181  O  O   . ILE A 1 25  ? -2.214  2.696   13.128  1.00 24.66 ? 25  ILE A O   1 
ATOM   182  C  CB  . ILE A 1 25  ? -1.986  5.898   12.051  1.00 28.47 ? 25  ILE A CB  1 
ATOM   183  C  CG1 . ILE A 1 25  ? -2.938  7.064   11.765  1.00 30.94 ? 25  ILE A CG1 1 
ATOM   184  C  CG2 . ILE A 1 25  ? -1.835  5.016   10.824  1.00 27.95 ? 25  ILE A CG2 1 
ATOM   185  C  CD1 . ILE A 1 25  ? -2.475  7.986   10.651  1.00 28.82 ? 25  ILE A CD1 1 
ATOM   186  N  N   . ILE A 1 26  ? -0.440  3.885   13.824  1.00 25.62 ? 26  ILE A N   1 
ATOM   187  C  CA  . ILE A 1 26  ? 0.414   2.705   13.953  1.00 23.85 ? 26  ILE A CA  1 
ATOM   188  C  C   . ILE A 1 26  ? -0.115  1.705   14.993  1.00 26.09 ? 26  ILE A C   1 
ATOM   189  O  O   . ILE A 1 26  ? -0.108  0.495   14.755  1.00 25.67 ? 26  ILE A O   1 
ATOM   190  C  CB  . ILE A 1 26  ? 1.894   3.085   14.233  1.00 30.08 ? 26  ILE A CB  1 
ATOM   191  C  CG1 . ILE A 1 26  ? 2.479   3.883   13.064  1.00 26.60 ? 26  ILE A CG1 1 
ATOM   192  C  CG2 . ILE A 1 26  ? 2.734   1.842   14.487  1.00 33.91 ? 26  ILE A CG2 1 
ATOM   193  C  CD1 . ILE A 1 26  ? 2.654   3.071   11.794  1.00 27.36 ? 26  ILE A CD1 1 
ATOM   194  N  N   A SER A 1 27  ? -0.609  2.233   16.099  0.50 28.60 ? 27  SER A N   1 
ATOM   195  N  N   B SER A 1 27  ? -0.662  2.185   16.052  0.50 28.60 ? 27  SER A N   1 
ATOM   196  C  CA  A SER A 1 27  ? -1.170  1.376   17.132  0.50 28.35 ? 27  SER A CA  1 
ATOM   197  C  CA  B SER A 1 27  ? -1.206  1.303   17.086  0.50 28.35 ? 27  SER A CA  1 
ATOM   198  C  C   A SER A 1 27  ? -2.403  0.614   16.696  0.50 27.12 ? 27  SER A C   1 
ATOM   199  C  C   B SER A 1 27  ? -2.440  0.548   16.597  0.50 27.12 ? 27  SER A C   1 
ATOM   200  O  O   A SER A 1 27  ? -2.579  -0.532  17.017  0.50 26.21 ? 27  SER A O   1 
ATOM   201  O  O   B SER A 1 27  ? -2.634  -0.625  16.927  0.50 26.21 ? 27  SER A O   1 
ATOM   202  C  CB  A SER A 1 27  ? -1.513  2.225   18.387  0.50 31.36 ? 27  SER A CB  1 
ATOM   203  C  CB  B SER A 1 27  ? -1.537  2.085   18.364  0.50 31.36 ? 27  SER A CB  1 
ATOM   204  O  OG  A SER A 1 27  ? -2.084  1.383   19.378  0.50 40.83 ? 27  SER A OG  1 
ATOM   205  O  OG  B SER A 1 27  ? -2.564  3.034   18.123  0.50 40.83 ? 27  SER A OG  1 
ATOM   206  N  N   . ALA A 1 28  ? -3.204  1.251   15.879  1.00 27.28 ? 28  ALA A N   1 
ATOM   207  C  CA  . ALA A 1 28  ? -4.412  0.639   15.337  1.00 25.42 ? 28  ALA A CA  1 
ATOM   208  C  C   . ALA A 1 28  ? -4.087  -0.419  14.292  1.00 25.86 ? 28  ALA A C   1 
ATOM   209  O  O   . ALA A 1 28  ? -4.656  -1.512  14.311  1.00 26.14 ? 28  ALA A O   1 
ATOM   210  C  CB  . ALA A 1 28  ? -5.337  1.703   14.748  1.00 27.75 ? 28  ALA A CB  1 
ATOM   211  N  N   . ILE A 1 29  ? -3.180  -0.106  13.370  1.00 25.40 ? 29  ILE A N   1 
ATOM   212  C  CA  . ILE A 1 29  ? -2.875  -1.072  12.320  1.00 26.95 ? 29  ILE A CA  1 
ATOM   213  C  C   . ILE A 1 29  ? -2.204  -2.331  12.886  1.00 26.84 ? 29  ILE A C   1 
ATOM   214  O  O   . ILE A 1 29  ? -2.328  -3.411  12.321  1.00 26.77 ? 29  ILE A O   1 
ATOM   215  C  CB  . ILE A 1 29  ? -2.119  -0.447  11.108  1.00 33.47 ? 29  ILE A CB  1 
ATOM   216  C  CG1 . ILE A 1 29  ? -0.676  -0.065  11.444  1.00 32.41 ? 29  ILE A CG1 1 
ATOM   217  C  CG2 . ILE A 1 29  ? -2.876  0.765   10.560  1.00 30.49 ? 29  ILE A CG2 1 
ATOM   218  C  CD1 . ILE A 1 29  ? 0.069   0.513   10.227  1.00 29.57 ? 29  ILE A CD1 1 
ATOM   219  N  N   . THR A 1 30  ? -1.551  -2.202  14.041  1.00 27.63 ? 30  THR A N   1 
ATOM   220  C  CA  . THR A 1 30  ? -0.954  -3.358  14.704  1.00 27.00 ? 30  THR A CA  1 
ATOM   221  C  C   . THR A 1 30  ? -1.826  -3.870  15.851  1.00 29.83 ? 30  THR A C   1 
ATOM   222  O  O   . THR A 1 30  ? -1.386  -4.686  16.665  1.00 30.33 ? 30  THR A O   1 
ATOM   223  C  CB  . THR A 1 30  ? 0.458   -3.038  15.239  1.00 27.85 ? 30  THR A CB  1 
ATOM   224  O  OG1 . THR A 1 30  ? 0.371   -2.042  16.263  1.00 28.95 ? 30  THR A OG1 1 
ATOM   225  C  CG2 . THR A 1 30  ? 1.355   -2.534  14.118  1.00 30.37 ? 30  THR A CG2 1 
ATOM   226  N  N   . GLY A 1 31  ? -3.065  -3.396  15.910  1.00 21.91 ? 31  GLY A N   1 
ATOM   227  C  CA  . GLY A 1 31  ? -3.952  -3.751  17.004  1.00 24.08 ? 31  GLY A CA  1 
ATOM   228  C  C   . GLY A 1 31  ? -5.024  -4.777  16.680  1.00 21.91 ? 31  GLY A C   1 
ATOM   229  O  O   . GLY A 1 31  ? -5.953  -4.972  17.473  1.00 26.03 ? 31  GLY A O   1 
ATOM   230  N  N   . GLY A 1 32  ? -4.917  -5.434  15.524  1.00 21.88 ? 32  GLY A N   1 
ATOM   231  C  CA  . GLY A 1 32  ? -5.913  -6.412  15.131  1.00 20.67 ? 32  GLY A CA  1 
ATOM   232  C  C   . GLY A 1 32  ? -6.881  -5.893  14.077  1.00 18.97 ? 32  GLY A C   1 
ATOM   233  O  O   . GLY A 1 32  ? -6.870  -4.696  13.750  1.00 20.83 ? 32  GLY A O   1 
ATOM   234  N  N   . LYS A 1 33  ? -7.711  -6.786  13.578  1.00 19.54 ? 33  LYS A N   1 
ATOM   235  C  CA  . LYS A 1 33  ? -8.597  -6.515  12.459  1.00 16.91 ? 33  LYS A CA  1 
ATOM   236  C  C   . LYS A 1 33  ? -9.594  -5.380  12.783  1.00 18.37 ? 33  LYS A C   1 
ATOM   237  O  O   . LYS A 1 33  ? -9.706  -4.519  12.031  1.00 18.52 ? 33  LYS A O   1 
ATOM   238  C  CB  . LYS A 1 33  ? -9.305  -7.777  11.940  1.00 19.57 ? 33  LYS A CB  1 
ATOM   239  C  CG  . LYS A 1 33  ? -10.253 -7.545  10.733  1.00 22.11 ? 33  LYS A CG  1 
ATOM   240  C  CD  . LYS A 1 33  ? -10.788 -8.818  10.146  1.00 30.05 ? 33  LYS A CD  1 
ATOM   241  C  CE  . LYS A 1 33  ? -11.826 -9.376  10.951  1.00 30.83 ? 33  LYS A CE  1 
ATOM   242  N  NZ  . LYS A 1 33  ? -12.368 -10.562 10.316  1.00 40.13 ? 33  LYS A NZ  1 
ATOM   243  N  N   . SER A 1 34  ? -10.269 -5.461  13.922  1.00 18.57 ? 34  SER A N   1 
ATOM   244  C  CA  . SER A 1 34  ? -11.253 -4.455  14.307  1.00 21.73 ? 34  SER A CA  1 
ATOM   245  C  C   . SER A 1 34  ? -10.621 -3.071  14.452  1.00 21.06 ? 34  SER A C   1 
ATOM   246  O  O   . SER A 1 34  ? -11.164 -2.077  13.974  1.00 20.44 ? 34  SER A O   1 
ATOM   247  C  CB  . SER A 1 34  ? -11.946 -4.870  15.605  1.00 18.09 ? 34  SER A CB  1 
ATOM   248  O  OG  . SER A 1 34  ? -12.807 -5.969  15.364  1.00 28.38 ? 34  SER A OG  1 
ATOM   249  N  N   . ALA A 1 35  ? -9.463  -3.007  15.101  1.00 19.23 ? 35  ALA A N   1 
ATOM   250  C  CA  . ALA A 1 35  ? -8.746  -1.751  15.241  1.00 22.16 ? 35  ALA A CA  1 
ATOM   251  C  C   . ALA A 1 35  ? -8.359  -1.164  13.878  1.00 20.13 ? 35  ALA A C   1 
ATOM   252  O  O   . ALA A 1 35  ? -8.541  0.030   13.640  1.00 20.72 ? 35  ALA A O   1 
ATOM   253  C  CB  . ALA A 1 35  ? -7.519  -1.939  16.118  1.00 20.39 ? 35  ALA A CB  1 
ATOM   254  N  N   . CYS A 1 36  ? -7.838  -1.998  12.979  1.00 17.15 ? 36  CYS A N   1 
ATOM   255  C  CA  . CYS A 1 36  ? -7.366  -1.500  11.695  1.00 18.53 ? 36  CYS A CA  1 
ATOM   256  C  C   . CYS A 1 36  ? -8.537  -1.017  10.842  1.00 19.29 ? 36  CYS A C   1 
ATOM   257  O  O   . CYS A 1 36  ? -8.438  0.011   10.158  1.00 19.91 ? 36  CYS A O   1 
ATOM   258  C  CB  . CYS A 1 36  ? -6.544  -2.573  10.982  1.00 20.49 ? 36  CYS A CB  1 
ATOM   259  S  SG  . CYS A 1 36  ? -5.607  -1.957  9.590   1.00 23.15 ? 36  CYS A SG  1 
ATOM   260  N  N   . LYS A 1 37  ? -9.633  -1.744  10.920  1.00 19.86 ? 37  LYS A N   1 
ATOM   261  C  CA  . LYS A 1 37  ? -10.805 -1.384  10.204  1.00 20.47 ? 37  LYS A CA  1 
ATOM   262  C  C   . LYS A 1 37  ? -11.274 0.017   10.631  1.00 18.56 ? 37  LYS A C   1 
ATOM   263  O  O   . LYS A 1 37  ? -11.717 0.794   9.892   1.00 19.69 ? 37  LYS A O   1 
ATOM   264  C  CB  . LYS A 1 37  ? -11.913 -2.419  10.367  1.00 21.22 ? 37  LYS A CB  1 
ATOM   265  C  CG  . LYS A 1 37  ? -11.673 -3.632  9.565   1.00 24.37 ? 37  LYS A CG  1 
ATOM   266  C  CD  . LYS A 1 37  ? -12.666 -4.699  9.796   1.00 30.37 ? 37  LYS A CD  1 
ATOM   267  C  CE  . LYS A 1 37  ? -13.889 -4.397  9.158   1.00 36.47 ? 37  LYS A CE  1 
ATOM   268  N  NZ  . LYS A 1 37  ? -14.665 -5.647  8.823   1.00 41.53 ? 37  LYS A NZ  1 
ATOM   269  N  N   A SER A 1 38  ? -11.372 0.196   11.962  0.50 18.94 ? 38  SER A N   1 
ATOM   270  N  N   B SER A 1 38  ? -11.434 0.172   11.886  0.50 18.94 ? 38  SER A N   1 
ATOM   271  C  CA  A SER A 1 38  ? -11.725 1.496   12.517  0.50 20.07 ? 38  SER A CA  1 
ATOM   272  C  CA  B SER A 1 38  ? -11.786 1.473   12.442  0.50 20.07 ? 38  SER A CA  1 
ATOM   273  C  C   A SER A 1 38  ? -10.788 2.606   12.064  0.50 19.44 ? 38  SER A C   1 
ATOM   274  C  C   B SER A 1 38  ? -10.850 2.582   11.989  0.50 19.44 ? 38  SER A C   1 
ATOM   275  O  O   A SER A 1 38  ? -11.245 3.697   11.729  0.50 21.01 ? 38  SER A O   1 
ATOM   276  O  O   B SER A 1 38  ? -11.307 3.674   11.654  0.50 21.01 ? 38  SER A O   1 
ATOM   277  C  CB  A SER A 1 38  ? -11.765 1.420   14.040  0.50 27.80 ? 38  SER A CB  1 
ATOM   278  C  CB  B SER A 1 38  ? -11.827 1.396   13.965  0.50 27.80 ? 38  SER A CB  1 
ATOM   279  O  OG  A SER A 1 38  ? -12.827 0.582   14.448  0.50 31.49 ? 38  SER A OG  1 
ATOM   280  O  OG  B SER A 1 38  ? -12.124 2.668   14.499  0.50 31.49 ? 38  SER A OG  1 
ATOM   281  N  N   . ALA A 1 39  ? -9.486  2.323   12.045  1.00 20.52 ? 39  ALA A N   1 
ATOM   282  C  CA  . ALA A 1 39  ? -8.513  3.294   11.567  1.00 20.57 ? 39  ALA A CA  1 
ATOM   283  C  C   . ALA A 1 39  ? -8.730  3.621   10.082  1.00 17.20 ? 39  ALA A C   1 
ATOM   284  O  O   . ALA A 1 39  ? -8.550  4.768   9.670   1.00 19.96 ? 39  ALA A O   1 
ATOM   285  C  CB  . ALA A 1 39  ? -7.100  2.801   11.808  1.00 21.17 ? 39  ALA A CB  1 
ATOM   286  N  N   . ALA A 1 40  ? -9.131  2.631   9.283   1.00 17.06 ? 40  ALA A N   1 
ATOM   287  C  CA  . ALA A 1 40  ? -9.342  2.876   7.862   1.00 19.59 ? 40  ALA A CA  1 
ATOM   288  C  C   . ALA A 1 40  ? -10.538 3.790   7.636   1.00 20.36 ? 40  ALA A C   1 
ATOM   289  O  O   . ALA A 1 40  ? -10.512 4.653   6.758   1.00 19.28 ? 40  ALA A O   1 
ATOM   290  C  CB  . ALA A 1 40  ? -9.492  1.568   7.113   1.00 17.51 ? 40  ALA A CB  1 
ATOM   291  N  N   . LYS A 1 41  ? -11.563 3.658   8.426   1.00 20.59 ? 41  LYS A N   1 
ATOM   292  C  CA  . LYS A 1 41  ? -12.708 4.505   8.361   1.00 21.03 ? 41  LYS A CA  1 
ATOM   293  C  C   . LYS A 1 41  ? -12.345 5.927   8.769   1.00 19.39 ? 41  LYS A C   1 
ATOM   294  O  O   . LYS A 1 41  ? -12.723 6.816   8.153   1.00 22.23 ? 41  LYS A O   1 
ATOM   295  C  CB  . LYS A 1 41  ? -13.812 3.955   9.264   1.00 23.19 ? 41  LYS A CB  1 
ATOM   296  C  CG  . LYS A 1 41  ? -15.062 4.708   9.154   1.00 29.20 ? 41  LYS A CG  1 
ATOM   297  C  CD  . LYS A 1 41  ? -16.248 4.142   9.911   1.00 35.01 ? 41  LYS A CD  1 
ATOM   298  C  CE  . LYS A 1 41  ? -17.342 5.191   9.825   1.00 44.87 ? 41  LYS A CE  1 
ATOM   299  N  NZ  . LYS A 1 41  ? -18.449 4.618   9.093   1.00 54.31 ? 41  LYS A NZ  1 
ATOM   300  N  N   . LEU A 1 42  ? -11.556 6.087   9.784   1.00 18.45 ? 42  LEU A N   1 
ATOM   301  C  CA  . LEU A 1 42  ? -11.055 7.388   10.208  1.00 19.57 ? 42  LEU A CA  1 
ATOM   302  C  C   . LEU A 1 42  ? -10.277 8.060   9.079   1.00 18.58 ? 42  LEU A C   1 
ATOM   303  O  O   . LEU A 1 42  ? -10.464 9.251   8.806   1.00 19.63 ? 42  LEU A O   1 
ATOM   304  C  CB  . LEU A 1 42  ? -10.165 7.207   11.436  1.00 23.03 ? 42  LEU A CB  1 
ATOM   305  C  CG  . LEU A 1 42  ? -9.345  8.395   11.926  1.00 22.88 ? 42  LEU A CG  1 
ATOM   306  C  CD1 . LEU A 1 42  ? -10.265 9.549   12.334  1.00 24.50 ? 42  LEU A CD1 1 
ATOM   307  C  CD2 . LEU A 1 42  ? -8.435  7.990   13.091  1.00 25.30 ? 42  LEU A CD2 1 
ATOM   308  N  N   . ILE A 1 43  ? -9.405  7.282   8.444   1.00 19.63 ? 43  ILE A N   1 
ATOM   309  C  CA  . ILE A 1 43  ? -8.603  7.754   7.320   1.00 17.77 ? 43  ILE A CA  1 
ATOM   310  C  C   . ILE A 1 43  ? -9.477  8.227   6.169   1.00 20.06 ? 43  ILE A C   1 
ATOM   311  O  O   . ILE A 1 43  ? -9.300  9.351   5.676   1.00 18.37 ? 43  ILE A O   1 
ATOM   312  C  CB  . ILE A 1 43  ? -7.658  6.640   6.805   1.00 18.26 ? 43  ILE A CB  1 
ATOM   313  C  CG1 . ILE A 1 43  ? -6.542  6.381   7.815   1.00 23.09 ? 43  ILE A CG1 1 
ATOM   314  C  CG2 . ILE A 1 43  ? -7.046  7.018   5.448   1.00 20.79 ? 43  ILE A CG2 1 
ATOM   315  C  CD1 . ILE A 1 43  ? -5.623  7.568   8.023   1.00 24.59 ? 43  ILE A CD1 1 
ATOM   316  N  N   . LYS A 1 44  ? -10.388 7.402   5.716   1.00 18.60 ? 44  LYS A N   1 
ATOM   317  C  CA  . LYS A 1 44  ? -11.216 7.753   4.578   1.00 19.70 ? 44  LYS A CA  1 
ATOM   318  C  C   . LYS A 1 44  ? -12.176 8.910   4.823   1.00 19.65 ? 44  LYS A C   1 
ATOM   319  O  O   . LYS A 1 44  ? -12.551 9.585   3.943   1.00 22.53 ? 44  LYS A O   1 
ATOM   320  C  CB  . LYS A 1 44  ? -11.930 6.548   3.921   1.00 27.76 ? 44  LYS A CB  1 
ATOM   321  C  CG  . LYS A 1 44  ? -13.278 6.240   4.463   1.00 27.11 ? 44  LYS A CG  1 
ATOM   322  C  CD  . LYS A 1 44  ? -14.059 5.067   3.784   1.00 39.43 ? 44  LYS A CD  1 
ATOM   323  C  CE  . LYS A 1 44  ? -14.613 5.481   2.462   1.00 45.53 ? 44  LYS A CE  1 
ATOM   324  N  NZ  . LYS A 1 44  ? -16.065 5.762   2.491   1.00 46.72 ? 44  LYS A NZ  1 
ATOM   325  N  N   . ASN A 1 45  ? -12.521 9.116   6.064   1.00 21.47 ? 45  ASN A N   1 
ATOM   326  C  CA  . ASN A 1 45  ? -13.332 10.239  6.390   1.00 20.42 ? 45  ASN A CA  1 
ATOM   327  C  C   . ASN A 1 45  ? -12.539 11.516  6.626   1.00 19.92 ? 45  ASN A C   1 
ATOM   328  O  O   . ASN A 1 45  ? -13.069 12.524  6.830   1.00 23.47 ? 45  ASN A O   1 
ATOM   329  C  CB  . ASN A 1 45  ? -14.252 9.928   7.557   1.00 22.13 ? 45  ASN A CB  1 
ATOM   330  C  CG  . ASN A 1 45  ? -15.314 8.978   7.210   1.00 25.34 ? 45  ASN A CG  1 
ATOM   331  O  OD1 . ASN A 1 45  ? -15.834 8.960   6.197   1.00 34.80 ? 45  ASN A OD1 1 
ATOM   332  N  ND2 . ASN A 1 45  ? -15.658 8.241   8.118   1.00 37.25 ? 45  ASN A ND2 1 
ATOM   333  N  N   . GLU A 1 46  ? -11.245 11.417  6.573   1.00 18.95 ? 46  GLU A N   1 
ATOM   334  C  CA  . GLU A 1 46  ? -10.379 12.564  6.565   1.00 21.46 ? 46  GLU A CA  1 
ATOM   335  C  C   . GLU A 1 46  ? -10.595 13.522  7.731   1.00 20.82 ? 46  GLU A C   1 
ATOM   336  O  O   . GLU A 1 46  ? -10.597 14.651  7.550   1.00 25.89 ? 46  GLU A O   1 
ATOM   337  C  CB  . GLU A 1 46  ? -10.452 13.273  5.209   1.00 20.27 ? 46  GLU A CB  1 
ATOM   338  C  CG  . GLU A 1 46  ? -9.912  12.396  4.012   1.00 22.25 ? 46  GLU A CG  1 
ATOM   339  C  CD  . GLU A 1 46  ? -9.754  13.089  2.705   1.00 24.98 ? 46  GLU A CD  1 
ATOM   340  O  OE1 . GLU A 1 46  ? -8.710  13.599  2.497   1.00 27.03 ? 46  GLU A OE1 1 
ATOM   341  O  OE2 . GLU A 1 46  ? -10.646 13.031  1.984   1.00 24.50 ? 46  GLU A OE2 1 
ATOM   342  N  N   . HIS A 1 47  ? -10.677 12.988  8.923   1.00 23.87 ? 47  HIS A N   1 
ATOM   343  C  CA  . HIS A 1 47  ? -10.769 13.768  10.154  1.00 22.52 ? 47  HIS A CA  1 
ATOM   344  C  C   . HIS A 1 47  ? -9.381  14.162  10.654  1.00 27.38 ? 47  HIS A C   1 
ATOM   345  O  O   . HIS A 1 47  ? -9.222  15.194  11.304  1.00 29.03 ? 47  HIS A O   1 
ATOM   346  C  CB  . HIS A 1 47  ? -11.501 12.973  11.237  1.00 27.11 ? 47  HIS A CB  1 
ATOM   347  C  CG  . HIS A 1 47  ? -12.939 12.691  10.924  1.00 25.01 ? 47  HIS A CG  1 
ATOM   348  N  ND1 . HIS A 1 47  ? -13.808 13.654  10.452  1.00 28.19 ? 47  HIS A ND1 1 
ATOM   349  C  CD2 . HIS A 1 47  ? -13.664 11.553  11.032  1.00 30.47 ? 47  HIS A CD2 1 
ATOM   350  C  CE1 . HIS A 1 47  ? -15.001 13.115  10.271  1.00 30.54 ? 47  HIS A CE1 1 
ATOM   351  N  NE2 . HIS A 1 47  ? -14.942 11.842  10.621  1.00 29.44 ? 47  HIS A NE2 1 
ATOM   352  N  N   . LEU A 1 48  ? -8.378  13.336  10.360  1.00 24.83 ? 48  LEU A N   1 
ATOM   353  C  CA  . LEU A 1 48  ? -7.008  13.631  10.771  1.00 21.12 ? 48  LEU A CA  1 
ATOM   354  C  C   . LEU A 1 48  ? -6.368  14.605  9.797   1.00 23.15 ? 48  LEU A C   1 
ATOM   355  O  O   . LEU A 1 48  ? -6.721  14.624  8.615   1.00 24.07 ? 48  LEU A O   1 
ATOM   356  C  CB  . LEU A 1 48  ? -6.183  12.350  10.826  1.00 23.73 ? 48  LEU A CB  1 
ATOM   357  C  CG  . LEU A 1 48  ? -6.700  11.266  11.764  1.00 23.78 ? 48  LEU A CG  1 
ATOM   358  C  CD1 . LEU A 1 48  ? -5.850  10.018  11.629  1.00 26.30 ? 48  LEU A CD1 1 
ATOM   359  C  CD2 . LEU A 1 48  ? -6.682  11.762  13.190  1.00 25.81 ? 48  LEU A CD2 1 
ATOM   360  N  N   . PRO A 1 49  ? -5.426  15.422  10.285  1.00 21.99 ? 49  PRO A N   1 
ATOM   361  C  CA  . PRO A 1 49  ? -4.793  16.406  9.405   1.00 24.41 ? 49  PRO A CA  1 
ATOM   362  C  C   . PRO A 1 49  ? -3.693  15.790  8.558   1.00 30.78 ? 49  PRO A C   1 
ATOM   363  O  O   . PRO A 1 49  ? -2.505  16.036  8.790   1.00 42.62 ? 49  PRO A O   1 
ATOM   364  C  CB  . PRO A 1 49  ? -4.218  17.438  10.384  1.00 30.05 ? 49  PRO A CB  1 
ATOM   365  C  CG  . PRO A 1 49  ? -3.981  16.674  11.628  1.00 29.01 ? 49  PRO A CG  1 
ATOM   366  C  CD  . PRO A 1 49  ? -5.076  15.641  11.701  1.00 26.18 ? 49  PRO A CD  1 
ATOM   367  N  N   . LEU A 1 50  ? -4.102  14.998  7.573   1.00 22.18 ? 50  LEU A N   1 
ATOM   368  C  CA  . LEU A 1 50  ? -3.179  14.390  6.621   1.00 21.64 ? 50  LEU A CA  1 
ATOM   369  C  C   . LEU A 1 50  ? -3.367  15.045  5.261   1.00 25.47 ? 50  LEU A C   1 
ATOM   370  O  O   . LEU A 1 50  ? -4.478  15.464  4.908   1.00 23.78 ? 50  LEU A O   1 
ATOM   371  C  CB  . LEU A 1 50  ? -3.469  12.893  6.472   1.00 21.33 ? 50  LEU A CB  1 
ATOM   372  C  CG  . LEU A 1 50  ? -3.307  11.979  7.689   1.00 22.80 ? 50  LEU A CG  1 
ATOM   373  C  CD1 . LEU A 1 50  ? -3.812  10.583  7.386   1.00 28.05 ? 50  LEU A CD1 1 
ATOM   374  C  CD2 . LEU A 1 50  ? -1.852  11.937  8.119   1.00 27.41 ? 50  LEU A CD2 1 
ATOM   375  N  N   . MET A 1 51  ? -2.289  15.124  4.492   1.00 24.59 ? 51  MET A N   1 
ATOM   376  C  CA  . MET A 1 51  ? -2.398  15.502  3.091   1.00 24.62 ? 51  MET A CA  1 
ATOM   377  C  C   . MET A 1 51  ? -3.160  14.410  2.338   1.00 26.31 ? 51  MET A C   1 
ATOM   378  O  O   . MET A 1 51  ? -3.247  13.261  2.801   1.00 23.13 ? 51  MET A O   1 
ATOM   379  C  CB  . MET A 1 51  ? -1.014  15.723  2.476   1.00 25.35 ? 51  MET A CB  1 
ATOM   380  C  CG  . MET A 1 51  ? -0.285  16.949  3.003   1.00 27.95 ? 51  MET A CG  1 
ATOM   381  S  SD  . MET A 1 51  ? -1.242  18.467  2.761   1.00 28.44 ? 51  MET A SD  1 
ATOM   382  C  CE  . MET A 1 51  ? -0.075  19.708  3.345   1.00 26.99 ? 51  MET A CE  1 
ATOM   383  N  N   . SER A 1 52  ? -3.734  14.772  1.193   1.00 21.09 ? 52  SER A N   1 
ATOM   384  C  CA  . SER A 1 52  ? -4.568  13.851  0.425   1.00 23.76 ? 52  SER A CA  1 
ATOM   385  C  C   . SER A 1 52  ? -3.811  12.566  0.085   1.00 27.19 ? 52  SER A C   1 
ATOM   386  O  O   . SER A 1 52  ? -4.338  11.463  0.266   1.00 24.57 ? 52  SER A O   1 
ATOM   387  C  CB  . SER A 1 52  ? -5.080  14.538  -0.845  1.00 21.26 ? 52  SER A CB  1 
ATOM   388  O  OG  . SER A 1 52  ? -6.017  13.718  -1.529  1.00 27.30 ? 52  SER A OG  1 
ATOM   389  N  N   . GLY A 1 53  ? -2.566  12.717  -0.367  1.00 21.88 ? 53  GLY A N   1 
ATOM   390  C  CA  . GLY A 1 53  ? -1.726  11.577  -0.699  1.00 20.90 ? 53  GLY A CA  1 
ATOM   391  C  C   . GLY A 1 53  ? -1.393  10.711  0.503   1.00 22.25 ? 53  GLY A C   1 
ATOM   392  O  O   . GLY A 1 53  ? -1.274  9.495   0.377   1.00 22.96 ? 53  GLY A O   1 
ATOM   393  N  N   . GLU A 1 54  ? -1.239  11.330  1.670   1.00 21.45 ? 54  GLU A N   1 
ATOM   394  C  CA  . GLU A 1 54  ? -0.950  10.588  2.889   1.00 22.13 ? 54  GLU A CA  1 
ATOM   395  C  C   . GLU A 1 54  ? -2.151  9.740   3.285   1.00 22.07 ? 54  GLU A C   1 
ATOM   396  O  O   . GLU A 1 54  ? -2.003  8.573   3.650   1.00 19.80 ? 54  GLU A O   1 
ATOM   397  C  CB  . GLU A 1 54  ? -0.546  11.542  4.012   1.00 21.97 ? 54  GLU A CB  1 
ATOM   398  C  CG  . GLU A 1 54  ? 0.788   12.218  3.721   1.00 25.26 ? 54  GLU A CG  1 
ATOM   399  C  CD  . GLU A 1 54  ? 1.160   13.286  4.724   1.00 26.32 ? 54  GLU A CD  1 
ATOM   400  O  OE1 . GLU A 1 54  ? 0.255   13.860  5.382   1.00 30.71 ? 54  GLU A OE1 1 
ATOM   401  O  OE2 . GLU A 1 54  ? 2.376   13.557  4.853   1.00 33.76 ? 54  GLU A OE2 1 
ATOM   402  N  N   . ALA A 1 55  ? -3.343  10.326  3.185   1.00 19.95 ? 55  ALA A N   1 
ATOM   403  C  CA  . ALA A 1 55  ? -4.559  9.587   3.500   1.00 20.10 ? 55  ALA A CA  1 
ATOM   404  C  C   . ALA A 1 55  ? -4.763  8.392   2.568   1.00 18.20 ? 55  ALA A C   1 
ATOM   405  O  O   . ALA A 1 55  ? -5.004  7.280   3.045   1.00 18.67 ? 55  ALA A O   1 
ATOM   406  C  CB  . ALA A 1 55  ? -5.764  10.501  3.485   1.00 20.30 ? 55  ALA A CB  1 
ATOM   407  N  N   . THR A 1 56  ? -4.656  8.616   1.256   1.00 17.71 ? 56  THR A N   1 
ATOM   408  C  CA  . THR A 1 56  ? -4.807  7.498   0.317   1.00 17.33 ? 56  THR A CA  1 
ATOM   409  C  C   . THR A 1 56  ? -3.736  6.429   0.549   1.00 21.25 ? 56  THR A C   1 
ATOM   410  O  O   . THR A 1 56  ? -4.040  5.229   0.528   1.00 19.84 ? 56  THR A O   1 
ATOM   411  C  CB  . THR A 1 56  ? -4.869  7.950   -1.172  1.00 21.01 ? 56  THR A CB  1 
ATOM   412  O  OG1 . THR A 1 56  ? -3.679  8.668   -1.531  1.00 21.95 ? 56  THR A OG1 1 
ATOM   413  C  CG2 . THR A 1 56  ? -6.104  8.829   -1.408  1.00 21.55 ? 56  THR A CG2 1 
ATOM   414  N  N   . THR A 1 57  ? -2.499  6.848   0.814   1.00 19.27 ? 57  THR A N   1 
ATOM   415  C  CA  . THR A 1 57  ? -1.429  5.885   1.058   1.00 18.59 ? 57  THR A CA  1 
ATOM   416  C  C   . THR A 1 57  ? -1.736  4.999   2.265   1.00 16.23 ? 57  THR A C   1 
ATOM   417  O  O   . THR A 1 57  ? -1.588  3.773   2.219   1.00 19.38 ? 57  THR A O   1 
ATOM   418  C  CB  . THR A 1 57  ? -0.076  6.592   1.243   1.00 21.25 ? 57  THR A CB  1 
ATOM   419  O  OG1 . THR A 1 57  ? 0.314   7.192   0.000   1.00 21.43 ? 57  THR A OG1 1 
ATOM   420  C  CG2 . THR A 1 57  ? 0.996   5.591   1.652   1.00 20.07 ? 57  THR A CG2 1 
ATOM   421  N  N   . MET A 1 58  ? -2.213  5.626   3.336   1.00 18.23 ? 58  MET A N   1 
ATOM   422  C  CA  . MET A 1 58  ? -2.556  4.885   4.538   1.00 19.09 ? 58  MET A CA  1 
ATOM   423  C  C   . MET A 1 58  ? -3.743  3.952   4.347   1.00 18.74 ? 58  MET A C   1 
ATOM   424  O  O   . MET A 1 58  ? -3.754  2.851   4.905   1.00 18.43 ? 58  MET A O   1 
ATOM   425  C  CB  . MET A 1 58  ? -2.775  5.835   5.719   1.00 20.75 ? 58  MET A CB  1 
ATOM   426  C  CG  . MET A 1 58  ? -1.506  6.556   6.144   1.00 21.34 ? 58  MET A CG  1 
ATOM   427  S  SD  . MET A 1 58  ? -0.208  5.405   6.630   1.00 29.22 ? 58  MET A SD  1 
ATOM   428  C  CE  . MET A 1 58  ? 0.750   5.198   5.135   1.00 35.23 ? 58  MET A CE  1 
ATOM   429  N  N   . HIS A 1 59  ? -4.727  4.362   3.553   1.00 16.63 ? 59  HIS A N   1 
ATOM   430  C  CA  . HIS A 1 59  ? -5.855  3.472   3.292   1.00 16.10 ? 59  HIS A CA  1 
ATOM   431  C  C   . HIS A 1 59  ? -5.408  2.228   2.521   1.00 16.25 ? 59  HIS A C   1 
ATOM   432  O  O   . HIS A 1 59  ? -5.886  1.135   2.771   1.00 16.85 ? 59  HIS A O   1 
ATOM   433  C  CB  . HIS A 1 59  ? -6.986  4.189   2.549   1.00 18.38 ? 59  HIS A CB  1 
ATOM   434  C  CG  . HIS A 1 59  ? -8.314  3.530   2.726   1.00 16.46 ? 59  HIS A CG  1 
ATOM   435  N  ND1 . HIS A 1 59  ? -8.830  2.631   1.816   1.00 18.32 ? 59  HIS A ND1 1 
ATOM   436  C  CD2 . HIS A 1 59  ? -9.219  3.610   3.728   1.00 20.08 ? 59  HIS A CD2 1 
ATOM   437  C  CE1 . HIS A 1 59  ? -10.005 2.203   2.241   1.00 21.13 ? 59  HIS A CE1 1 
ATOM   438  N  NE2 . HIS A 1 59  ? -10.266 2.783   3.401   1.00 20.78 ? 59  HIS A NE2 1 
ATOM   439  N  N   . ILE A 1 60  ? -4.495  2.415   1.578   1.00 15.39 ? 60  ILE A N   1 
ATOM   440  C  CA  . ILE A 1 60  ? -3.924  1.309   0.818   1.00 16.70 ? 60  ILE A CA  1 
ATOM   441  C  C   . ILE A 1 60  ? -3.179  0.357   1.757   1.00 16.81 ? 60  ILE A C   1 
ATOM   442  O  O   . ILE A 1 60  ? -3.358  -0.873  1.682   1.00 16.98 ? 60  ILE A O   1 
ATOM   443  C  CB  . ILE A 1 60  ? -3.010  1.837   -0.314  1.00 14.47 ? 60  ILE A CB  1 
ATOM   444  C  CG1 . ILE A 1 60  ? -3.862  2.531   -1.393  1.00 15.68 ? 60  ILE A CG1 1 
ATOM   445  C  CG2 . ILE A 1 60  ? -2.190  0.711   -0.924  1.00 17.04 ? 60  ILE A CG2 1 
ATOM   446  C  CD1 . ILE A 1 60  ? -3.083  3.470   -2.297  1.00 17.59 ? 60  ILE A CD1 1 
ATOM   447  N  N   . VAL A 1 61  ? -2.361  0.908   2.654   1.00 16.36 ? 61  VAL A N   1 
ATOM   448  C  CA  . VAL A 1 61  ? -1.677  0.077   3.639   1.00 17.47 ? 61  VAL A CA  1 
ATOM   449  C  C   . VAL A 1 61  ? -2.678  -0.756  4.454   1.00 19.27 ? 61  VAL A C   1 
ATOM   450  O  O   . VAL A 1 61  ? -2.508  -1.965  4.622   1.00 19.42 ? 61  VAL A O   1 
ATOM   451  C  CB  . VAL A 1 61  ? -0.827  0.936   4.597   1.00 18.99 ? 61  VAL A CB  1 
ATOM   452  C  CG1 . VAL A 1 61  ? -0.298  0.082   5.739   1.00 20.47 ? 61  VAL A CG1 1 
ATOM   453  C  CG2 . VAL A 1 61  ? 0.308   1.580   3.824   1.00 19.73 ? 61  VAL A CG2 1 
ATOM   454  N  N   . MET A 1 62  ? -3.757  -0.125  4.900   1.00 18.26 ? 62  MET A N   1 
ATOM   455  C  CA  . MET A 1 62  ? -4.718  -0.793  5.774   1.00 18.59 ? 62  MET A CA  1 
ATOM   456  C  C   . MET A 1 62  ? -5.532  -1.872  5.067   1.00 19.50 ? 62  MET A C   1 
ATOM   457  O  O   . MET A 1 62  ? -5.677  -2.984  5.587   1.00 18.44 ? 62  MET A O   1 
ATOM   458  C  CB  . MET A 1 62  ? -5.634  0.235   6.419   1.00 20.67 ? 62  MET A CB  1 
ATOM   459  C  CG  . MET A 1 62  ? -4.885  1.182   7.324   1.00 20.79 ? 62  MET A CG  1 
ATOM   460  S  SD  . MET A 1 62  ? -5.887  2.550   7.898   1.00 25.17 ? 62  MET A SD  1 
ATOM   461  C  CE  . MET A 1 62  ? -4.714  3.463   8.902   1.00 25.43 ? 62  MET A CE  1 
ATOM   462  N  N   . ARG A 1 63  ? -6.045  -1.563  3.884   1.00 20.04 ? 63  ARG A N   1 
ATOM   463  C  CA  . ARG A 1 63  ? -6.778  -2.555  3.097   1.00 21.44 ? 63  ARG A CA  1 
ATOM   464  C  C   . ARG A 1 63  ? -5.901  -3.740  2.683   1.00 21.38 ? 63  ARG A C   1 
ATOM   465  O  O   . ARG A 1 63  ? -6.387  -4.876  2.597   1.00 21.77 ? 63  ARG A O   1 
ATOM   466  C  CB  . ARG A 1 63  ? -7.441  -1.908  1.876   1.00 18.78 ? 63  ARG A CB  1 
ATOM   467  C  CG  . ARG A 1 63  ? -8.146  -2.907  0.961   1.00 18.86 ? 63  ARG A CG  1 
ATOM   468  C  CD  . ARG A 1 63  ? -9.177  -2.207  0.102   1.00 19.86 ? 63  ARG A CD  1 
ATOM   469  N  NE  . ARG A 1 63  ? -9.391  -2.891  -1.170  1.00 18.94 ? 63  ARG A NE  1 
ATOM   470  C  CZ  . ARG A 1 63  ? -10.307 -3.830  -1.390  1.00 22.50 ? 63  ARG A CZ  1 
ATOM   471  N  NH1 . ARG A 1 63  ? -11.109 -4.227  -0.412  1.00 20.78 ? 63  ARG A NH1 1 
ATOM   472  N  NH2 . ARG A 1 63  ? -10.418 -4.372  -2.600  1.00 21.05 ? 63  ARG A NH2 1 
ATOM   473  N  N   A CYS A 1 64  ? -4.625  -3.506  2.418   0.48 16.97 ? 64  CYS A N   1 
ATOM   474  N  N   B CYS A 1 64  ? -4.614  -3.479  2.436   0.52 16.95 ? 64  CYS A N   1 
ATOM   475  C  CA  A CYS A 1 64  ? -3.779  -4.634  2.054   0.48 20.87 ? 64  CYS A CA  1 
ATOM   476  C  CA  B CYS A 1 64  ? -3.661  -4.543  2.098   0.52 20.79 ? 64  CYS A CA  1 
ATOM   477  C  C   A CYS A 1 64  ? -3.457  -5.534  3.264   0.48 20.76 ? 64  CYS A C   1 
ATOM   478  C  C   B CYS A 1 64  ? -3.500  -5.520  3.263   0.52 20.76 ? 64  CYS A C   1 
ATOM   479  O  O   A CYS A 1 64  ? -3.163  -6.718  3.104   0.48 21.54 ? 64  CYS A O   1 
ATOM   480  O  O   B CYS A 1 64  ? -3.352  -6.727  3.071   0.52 21.20 ? 64  CYS A O   1 
ATOM   481  C  CB  A CYS A 1 64  ? -2.547  -4.169  1.265   0.48 23.88 ? 64  CYS A CB  1 
ATOM   482  C  CB  B CYS A 1 64  ? -2.301  -3.959  1.656   0.52 23.43 ? 64  CYS A CB  1 
ATOM   483  S  SG  A CYS A 1 64  ? -2.991  -3.403  -0.345  0.48 23.05 ? 64  CYS A SG  1 
ATOM   484  S  SG  B CYS A 1 64  ? -0.883  -4.163  2.798   0.52 29.71 ? 64  CYS A SG  1 
ATOM   485  N  N   . LEU A 1 65  ? -3.566  -4.989  4.475   1.00 20.15 ? 65  LEU A N   1 
ATOM   486  C  CA  . LEU A 1 65  ? -3.401  -5.800  5.684   1.00 18.55 ? 65  LEU A CA  1 
ATOM   487  C  C   . LEU A 1 65  ? -4.661  -6.610  5.994   1.00 22.01 ? 65  LEU A C   1 
ATOM   488  O  O   . LEU A 1 65  ? -4.592  -7.791  6.373   1.00 19.86 ? 65  LEU A O   1 
ATOM   489  C  CB  . LEU A 1 65  ? -3.080  -4.891  6.871   1.00 21.18 ? 65  LEU A CB  1 
ATOM   490  C  CG  . LEU A 1 65  ? -1.675  -4.297  6.903   1.00 24.09 ? 65  LEU A CG  1 
ATOM   491  C  CD1 . LEU A 1 65  ? -1.563  -3.320  8.046   1.00 23.53 ? 65  LEU A CD1 1 
ATOM   492  C  CD2 . LEU A 1 65  ? -0.629  -5.386  7.042   1.00 21.18 ? 65  LEU A CD2 1 
ATOM   493  N  N   . TYR A 1 66  ? -5.813  -5.966  5.845   1.00 18.36 ? 66  TYR A N   1 
ATOM   494  C  CA  . TYR A 1 66  ? -7.104  -6.610  6.075   1.00 16.28 ? 66  TYR A CA  1 
ATOM   495  C  C   . TYR A 1 66  ? -8.063  -6.307  4.925   1.00 18.43 ? 66  TYR A C   1 
ATOM   496  O  O   . TYR A 1 66  ? -8.760  -5.289  4.946   1.00 21.08 ? 66  TYR A O   1 
ATOM   497  C  CB  . TYR A 1 66  ? -7.695  -6.131  7.405   1.00 20.77 ? 66  TYR A CB  1 
ATOM   498  C  CG  . TYR A 1 66  ? -6.866  -6.519  8.606   1.00 19.95 ? 66  TYR A CG  1 
ATOM   499  C  CD1 . TYR A 1 66  ? -6.945  -7.801  9.138   1.00 19.25 ? 66  TYR A CD1 1 
ATOM   500  C  CD2 . TYR A 1 66  ? -5.994  -5.623  9.188   1.00 18.57 ? 66  TYR A CD2 1 
ATOM   501  C  CE1 . TYR A 1 66  ? -6.185  -8.170  10.232  1.00 22.99 ? 66  TYR A CE1 1 
ATOM   502  C  CE2 . TYR A 1 66  ? -5.232  -5.978  10.290  1.00 20.62 ? 66  TYR A CE2 1 
ATOM   503  C  CZ  . TYR A 1 66  ? -5.323  -7.256  10.796  1.00 20.35 ? 66  TYR A CZ  1 
ATOM   504  O  OH  . TYR A 1 66  ? -4.569  -7.603  11.899  1.00 22.22 ? 66  TYR A OH  1 
ATOM   505  N  N   . PRO A 1 67  ? -8.099  -7.197  3.921   1.00 19.64 ? 67  PRO A N   1 
ATOM   506  C  CA  . PRO A 1 67  ? -8.878  -6.956  2.696   1.00 19.02 ? 67  PRO A CA  1 
ATOM   507  C  C   . PRO A 1 67  ? -10.395 -6.852  2.899   1.00 21.92 ? 67  PRO A C   1 
ATOM   508  O  O   . PRO A 1 67  ? -11.079 -6.448  1.960   1.00 22.63 ? 67  PRO A O   1 
ATOM   509  C  CB  . PRO A 1 67  ? -8.540  -8.169  1.825   1.00 22.69 ? 67  PRO A CB  1 
ATOM   510  C  CG  . PRO A 1 67  ? -7.185  -8.603  2.300   1.00 20.90 ? 67  PRO A CG  1 
ATOM   511  C  CD  . PRO A 1 67  ? -7.202  -8.356  3.792   1.00 22.70 ? 67  PRO A CD  1 
ATOM   512  N  N   . GLU A 1 68  ? -10.918 -7.219  4.071   1.00 21.56 ? 68  GLU A N   1 
ATOM   513  C  CA  . GLU A 1 68  ? -12.322 -6.955  4.387   1.00 23.23 ? 68  GLU A CA  1 
ATOM   514  C  C   . GLU A 1 68  ? -12.653 -5.450  4.330   1.00 19.45 ? 68  GLU A C   1 
ATOM   515  O  O   . GLU A 1 68  ? -13.798 -5.065  4.056   1.00 23.27 ? 68  GLU A O   1 
ATOM   516  C  CB  . GLU A 1 68  ? -12.670 -7.511  5.768   1.00 25.56 ? 68  GLU A CB  1 
ATOM   517  C  CG  . GLU A 1 68  ? -13.165 -8.948  5.766   1.00 34.67 ? 68  GLU A CG  1 
ATOM   518  C  CD  . GLU A 1 68  ? -13.456 -9.465  7.167   1.00 32.70 ? 68  GLU A CD  1 
ATOM   519  O  OE1 . GLU A 1 68  ? -13.767 -8.657  8.065   1.00 37.87 ? 68  GLU A OE1 1 
ATOM   520  O  OE2 . GLU A 1 68  ? -13.364 -10.693 7.379   1.00 45.50 ? 68  GLU A OE2 1 
ATOM   521  N  N   . ILE A 1 69  ? -11.663 -4.600  4.614   1.00 20.51 ? 69  ILE A N   1 
ATOM   522  C  CA  . ILE A 1 69  ? -11.824 -3.150  4.483   1.00 19.23 ? 69  ILE A CA  1 
ATOM   523  C  C   . ILE A 1 69  ? -12.169 -2.810  3.035   1.00 19.57 ? 69  ILE A C   1 
ATOM   524  O  O   . ILE A 1 69  ? -11.407 -3.138  2.127   1.00 20.23 ? 69  ILE A O   1 
ATOM   525  C  CB  . ILE A 1 69  ? -10.528 -2.407  4.876   1.00 19.42 ? 69  ILE A CB  1 
ATOM   526  C  CG1 . ILE A 1 69  ? -10.219 -2.612  6.365   1.00 20.86 ? 69  ILE A CG1 1 
ATOM   527  C  CG2 . ILE A 1 69  ? -10.631 -0.915  4.527   1.00 18.98 ? 69  ILE A CG2 1 
ATOM   528  C  CD1 . ILE A 1 69  ? -8.849  -2.106  6.779   1.00 24.64 ? 69  ILE A CD1 1 
ATOM   529  N  N   . LYS A 1 70  ? -13.311 -2.161  2.831   1.00 22.45 ? 70  LYS A N   1 
ATOM   530  C  CA  . LYS A 1 70  ? -13.750 -1.785  1.493   1.00 22.23 ? 70  LYS A CA  1 
ATOM   531  C  C   . LYS A 1 70  ? -12.794 -0.779  0.860   1.00 22.89 ? 70  LYS A C   1 
ATOM   532  O  O   . LYS A 1 70  ? -11.997 -0.146  1.552   1.00 23.96 ? 70  LYS A O   1 
ATOM   533  C  CB  . LYS A 1 70  ? -15.167 -1.209  1.536   1.00 29.71 ? 70  LYS A CB  1 
ATOM   534  C  CG  . LYS A 1 70  ? -16.183 -2.113  2.212   1.00 41.20 ? 70  LYS A CG  1 
ATOM   535  C  CD  . LYS A 1 70  ? -17.535 -2.040  1.519   1.00 47.61 ? 70  LYS A CD  1 
ATOM   536  C  CE  . LYS A 1 70  ? -18.368 -3.280  1.801   1.00 41.03 ? 70  LYS A CE  1 
ATOM   537  N  NZ  . LYS A 1 70  ? -18.058 -3.866  3.134   1.00 45.75 ? 70  LYS A NZ  1 
ATOM   538  N  N   . PRO A 1 71  ? -12.880 -0.637  -0.458  1.00 22.01 ? 71  PRO A N   1 
ATOM   539  C  CA  . PRO A 1 71  ? -12.019 0.296   -1.191  1.00 22.47 ? 71  PRO A CA  1 
ATOM   540  C  C   . PRO A 1 71  ? -12.552 1.725   -1.132  1.00 21.35 ? 71  PRO A C   1 
ATOM   541  O  O   . PRO A 1 71  ? -13.757 1.939   -1.258  1.00 27.27 ? 71  PRO A O   1 
ATOM   542  C  CB  . PRO A 1 71  ? -12.084 -0.229  -2.627  1.00 24.63 ? 71  PRO A CB  1 
ATOM   543  C  CG  . PRO A 1 71  ? -13.407 -0.900  -2.716  1.00 27.10 ? 71  PRO A CG  1 
ATOM   544  C  CD  . PRO A 1 71  ? -13.654 -1.505  -1.364  1.00 28.53 ? 71  PRO A CD  1 
ATOM   545  N  N   . TRP A 1 72  ? -11.655 2.687   -0.942  1.00 19.44 ? 72  TRP A N   1 
ATOM   546  C  CA  . TRP A 1 72  ? -12.039 4.083   -0.869  1.00 18.43 ? 72  TRP A CA  1 
ATOM   547  C  C   . TRP A 1 72  ? -11.920 4.657   -2.277  1.00 19.67 ? 72  TRP A C   1 
ATOM   548  O  O   . TRP A 1 72  ? -10.846 4.582   -2.881  1.00 18.57 ? 72  TRP A O   1 
ATOM   549  C  CB  . TRP A 1 72  ? -11.053 4.807   0.049   1.00 18.09 ? 72  TRP A CB  1 
ATOM   550  C  CG  . TRP A 1 72  ? -11.297 6.273   0.262   1.00 19.03 ? 72  TRP A CG  1 
ATOM   551  C  CD1 . TRP A 1 72  ? -12.447 6.981   0.020   1.00 20.80 ? 72  TRP A CD1 1 
ATOM   552  C  CD2 . TRP A 1 72  ? -10.350 7.203   0.776   1.00 16.50 ? 72  TRP A CD2 1 
ATOM   553  N  NE1 . TRP A 1 72  ? -12.262 8.307   0.354   1.00 21.58 ? 72  TRP A NE1 1 
ATOM   554  C  CE2 . TRP A 1 72  ? -10.989 8.467   0.842   1.00 15.88 ? 72  TRP A CE2 1 
ATOM   555  C  CE3 . TRP A 1 72  ? -9.023  7.094   1.209   1.00 16.70 ? 72  TRP A CE3 1 
ATOM   556  C  CZ2 . TRP A 1 72  ? -10.339 9.617   1.299   1.00 18.11 ? 72  TRP A CZ2 1 
ATOM   557  C  CZ3 . TRP A 1 72  ? -8.384  8.236   1.685   1.00 18.52 ? 72  TRP A CZ3 1 
ATOM   558  C  CH2 . TRP A 1 72  ? -9.044  9.484   1.723   1.00 20.17 ? 72  TRP A CH2 1 
ATOM   559  N  N   . LYS A 1 73  ? -12.986 5.229   -2.800  1.00 20.01 ? 73  LYS A N   1 
ATOM   560  C  CA  . LYS A 1 73  ? -12.986 5.737   -4.163  1.00 22.81 ? 73  LYS A CA  1 
ATOM   561  C  C   . LYS A 1 73  ? -11.820 6.623   -4.464  1.00 22.27 ? 73  LYS A C   1 
ATOM   562  O  O   . LYS A 1 73  ? -11.260 6.564   -5.513  1.00 20.79 ? 73  LYS A O   1 
ATOM   563  C  CB  . LYS A 1 73  ? -14.265 6.516   -4.434  1.00 29.08 ? 73  LYS A CB  1 
ATOM   564  C  CG  . LYS A 1 73  ? -14.470 6.845   -5.920  1.00 30.26 ? 73  LYS A CG  1 
ATOM   565  C  CD  . LYS A 1 73  ? -15.901 7.246   -6.231  1.00 36.99 ? 73  LYS A CD  1 
ATOM   566  C  CE  . LYS A 1 73  ? -16.017 8.512   -7.083  1.00 44.19 ? 73  LYS A CE  1 
ATOM   567  N  NZ  . LYS A 1 73  ? -14.968 8.752   -8.072  1.00 47.38 ? 73  LYS A NZ  1 
ATOM   568  N  N   . LYS A 1 74  ? -11.470 7.491   -3.551  1.00 20.31 ? 74  LYS A N   1 
ATOM   569  C  CA  . LYS A 1 74  ? -10.357 8.421   -3.782  1.00 22.68 ? 74  LYS A CA  1 
ATOM   570  C  C   . LYS A 1 74  ? -9.048  7.691   -4.086  1.00 23.14 ? 74  LYS A C   1 
ATOM   571  O  O   . LYS A 1 74  ? -8.297  8.082   -4.981  1.00 23.06 ? 74  LYS A O   1 
ATOM   572  C  CB  . LYS A 1 74  ? -10.183 9.356   -2.574  1.00 24.14 ? 74  LYS A CB  1 
ATOM   573  C  CG  . LYS A 1 74  ? -9.248  10.537  -2.796  1.00 29.97 ? 74  LYS A CG  1 
ATOM   574  C  CD  . LYS A 1 74  ? -9.387  11.584  -1.686  1.00 26.44 ? 74  LYS A CD  1 
ATOM   575  C  CE  . LYS A 1 74  ? -10.806 12.126  -1.591  1.00 31.20 ? 74  LYS A CE  1 
ATOM   576  N  NZ  . LYS A 1 74  ? -10.934 13.322  -0.693  1.00 36.46 ? 74  LYS A NZ  1 
ATOM   577  N  N   . ALA A 1 75  ? -8.797  6.602   -3.365  1.00 19.32 ? 75  ALA A N   1 
ATOM   578  C  CA  . ALA A 1 75  ? -7.581  5.808   -3.560  1.00 21.21 ? 75  ALA A CA  1 
ATOM   579  C  C   . ALA A 1 75  ? -7.683  4.991   -4.837  1.00 19.02 ? 75  ALA A C   1 
ATOM   580  O  O   . ALA A 1 75  ? -6.723  4.913   -5.622  1.00 18.62 ? 75  ALA A O   1 
ATOM   581  C  CB  . ALA A 1 75  ? -7.368  4.897   -2.367  1.00 20.25 ? 75  ALA A CB  1 
ATOM   582  N  N   A SER A 1 76  ? -8.853  4.395   -5.056  0.47 18.01 ? 76  SER A N   1 
ATOM   583  N  N   B SER A 1 76  ? -8.853  4.395   -5.041  0.53 17.99 ? 76  SER A N   1 
ATOM   584  C  CA  A SER A 1 76  ? -9.095  3.578   -6.244  0.47 18.41 ? 76  SER A CA  1 
ATOM   585  C  CA  B SER A 1 76  ? -9.119  3.587   -6.224  0.53 18.41 ? 76  SER A CA  1 
ATOM   586  C  C   A SER A 1 76  ? -8.948  4.388   -7.528  0.47 19.35 ? 76  SER A C   1 
ATOM   587  C  C   B SER A 1 76  ? -8.928  4.399   -7.499  0.53 19.35 ? 76  SER A C   1 
ATOM   588  O  O   A SER A 1 76  ? -8.277  3.962   -8.473  0.47 20.41 ? 76  SER A O   1 
ATOM   589  O  O   B SER A 1 76  ? -8.194  3.990   -8.402  0.53 20.40 ? 76  SER A O   1 
ATOM   590  C  CB  A SER A 1 76  ? -10.493 2.963   -6.185  0.47 23.38 ? 76  SER A CB  1 
ATOM   591  C  CB  B SER A 1 76  ? -10.544 3.030   -6.172  0.53 23.38 ? 76  SER A CB  1 
ATOM   592  O  OG  A SER A 1 76  ? -10.785 2.264   -7.379  0.47 23.07 ? 76  SER A OG  1 
ATOM   593  O  OG  B SER A 1 76  ? -10.684 2.073   -5.137  0.53 23.19 ? 76  SER A OG  1 
ATOM   594  N  N   . ASP A 1 77  ? -9.576  5.557   -7.563  1.00 20.82 ? 77  ASP A N   1 
ATOM   595  C  CA  . ASP A 1 77  ? -9.502  6.420   -8.737  1.00 21.07 ? 77  ASP A CA  1 
ATOM   596  C  C   . ASP A 1 77  ? -8.071  6.875   -8.981  1.00 22.51 ? 77  ASP A C   1 
ATOM   597  O  O   . ASP A 1 77  ? -7.624  6.926   -10.125 1.00 22.02 ? 77  ASP A O   1 
ATOM   598  C  CB  . ASP A 1 77  ? -10.420 7.644   -8.571  1.00 22.62 ? 77  ASP A CB  1 
ATOM   599  C  CG  . ASP A 1 77  ? -11.894 7.299   -8.724  1.00 27.93 ? 77  ASP A CG  1 
ATOM   600  O  OD1 . ASP A 1 77  ? -12.217 6.207   -9.228  1.00 31.01 ? 77  ASP A OD1 1 
ATOM   601  O  OD2 . ASP A 1 77  ? -12.738 8.138   -8.333  1.00 33.51 ? 77  ASP A OD2 1 
ATOM   602  N  N   . MET A 1 78  ? -7.347  7.232   -7.950  1.00 19.59 ? 78  MET A N   1 
ATOM   603  C  CA  . MET A 1 78  ? -5.996  7.614   -8.036  1.00 22.27 ? 78  MET A CA  1 
ATOM   604  C  C   . MET A 1 78  ? -5.103  6.560   -8.714  1.00 23.19 ? 78  MET A C   1 
ATOM   605  O  O   . MET A 1 78  ? -4.338  6.874   -9.578  1.00 22.00 ? 78  MET A O   1 
ATOM   606  C  CB  . MET A 1 78  ? -5.484  7.946   -6.650  1.00 23.52 ? 78  MET A CB  1 
ATOM   607  C  CG  . MET A 1 78  ? -4.032  8.312   -6.435  1.00 31.25 ? 78  MET A CG  1 
ATOM   608  S  SD  . MET A 1 78  ? -2.774  7.011   -6.433  1.00 32.55 ? 78  MET A SD  1 
ATOM   609  C  CE  . MET A 1 78  ? -2.836  6.469   -4.720  1.00 24.50 ? 78  MET A CE  1 
ATOM   610  N  N   . LEU A 1 79  ? -5.240  5.330   -8.297  1.00 20.09 ? 79  LEU A N   1 
ATOM   611  C  CA  . LEU A 1 79  ? -4.451  4.247   -8.884  1.00 20.25 ? 79  LEU A CA  1 
ATOM   612  C  C   . LEU A 1 79  ? -4.812  4.005   -10.353 1.00 21.99 ? 79  LEU A C   1 
ATOM   613  O  O   . LEU A 1 79  ? -3.948  3.637   -11.164 1.00 20.44 ? 79  LEU A O   1 
ATOM   614  C  CB  . LEU A 1 79  ? -4.621  2.960   -8.061  1.00 19.86 ? 79  LEU A CB  1 
ATOM   615  C  CG  . LEU A 1 79  ? -4.018  3.036   -6.652  1.00 21.54 ? 79  LEU A CG  1 
ATOM   616  C  CD1 . LEU A 1 79  ? -4.564  1.940   -5.726  1.00 19.60 ? 79  LEU A CD1 1 
ATOM   617  C  CD2 . LEU A 1 79  ? -2.511  2.949   -6.745  1.00 21.31 ? 79  LEU A CD2 1 
ATOM   618  N  N   . ASN A 1 80  ? -6.079  4.217   -10.696 1.00 19.60 ? 80  ASN A N   1 
ATOM   619  C  CA  . ASN A 1 80  ? -6.534  4.135   -12.082 1.00 20.23 ? 80  ASN A CA  1 
ATOM   620  C  C   . ASN A 1 80  ? -5.848  5.161   -12.976 1.00 23.93 ? 80  ASN A C   1 
ATOM   621  O  O   . ASN A 1 80  ? -5.288  4.821   -14.015 1.00 24.73 ? 80  ASN A O   1 
ATOM   622  C  CB  . ASN A 1 80  ? -8.052  4.342   -12.158 1.00 19.73 ? 80  ASN A CB  1 
ATOM   623  C  CG  . ASN A 1 80  ? -8.829  3.179   -11.591 1.00 25.61 ? 80  ASN A CG  1 
ATOM   624  O  OD1 . ASN A 1 80  ? -8.283  2.090   -11.379 1.00 20.69 ? 80  ASN A OD1 1 
ATOM   625  N  ND2 . ASN A 1 80  ? -10.121 3.393   -11.358 1.00 26.75 ? 80  ASN A ND2 1 
ATOM   626  N  N   . LYS A 1 81  ? -5.870  6.401   -12.562 1.00 20.65 ? 81  LYS A N   1 
ATOM   627  C  CA  . LYS A 1 81  ? -5.265  7.465   -13.333 1.00 22.87 ? 81  LYS A CA  1 
ATOM   628  C  C   . LYS A 1 81  ? -3.747  7.259   -13.430 1.00 26.38 ? 81  LYS A C   1 
ATOM   629  O  O   . LYS A 1 81  ? -3.169  7.453   -14.494 1.00 27.43 ? 81  LYS A O   1 
ATOM   630  C  CB  . LYS A 1 81  ? -5.635  8.799   -12.696 1.00 23.28 ? 81  LYS A CB  1 
ATOM   631  C  CG  . LYS A 1 81  ? -7.083  9.139   -12.884 1.00 26.01 ? 81  LYS A CG  1 
ATOM   632  C  CD  . LYS A 1 81  ? -7.462  9.349   -14.329 1.00 29.04 ? 81  LYS A CD  1 
ATOM   633  C  CE  . LYS A 1 81  ? -8.942  9.379   -14.503 1.00 36.50 ? 81  LYS A CE  1 
ATOM   634  N  NZ  . LYS A 1 81  ? -9.537  10.729  -14.362 1.00 46.46 ? 81  LYS A NZ  1 
ATOM   635  N  N   . ALA A 1 82  ? -3.119  6.849   -12.342 1.00 22.39 ? 82  ALA A N   1 
ATOM   636  C  CA  . ALA A 1 82  ? -1.667  6.659   -12.283 1.00 24.04 ? 82  ALA A CA  1 
ATOM   637  C  C   . ALA A 1 82  ? -1.158  5.527   -13.178 1.00 24.82 ? 82  ALA A C   1 
ATOM   638  O  O   . ALA A 1 82  ? 0.046   5.424   -13.430 1.00 32.04 ? 82  ALA A O   1 
ATOM   639  C  CB  . ALA A 1 82  ? -1.239  6.417   -10.872 1.00 28.74 ? 82  ALA A CB  1 
ATOM   640  N  N   . THR A 1 83  ? -2.061  4.667   -13.635 1.00 19.28 ? 83  THR A N   1 
ATOM   641  C  CA  . THR A 1 83  ? -1.659  3.541   -14.482 1.00 18.08 ? 83  THR A CA  1 
ATOM   642  C  C   . THR A 1 83  ? -2.443  3.511   -15.795 1.00 23.19 ? 83  THR A C   1 
ATOM   643  O  O   . THR A 1 83  ? -2.481  2.495   -16.472 1.00 22.96 ? 83  THR A O   1 
ATOM   644  C  CB  . THR A 1 83  ? -1.841  2.186   -13.755 1.00 18.61 ? 83  THR A CB  1 
ATOM   645  O  OG1 . THR A 1 83  ? -3.228  1.969   -13.480 1.00 20.30 ? 83  THR A OG1 1 
ATOM   646  C  CG2 . THR A 1 83  ? -1.066  2.161   -12.458 1.00 20.16 ? 83  THR A CG2 1 
ATOM   647  N  N   . SER A 1 84  ? -3.049  4.637   -16.170 1.00 24.94 ? 84  SER A N   1 
ATOM   648  C  CA  . SER A 1 84  ? -3.951  4.658   -17.319 1.00 24.07 ? 84  SER A CA  1 
ATOM   649  C  C   . SER A 1 84  ? -3.254  4.463   -18.663 1.00 28.11 ? 84  SER A C   1 
ATOM   650  O  O   . SER A 1 84  ? -3.908  4.147   -19.656 1.00 33.30 ? 84  SER A O   1 
ATOM   651  C  CB  . SER A 1 84  ? -4.778  5.947   -17.333 1.00 29.96 ? 84  SER A CB  1 
ATOM   652  O  OG  . SER A 1 84  ? -3.963  7.072   -17.590 1.00 38.74 ? 84  SER A OG  1 
ATOM   653  N  N   . SER A 1 85  ? -1.932  4.619   -18.688 1.00 27.30 ? 85  SER A N   1 
ATOM   654  C  CA  . SER A 1 85  ? -1.177  4.465   -19.934 1.00 28.27 ? 85  SER A CA  1 
ATOM   655  C  C   . SER A 1 85  ? -0.633  3.053   -20.155 1.00 28.72 ? 85  SER A C   1 
ATOM   656  O  O   . SER A 1 85  ? 0.056   2.803   -21.144 1.00 32.65 ? 85  SER A O   1 
ATOM   657  C  CB  . SER A 1 85  ? -0.033  5.477   -19.991 1.00 29.96 ? 85  SER A CB  1 
ATOM   658  O  OG  . SER A 1 85  ? -0.527  6.803   -19.958 1.00 40.75 ? 85  SER A OG  1 
ATOM   659  N  N   . LEU A 1 86  ? -0.935  2.131   -19.243 1.00 26.51 ? 86  LEU A N   1 
ATOM   660  C  CA  . LEU A 1 86  ? -0.483  0.746   -19.399 1.00 22.90 ? 86  LEU A CA  1 
ATOM   661  C  C   . LEU A 1 86  ? -1.395  -0.072  -20.299 1.00 26.81 ? 86  LEU A C   1 
ATOM   662  O  O   . LEU A 1 86  ? -2.616  -0.053  -20.137 1.00 30.96 ? 86  LEU A O   1 
ATOM   663  C  CB  . LEU A 1 86  ? -0.368  0.051   -18.039 1.00 26.94 ? 86  LEU A CB  1 
ATOM   664  C  CG  . LEU A 1 86  ? 0.815   0.455   -17.161 1.00 30.10 ? 86  LEU A CG  1 
ATOM   665  C  CD1 . LEU A 1 86  ? 0.786   -0.264  -15.838 1.00 32.26 ? 86  LEU A CD1 1 
ATOM   666  C  CD2 . LEU A 1 86  ? 2.116   0.157   -17.874 1.00 33.66 ? 86  LEU A CD2 1 
ATOM   667  N  N   . LYS A 1 87  ? -0.801  -0.800  -21.244 1.00 26.91 ? 87  LYS A N   1 
ATOM   668  C  CA  . LYS A 1 87  ? -1.560  -1.775  -22.022 1.00 29.86 ? 87  LYS A CA  1 
ATOM   669  C  C   . LYS A 1 87  ? -1.967  -2.929  -21.112 1.00 29.56 ? 87  LYS A C   1 
ATOM   670  O  O   . LYS A 1 87  ? -1.271  -3.240  -20.142 1.00 28.23 ? 87  LYS A O   1 
ATOM   671  C  CB  . LYS A 1 87  ? -0.735  -2.288  -23.208 1.00 29.06 ? 87  LYS A CB  1 
ATOM   672  C  CG  . LYS A 1 87  ? -0.449  -1.212  -24.245 1.00 33.06 ? 87  LYS A CG  1 
ATOM   673  C  CD  . LYS A 1 87  ? 0.613   -1.630  -25.250 1.00 37.44 ? 87  LYS A CD  1 
ATOM   674  C  CE  . LYS A 1 87  ? 0.109   -2.714  -26.175 1.00 44.59 ? 87  LYS A CE  1 
ATOM   675  N  NZ  . LYS A 1 87  ? 0.582   -2.483  -27.567 1.00 48.51 ? 87  LYS A NZ  1 
ATOM   676  N  N   . LYS A 1 88  ? -3.092  -3.560  -21.431 1.00 30.32 ? 88  LYS A N   1 
ATOM   677  C  CA  . LYS A 1 88  ? -3.580  -4.694  -20.655 1.00 30.91 ? 88  LYS A CA  1 
ATOM   678  C  C   . LYS A 1 88  ? -2.548  -5.815  -20.632 1.00 30.67 ? 88  LYS A C   1 
ATOM   679  O  O   . LYS A 1 88  ? -2.390  -6.507  -19.626 1.00 32.49 ? 88  LYS A O   1 
ATOM   680  C  CB  . LYS A 1 88  ? -4.903  -5.207  -21.227 1.00 32.51 ? 88  LYS A CB  1 
ATOM   681  C  CG  . LYS A 1 88  ? -6.064  -4.240  -21.069 1.00 34.89 ? 88  LYS A CG  1 
ATOM   682  C  CD  . LYS A 1 88  ? -7.398  -4.966  -21.121 1.00 44.28 ? 88  LYS A CD  1 
ATOM   683  C  CE  . LYS A 1 88  ? -7.866  -5.162  -22.555 1.00 40.32 ? 88  LYS A CE  1 
ATOM   684  N  NZ  . LYS A 1 88  ? -9.002  -6.120  -22.643 1.00 41.12 ? 88  LYS A NZ  1 
ATOM   685  N  N   . SER A 1 89  ? -1.846  -5.987  -21.747 1.00 27.38 ? 89  SER A N   1 
ATOM   686  C  CA  . SER A 1 89  ? -0.814  -7.011  -21.852 1.00 30.33 ? 89  SER A CA  1 
ATOM   687  C  C   . SER A 1 89  ? 0.304   -6.754  -20.848 1.00 30.22 ? 89  SER A C   1 
ATOM   688  O  O   . SER A 1 89  ? 0.803   -7.680  -20.208 1.00 29.51 ? 89  SER A O   1 
ATOM   689  C  CB  . SER A 1 89  ? -0.246  -7.056  -23.271 1.00 32.89 ? 89  SER A CB  1 
ATOM   690  O  OG  . SER A 1 89  ? 0.417   -5.846  -23.596 1.00 39.00 ? 89  SER A OG  1 
ATOM   691  N  N   . GLU A 1 90  ? 0.690   -5.490  -20.712 1.00 28.41 ? 90  GLU A N   1 
ATOM   692  C  CA  . GLU A 1 90  ? 1.735   -5.105  -19.772 1.00 31.31 ? 90  GLU A CA  1 
ATOM   693  C  C   . GLU A 1 90  ? 1.336   -5.470  -18.346 1.00 24.44 ? 90  GLU A C   1 
ATOM   694  O  O   . GLU A 1 90  ? 2.139   -6.007  -17.584 1.00 25.26 ? 90  GLU A O   1 
ATOM   695  C  CB  . GLU A 1 90  ? 2.022   -3.606  -19.870 1.00 32.19 ? 90  GLU A CB  1 
ATOM   696  C  CG  . GLU A 1 90  ? 3.320   -3.177  -19.207 1.00 39.70 ? 90  GLU A CG  1 
ATOM   697  C  CD  . GLU A 1 90  ? 3.763   -1.792  -19.633 1.00 42.32 ? 90  GLU A CD  1 
ATOM   698  O  OE1 . GLU A 1 90  ? 3.095   -1.194  -20.504 1.00 46.44 ? 90  GLU A OE1 1 
ATOM   699  O  OE2 . GLU A 1 90  ? 4.779   -1.300  -19.099 1.00 39.90 ? 90  GLU A OE2 1 
ATOM   700  N  N   . GLY A 1 91  ? 0.088   -5.176  -17.994 1.00 25.64 ? 91  GLY A N   1 
ATOM   701  C  CA  . GLY A 1 91  ? -0.425  -5.491  -16.675 1.00 24.31 ? 91  GLY A CA  1 
ATOM   702  C  C   . GLY A 1 91  ? -0.483  -6.987  -16.435 1.00 26.40 ? 91  GLY A C   1 
ATOM   703  O  O   . GLY A 1 91  ? -0.240  -7.458  -15.323 1.00 21.36 ? 91  GLY A O   1 
ATOM   704  N  N   . ARG A 1 92  ? -0.804  -7.736  -17.484 1.00 23.25 ? 92  ARG A N   1 
ATOM   705  C  CA  . ARG A 1 92  ? -0.876  -9.188  -17.396 1.00 24.26 ? 92  ARG A CA  1 
ATOM   706  C  C   . ARG A 1 92  ? 0.486   -9.750  -16.996 1.00 21.28 ? 92  ARG A C   1 
ATOM   707  O  O   . ARG A 1 92  ? 0.585   -10.630 -16.141 1.00 21.59 ? 92  ARG A O   1 
ATOM   708  C  CB  . ARG A 1 92  ? -1.335  -9.753  -18.736 1.00 27.93 ? 92  ARG A CB  1 
ATOM   709  C  CG  . ARG A 1 92  ? -1.862  -11.163 -18.690 1.00 35.41 ? 92  ARG A CG  1 
ATOM   710  C  CD  . ARG A 1 92  ? -2.786  -11.418 -19.881 1.00 39.74 ? 92  ARG A CD  1 
ATOM   711  N  NE  . ARG A 1 92  ? -2.235  -10.910 -21.138 1.00 42.32 ? 92  ARG A NE  1 
ATOM   712  C  CZ  . ARG A 1 92  ? -2.806  -9.971  -21.895 1.00 43.92 ? 92  ARG A CZ  1 
ATOM   713  N  NH1 . ARG A 1 92  ? -3.963  -9.418  -21.541 1.00 37.03 ? 92  ARG A NH1 1 
ATOM   714  N  NH2 . ARG A 1 92  ? -2.223  -9.586  -23.021 1.00 45.66 ? 92  ARG A NH2 1 
ATOM   715  N  N   . ASP A 1 93  ? 1.538   -9.205  -17.596 1.00 22.38 ? 93  ASP A N   1 
ATOM   716  C  CA  . ASP A 1 93  ? 2.900   -9.607  -17.274 1.00 23.11 ? 93  ASP A CA  1 
ATOM   717  C  C   . ASP A 1 93  ? 3.220   -9.291  -15.817 1.00 20.56 ? 93  ASP A C   1 
ATOM   718  O  O   . ASP A 1 93  ? 3.790   -10.122 -15.096 1.00 21.59 ? 93  ASP A O   1 
ATOM   719  C  CB  . ASP A 1 93  ? 3.893   -8.920  -18.217 1.00 22.70 ? 93  ASP A CB  1 
ATOM   720  C  CG  . ASP A 1 93  ? 3.812   -9.455  -19.637 1.00 34.50 ? 93  ASP A CG  1 
ATOM   721  O  OD1 . ASP A 1 93  ? 3.208   -10.529 -19.831 1.00 43.10 ? 93  ASP A OD1 1 
ATOM   722  O  OD2 . ASP A 1 93  ? 4.354   -8.806  -20.560 1.00 37.41 ? 93  ASP A OD2 1 
ATOM   723  N  N   . ILE A 1 94  ? 2.816   -8.101  -15.383 1.00 20.44 ? 94  ILE A N   1 
ATOM   724  C  CA  . ILE A 1 94  ? 3.062   -7.668  -14.016 1.00 21.54 ? 94  ILE A CA  1 
ATOM   725  C  C   . ILE A 1 94  ? 2.349   -8.586  -13.014 1.00 21.63 ? 94  ILE A C   1 
ATOM   726  O  O   . ILE A 1 94  ? 2.930   -8.972  -11.999 1.00 19.38 ? 94  ILE A O   1 
ATOM   727  C  CB  . ILE A 1 94  ? 2.674   -6.184  -13.833 1.00 21.08 ? 94  ILE A CB  1 
ATOM   728  C  CG1 . ILE A 1 94  ? 3.709   -5.292  -14.528 1.00 25.82 ? 94  ILE A CG1 1 
ATOM   729  C  CG2 . ILE A 1 94  ? 2.541   -5.824  -12.357 1.00 23.54 ? 94  ILE A CG2 1 
ATOM   730  C  CD1 . ILE A 1 94  ? 3.309   -3.829  -14.644 1.00 25.89 ? 94  ILE A CD1 1 
ATOM   731  N  N   . ARG A 1 95  ? 1.113   -8.980  -13.308 1.00 20.76 ? 95  ARG A N   1 
ATOM   732  C  CA  . ARG A 1 95  ? 0.412   -9.908  -12.416 1.00 20.45 ? 95  ARG A CA  1 
ATOM   733  C  C   . ARG A 1 95  ? 1.172   -11.222 -12.241 1.00 20.50 ? 95  ARG A C   1 
ATOM   734  O  O   . ARG A 1 95  ? 1.349   -11.704 -11.122 1.00 21.09 ? 95  ARG A O   1 
ATOM   735  C  CB  . ARG A 1 95  ? -1.014  -10.176 -12.907 1.00 20.71 ? 95  ARG A CB  1 
ATOM   736  C  CG  . ARG A 1 95  ? -1.905  -8.943  -12.815 1.00 20.52 ? 95  ARG A CG  1 
ATOM   737  C  CD  . ARG A 1 95  ? -3.372  -9.291  -12.978 1.00 24.47 ? 95  ARG A CD  1 
ATOM   738  N  NE  . ARG A 1 95  ? -3.719  -9.812  -14.298 1.00 25.81 ? 95  ARG A NE  1 
ATOM   739  C  CZ  . ARG A 1 95  ? -3.944  -9.058  -15.372 1.00 26.36 ? 95  ARG A CZ  1 
ATOM   740  N  NH1 . ARG A 1 95  ? -3.827  -7.741  -15.314 1.00 26.07 ? 95  ARG A NH1 1 
ATOM   741  N  NH2 . ARG A 1 95  ? -4.269  -9.625  -16.525 1.00 28.15 ? 95  ARG A NH2 1 
ATOM   742  N  N   . LYS A 1 96  ? 1.657   -11.732 -13.292 1.00 21.33 ? 96  LYS A N   1 
ATOM   743  C  CA  . LYS A 1 96  ? 2.386   -12.992 -13.232 1.00 20.20 ? 96  LYS A CA  1 
ATOM   744  C  C   . LYS A 1 96  ? 3.692   -12.832 -12.447 1.00 19.96 ? 96  LYS A C   1 
ATOM   745  O  O   . LYS A 1 96  ? 4.044   -13.679 -11.619 1.00 20.31 ? 96  LYS A O   1 
ATOM   746  C  CB  . LYS A 1 96  ? 2.664   -13.484 -14.647 1.00 23.08 ? 96  LYS A CB  1 
ATOM   747  C  CG  . LYS A 1 96  ? 3.334   -14.832 -14.713 1.00 26.33 ? 96  LYS A CG  1 
ATOM   748  C  CD  . LYS A 1 96  ? 3.679   -15.180 -16.158 1.00 32.63 ? 96  LYS A CD  1 
ATOM   749  C  CE  . LYS A 1 96  ? 4.057   -16.644 -16.292 1.00 39.20 ? 96  LYS A CE  1 
ATOM   750  N  NZ  . LYS A 1 96  ? 5.224   -16.971 -15.429 1.00 42.17 ? 96  LYS A NZ  1 
ATOM   751  N  N   . GLN A 1 97  ? 4.388   -11.811 -12.773 1.00 19.29 ? 97  GLN A N   1 
ATOM   752  C  CA  . GLN A 1 97  ? 5.677   -11.564 -12.139 1.00 20.15 ? 97  GLN A CA  1 
ATOM   753  C  C   . GLN A 1 97  ? 5.538   -11.333 -10.634 1.00 22.24 ? 97  GLN A C   1 
ATOM   754  O  O   . GLN A 1 97  ? 6.347   -11.833 -9.851  1.00 21.69 ? 97  GLN A O   1 
ATOM   755  C  CB  . GLN A 1 97  ? 6.389   -10.409 -12.847 1.00 18.78 ? 97  GLN A CB  1 
ATOM   756  C  CG  . GLN A 1 97  ? 6.803   -10.792 -14.276 1.00 21.72 ? 97  GLN A CG  1 
ATOM   757  C  CD  . GLN A 1 97  ? 7.036   -9.597  -15.171 1.00 24.33 ? 97  GLN A CD  1 
ATOM   758  O  OE1 . GLN A 1 97  ? 7.079   -8.454  -14.716 1.00 24.01 ? 97  GLN A OE1 1 
ATOM   759  N  NE2 . GLN A 1 97  ? 7.193   -9.855  -16.468 1.00 25.87 ? 97  GLN A NE2 1 
ATOM   760  N  N   . MET A 1 98  ? 4.513   -10.580 -10.232 1.00 19.72 ? 98  MET A N   1 
ATOM   761  C  CA  . MET A 1 98  ? 4.205   -10.386 -8.809  1.00 22.43 ? 98  MET A CA  1 
ATOM   762  C  C   . MET A 1 98  ? 4.010   -11.691 -8.078  1.00 24.26 ? 98  MET A C   1 
ATOM   763  O  O   . MET A 1 98  ? 4.582   -11.907 -7.019  1.00 21.80 ? 98  MET A O   1 
ATOM   764  C  CB  . MET A 1 98  ? 2.917   -9.589  -8.631  1.00 27.08 ? 98  MET A CB  1 
ATOM   765  C  CG  . MET A 1 98  ? 3.034   -8.132  -8.874  1.00 26.79 ? 98  MET A CG  1 
ATOM   766  S  SD  . MET A 1 98  ? 1.371   -7.476  -8.741  1.00 23.43 ? 98  MET A SD  1 
ATOM   767  C  CE  . MET A 1 98  ? 1.146   -7.440  -6.977  1.00 20.58 ? 98  MET A CE  1 
ATOM   768  N  N   . LYS A 1 99  ? 3.159   -12.525 -8.593  1.00 19.62 ? 99  LYS A N   1 
ATOM   769  C  CA  . LYS A 1 99  ? 2.920   -13.802 -8.006  1.00 25.76 ? 99  LYS A CA  1 
ATOM   770  C  C   . LYS A 1 99  ? 4.148   -14.651 -7.865  1.00 24.54 ? 99  LYS A C   1 
ATOM   771  O  O   . LYS A 1 99  ? 4.357   -15.280 -6.862  1.00 27.12 ? 99  LYS A O   1 
ATOM   772  C  CB  . LYS A 1 99  ? 1.847   -14.558 -8.766  1.00 27.43 ? 99  LYS A CB  1 
ATOM   773  C  CG  . LYS A 1 99  ? 0.490   -13.926 -8.556  1.00 31.90 ? 99  LYS A CG  1 
ATOM   774  C  CD  . LYS A 1 99  ? -0.669  -14.416 -9.332  1.00 28.77 ? 99  LYS A CD  1 
ATOM   775  C  CE  . LYS A 1 99  ? -1.472  -13.188 -9.854  1.00 44.65 ? 99  LYS A CE  1 
ATOM   776  N  NZ  . LYS A 1 99  ? -2.933  -13.220 -10.189 1.00 51.77 ? 99  LYS A NZ  1 
ATOM   777  N  N   . ALA A 1 100 ? 4.935   -14.685 -8.906  1.00 22.48 ? 100 ALA A N   1 
ATOM   778  C  CA  . ALA A 1 100 ? 6.154   -15.491 -8.910  1.00 22.55 ? 100 ALA A CA  1 
ATOM   779  C  C   . ALA A 1 100 ? 7.196   -14.936 -7.943  1.00 23.20 ? 100 ALA A C   1 
ATOM   780  O  O   . ALA A 1 100 ? 8.087   -15.659 -7.505  1.00 26.18 ? 100 ALA A O   1 
ATOM   781  C  CB  . ALA A 1 100 ? 6.725   -15.575 -10.323 1.00 24.14 ? 100 ALA A CB  1 
ATOM   782  N  N   . ALA A 1 101 ? 7.074   -13.656 -7.601  1.00 23.25 ? 101 ALA A N   1 
ATOM   783  C  CA  . ALA A 1 101 ? 8.048   -13.006 -6.732  1.00 21.27 ? 101 ALA A CA  1 
ATOM   784  C  C   . ALA A 1 101 ? 7.988   -13.548 -5.308  1.00 24.38 ? 101 ALA A C   1 
ATOM   785  O  O   . ALA A 1 101 ? 8.996   -13.545 -4.594  1.00 27.17 ? 101 ALA A O   1 
ATOM   786  C  CB  . ALA A 1 101 ? 7.832   -11.514 -6.730  1.00 23.09 ? 101 ALA A CB  1 
ATOM   787  N  N   . GLY A 1 102 ? 6.799   -13.976 -4.890  1.00 27.32 ? 102 GLY A N   1 
ATOM   788  C  CA  . GLY A 1 102 ? 6.644   -14.737 -3.657  1.00 27.28 ? 102 GLY A CA  1 
ATOM   789  C  C   . GLY A 1 102 ? 6.578   -13.963 -2.350  1.00 28.39 ? 102 GLY A C   1 
ATOM   790  O  O   . GLY A 1 102 ? 5.669   -14.179 -1.547  1.00 28.24 ? 102 GLY A O   1 
ATOM   791  N  N   . ASP A 1 103 ? 7.532   -13.064 -2.126  1.00 28.69 ? 103 ASP A N   1 
ATOM   792  C  CA  . ASP A 1 103 ? 7.623   -12.351 -0.849  1.00 28.45 ? 103 ASP A CA  1 
ATOM   793  C  C   . ASP A 1 103 ? 8.241   -10.963 -1.006  1.00 30.48 ? 103 ASP A C   1 
ATOM   794  O  O   . ASP A 1 103 ? 8.523   -10.529 -2.124  1.00 24.74 ? 103 ASP A O   1 
ATOM   795  C  CB  . ASP A 1 103 ? 8.425   -13.179 0.168   1.00 32.04 ? 103 ASP A CB  1 
ATOM   796  C  CG  . ASP A 1 103 ? 9.746   -13.674 -0.396  1.00 36.48 ? 103 ASP A CG  1 
ATOM   797  O  OD1 . ASP A 1 103 ? 10.394  -12.923 -1.157  1.00 33.26 ? 103 ASP A OD1 1 
ATOM   798  O  OD2 . ASP A 1 103 ? 10.136  -14.823 -0.093  1.00 40.41 ? 103 ASP A OD2 1 
ATOM   799  N  N   . PHE A 1 104 ? 8.464   -10.275 0.114   1.00 26.62 ? 104 PHE A N   1 
ATOM   800  C  CA  . PHE A 1 104 ? 8.996   -8.919  0.073   1.00 26.89 ? 104 PHE A CA  1 
ATOM   801  C  C   . PHE A 1 104 ? 10.308  -8.802  -0.705  1.00 26.59 ? 104 PHE A C   1 
ATOM   802  O  O   . PHE A 1 104 ? 10.417  -7.972  -1.615  1.00 23.62 ? 104 PHE A O   1 
ATOM   803  C  CB  . PHE A 1 104 ? 9.173   -8.354  1.480   1.00 27.78 ? 104 PHE A CB  1 
ATOM   804  C  CG  . PHE A 1 104 ? 9.988   -7.100  1.511   1.00 22.37 ? 104 PHE A CG  1 
ATOM   805  C  CD1 . PHE A 1 104 ? 9.540   -5.952  0.864   1.00 26.49 ? 104 PHE A CD1 1 
ATOM   806  C  CD2 . PHE A 1 104 ? 11.214  -7.069  2.157   1.00 24.96 ? 104 PHE A CD2 1 
ATOM   807  C  CE1 . PHE A 1 104 ? 10.294  -4.798  0.871   1.00 25.27 ? 104 PHE A CE1 1 
ATOM   808  C  CE2 . PHE A 1 104 ? 11.970  -5.913  2.180   1.00 29.95 ? 104 PHE A CE2 1 
ATOM   809  C  CZ  . PHE A 1 104 ? 11.512  -4.774  1.535   1.00 30.48 ? 104 PHE A CZ  1 
ATOM   810  N  N   . LEU A 1 105 ? 11.295  -9.623  -0.347  1.00 23.91 ? 105 LEU A N   1 
ATOM   811  C  CA  . LEU A 1 105 ? 12.587  -9.597  -1.028  1.00 26.27 ? 105 LEU A CA  1 
ATOM   812  C  C   . LEU A 1 105 ? 12.418  -9.863  -2.517  1.00 23.40 ? 105 LEU A C   1 
ATOM   813  O  O   . LEU A 1 105 ? 13.073  -9.228  -3.337  1.00 23.78 ? 105 LEU A O   1 
ATOM   814  C  CB  . LEU A 1 105 ? 13.568  -10.594 -0.407  1.00 24.41 ? 105 LEU A CB  1 
ATOM   815  C  CG  . LEU A 1 105 ? 14.125  -10.188 0.963   1.00 26.61 ? 105 LEU A CG  1 
ATOM   816  C  CD1 . LEU A 1 105 ? 15.246  -11.128 1.399   1.00 32.93 ? 105 LEU A CD1 1 
ATOM   817  C  CD2 . LEU A 1 105 ? 14.607  -8.748  0.963   1.00 28.22 ? 105 LEU A CD2 1 
ATOM   818  N  N   . GLY A 1 106 ? 11.515  -10.775 -2.864  1.00 23.28 ? 106 GLY A N   1 
ATOM   819  C  CA  . GLY A 1 106 ? 11.228  -11.070 -4.260  1.00 21.83 ? 106 GLY A CA  1 
ATOM   820  C  C   . GLY A 1 106 ? 10.611  -9.896  -4.996  1.00 22.51 ? 106 GLY A C   1 
ATOM   821  O  O   . GLY A 1 106 ? 10.978  -9.590  -6.134  1.00 24.35 ? 106 GLY A O   1 
ATOM   822  N  N   . VAL A 1 107 ? 9.670   -9.223  -4.345  1.00 21.06 ? 107 VAL A N   1 
ATOM   823  C  CA  . VAL A 1 107 ? 8.994   -8.083  -4.958  1.00 20.61 ? 107 VAL A CA  1 
ATOM   824  C  C   . VAL A 1 107 ? 9.941   -6.892  -5.110  1.00 22.84 ? 107 VAL A C   1 
ATOM   825  O  O   . VAL A 1 107 ? 9.978   -6.246  -6.164  1.00 22.52 ? 107 VAL A O   1 
ATOM   826  C  CB  . VAL A 1 107 ? 7.734   -7.692  -4.144  1.00 26.12 ? 107 VAL A CB  1 
ATOM   827  C  CG1 . VAL A 1 107 ? 7.179   -6.361  -4.606  1.00 28.03 ? 107 VAL A CG1 1 
ATOM   828  C  CG2 . VAL A 1 107 ? 6.685   -8.779  -4.266  1.00 29.44 ? 107 VAL A CG2 1 
ATOM   829  N  N   . GLU A 1 108 ? 10.721  -6.613  -4.069  1.00 25.39 ? 108 GLU A N   1 
ATOM   830  C  CA  . GLU A 1 108 ? 11.705  -5.533  -4.115  1.00 23.30 ? 108 GLU A CA  1 
ATOM   831  C  C   . GLU A 1 108 ? 12.670  -5.768  -5.275  1.00 22.76 ? 108 GLU A C   1 
ATOM   832  O  O   . GLU A 1 108 ? 12.915  -4.873  -6.082  1.00 27.35 ? 108 GLU A O   1 
ATOM   833  C  CB  . GLU A 1 108 ? 12.462  -5.467  -2.787  1.00 27.06 ? 108 GLU A CB  1 
ATOM   834  C  CG  . GLU A 1 108 ? 13.389  -4.264  -2.622  1.00 32.90 ? 108 GLU A CG  1 
ATOM   835  C  CD  . GLU A 1 108 ? 14.197  -4.331  -1.333  1.00 37.63 ? 108 GLU A CD  1 
ATOM   836  O  OE1 . GLU A 1 108 ? 14.678  -5.433  -0.986  1.00 35.58 ? 108 GLU A OE1 1 
ATOM   837  O  OE2 . GLU A 1 108 ? 14.344  -3.290  -0.655  1.00 36.36 ? 108 GLU A OE2 1 
ATOM   838  N  N   . SER A 1 109 ? 13.175  -6.994  -5.373  1.00 23.45 ? 109 SER A N   1 
ATOM   839  C  CA  . SER A 1 109 ? 14.067  -7.382  -6.464  1.00 26.14 ? 109 SER A CA  1 
ATOM   840  C  C   . SER A 1 109 ? 13.418  -7.226  -7.848  1.00 24.41 ? 109 SER A C   1 
ATOM   841  O  O   . SER A 1 109 ? 14.057  -6.732  -8.788  1.00 25.97 ? 109 SER A O   1 
ATOM   842  C  CB  . SER A 1 109 ? 14.547  -8.824  -6.265  1.00 28.64 ? 109 SER A CB  1 
ATOM   843  O  OG  . SER A 1 109 ? 15.183  -9.306  -7.434  1.00 38.11 ? 109 SER A OG  1 
ATOM   844  N  N   . MET A 1 110 ? 12.159  -7.640  -7.976  1.00 26.19 ? 110 MET A N   1 
ATOM   845  C  CA  . MET A 1 110 ? 11.424  -7.513  -9.239  1.00 24.77 ? 110 MET A CA  1 
ATOM   846  C  C   . MET A 1 110 ? 11.375  -6.057  -9.696  1.00 26.05 ? 110 MET A C   1 
ATOM   847  O  O   . MET A 1 110 ? 11.666  -5.743  -10.862 1.00 27.01 ? 110 MET A O   1 
ATOM   848  C  CB  . MET A 1 110 ? 10.004  -8.066  -9.076  1.00 25.24 ? 110 MET A CB  1 
ATOM   849  C  CG  . MET A 1 110 ? 9.012   -7.739  -10.207 1.00 25.04 ? 110 MET A CG  1 
ATOM   850  S  SD  . MET A 1 110 ? 7.368   -8.412  -9.820  1.00 25.12 ? 110 MET A SD  1 
ATOM   851  C  CE  . MET A 1 110 ? 6.319   -7.502  -10.960 1.00 25.46 ? 110 MET A CE  1 
ATOM   852  N  N   . MET A 1 111 ? 11.030  -5.164  -8.779  1.00 22.62 ? 111 MET A N   1 
ATOM   853  C  CA  . MET A 1 111 ? 10.955  -3.737  -9.099  1.00 24.68 ? 111 MET A CA  1 
ATOM   854  C  C   . MET A 1 111 ? 12.304  -3.178  -9.538  1.00 24.76 ? 111 MET A C   1 
ATOM   855  O  O   . MET A 1 111 ? 12.393  -2.426  -10.514 1.00 25.19 ? 111 MET A O   1 
ATOM   856  C  CB  . MET A 1 111 ? 10.461  -2.935  -7.897  1.00 28.41 ? 111 MET A CB  1 
ATOM   857  C  CG  . MET A 1 111 ? 9.023   -3.196  -7.507  1.00 27.86 ? 111 MET A CG  1 
ATOM   858  S  SD  . MET A 1 111 ? 8.545   -2.105  -6.153  1.00 30.38 ? 111 MET A SD  1 
ATOM   859  C  CE  . MET A 1 111 ? 6.891   -2.689  -5.780  1.00 28.04 ? 111 MET A CE  1 
ATOM   860  N  N   . LYS A 1 112 ? 13.330  -3.491  -8.809  1.00 22.40 ? 112 LYS A N   1 
ATOM   861  C  CA  . LYS A 1 112 ? 14.661  -3.012  -9.102  1.00 24.34 ? 112 LYS A CA  1 
ATOM   862  C  C   . LYS A 1 112 ? 15.304  -3.620  -10.337 1.00 25.75 ? 112 LYS A C   1 
ATOM   863  O  O   . LYS A 1 112 ? 15.782  -2.902  -11.184 1.00 25.26 ? 112 LYS A O   1 
ATOM   864  C  CB  . LYS A 1 112 ? 15.543  -3.217  -7.919  1.00 27.82 ? 112 LYS A CB  1 
ATOM   865  C  CG  . LYS A 1 112 ? 17.043  -2.934  -8.123  1.00 34.60 ? 112 LYS A CG  1 
ATOM   866  C  CD  . LYS A 1 112 ? 17.882  -3.602  -7.016  1.00 42.35 ? 112 LYS A CD  1 
ATOM   867  C  CE  . LYS A 1 112 ? 19.398  -3.362  -7.030  1.00 48.60 ? 112 LYS A CE  1 
ATOM   868  N  NZ  . LYS A 1 112 ? 19.749  -2.117  -7.737  1.00 50.77 ? 112 LYS A NZ  1 
ATOM   869  N  N   . MET A 1 113 ? 15.313  -4.932  -10.399 1.00 25.05 ? 113 MET A N   1 
ATOM   870  C  CA  . MET A 1 113 ? 16.029  -5.616  -11.470 1.00 22.43 ? 113 MET A CA  1 
ATOM   871  C  C   . MET A 1 113 ? 15.359  -5.473  -12.832 1.00 26.29 ? 113 MET A C   1 
ATOM   872  O  O   . MET A 1 113 ? 16.034  -5.494  -13.861 1.00 26.67 ? 113 MET A O   1 
ATOM   873  C  CB  . MET A 1 113 ? 16.235  -7.089  -11.124 1.00 23.32 ? 113 MET A CB  1 
ATOM   874  C  CG  . MET A 1 113 ? 17.050  -7.288  -9.870  1.00 28.39 ? 113 MET A CG  1 
ATOM   875  S  SD  . MET A 1 113 ? 18.695  -6.555  -9.988  1.00 36.66 ? 113 MET A SD  1 
ATOM   876  C  CE  . MET A 1 113 ? 19.538  -7.854  -10.889 1.00 37.24 ? 113 MET A CE  1 
ATOM   877  N  N   . ARG A 1 114 ? 14.039  -5.312  -12.849 1.00 22.22 ? 114 ARG A N   1 
ATOM   878  C  CA  . ARG A 1 114 ? 13.331  -5.053  -14.106 1.00 24.04 ? 114 ARG A CA  1 
ATOM   879  C  C   . ARG A 1 114 ? 13.261  -3.562  -14.432 1.00 22.85 ? 114 ARG A C   1 
ATOM   880  O  O   . ARG A 1 114 ? 12.638  -3.168  -15.420 1.00 22.27 ? 114 ARG A O   1 
ATOM   881  C  CB  . ARG A 1 114 ? 11.916  -5.648  -14.083 1.00 22.78 ? 114 ARG A CB  1 
ATOM   882  C  CG  . ARG A 1 114 ? 11.875  -7.173  -14.013 1.00 24.58 ? 114 ARG A CG  1 
ATOM   883  C  CD  . ARG A 1 114 ? 10.444  -7.702  -14.057 1.00 25.11 ? 114 ARG A CD  1 
ATOM   884  N  NE  . ARG A 1 114 ? 10.413  -9.160  -14.157 1.00 31.05 ? 114 ARG A NE  1 
ATOM   885  C  CZ  . ARG A 1 114 ? 10.473  -9.824  -15.307 1.00 22.63 ? 114 ARG A CZ  1 
ATOM   886  N  NH1 . ARG A 1 114 ? 10.566  -9.172  -16.458 1.00 30.46 ? 114 ARG A NH1 1 
ATOM   887  N  NH2 . ARG A 1 114 ? 10.443  -11.150 -15.310 1.00 35.21 ? 114 ARG A NH2 1 
ATOM   888  N  N   . ALA A 1 115 ? 13.910  -2.745  -13.600 1.00 18.53 ? 115 ALA A N   1 
ATOM   889  C  CA  . ALA A 1 115 ? 13.944  -1.298  -13.755 1.00 22.01 ? 115 ALA A CA  1 
ATOM   890  C  C   . ALA A 1 115 ? 12.555  -0.710  -13.973 1.00 23.84 ? 115 ALA A C   1 
ATOM   891  O  O   . ALA A 1 115 ? 12.342  0.082   -14.882 1.00 23.07 ? 115 ALA A O   1 
ATOM   892  C  CB  . ALA A 1 115 ? 14.867  -0.928  -14.912 1.00 21.33 ? 115 ALA A CB  1 
ATOM   893  N  N   . PHE A 1 116 ? 11.605  -1.102  -13.134 1.00 21.63 ? 116 PHE A N   1 
ATOM   894  C  CA  . PHE A 1 116 ? 10.223  -0.653  -13.304 1.00 20.11 ? 116 PHE A CA  1 
ATOM   895  C  C   . PHE A 1 116 ? 10.064  0.859   -13.290 1.00 21.74 ? 116 PHE A C   1 
ATOM   896  O  O   . PHE A 1 116 ? 10.705  1.560   -12.498 1.00 23.48 ? 116 PHE A O   1 
ATOM   897  C  CB  . PHE A 1 116 ? 9.329   -1.242  -12.219 1.00 23.31 ? 116 PHE A CB  1 
ATOM   898  C  CG  . PHE A 1 116 ? 8.712   -2.547  -12.592 1.00 22.34 ? 116 PHE A CG  1 
ATOM   899  C  CD1 . PHE A 1 116 ? 9.171   -3.267  -13.693 1.00 23.02 ? 116 PHE A CD1 1 
ATOM   900  C  CD2 . PHE A 1 116 ? 7.663   -3.058  -11.846 1.00 23.74 ? 116 PHE A CD2 1 
ATOM   901  C  CE1 . PHE A 1 116 ? 8.585   -4.484  -14.035 1.00 24.62 ? 116 PHE A CE1 1 
ATOM   902  C  CE2 . PHE A 1 116 ? 7.067   -4.260  -12.188 1.00 25.66 ? 116 PHE A CE2 1 
ATOM   903  C  CZ  . PHE A 1 116 ? 7.534   -4.979  -13.280 1.00 24.80 ? 116 PHE A CZ  1 
ATOM   904  N  N   . ARG A 1 117 ? 9.207   1.350   -14.180 1.00 21.44 ? 117 ARG A N   1 
ATOM   905  C  CA  . ARG A 1 117 ? 8.770   2.739   -14.140 1.00 21.76 ? 117 ARG A CA  1 
ATOM   906  C  C   . ARG A 1 117 ? 7.790   2.945   -12.998 1.00 20.81 ? 117 ARG A C   1 
ATOM   907  O  O   . ARG A 1 117 ? 7.226   1.979   -12.457 1.00 20.69 ? 117 ARG A O   1 
ATOM   908  C  CB  . ARG A 1 117 ? 8.073   3.099   -15.441 1.00 21.23 ? 117 ARG A CB  1 
ATOM   909  C  CG  . ARG A 1 117 ? 8.880   2.777   -16.687 1.00 22.42 ? 117 ARG A CG  1 
ATOM   910  C  CD  . ARG A 1 117 ? 8.139   3.252   -17.923 1.00 25.15 ? 117 ARG A CD  1 
ATOM   911  N  NE  . ARG A 1 117 ? 6.781   2.711   -18.002 1.00 24.00 ? 117 ARG A NE  1 
ATOM   912  C  CZ  . ARG A 1 117 ? 6.454   1.602   -18.658 1.00 26.10 ? 117 ARG A CZ  1 
ATOM   913  N  NH1 . ARG A 1 117 ? 7.377   0.894   -19.296 1.00 27.13 ? 117 ARG A NH1 1 
ATOM   914  N  NH2 . ARG A 1 117 ? 5.193   1.196   -18.683 1.00 27.33 ? 117 ARG A NH2 1 
ATOM   915  N  N   . ASP A 1 118 ? 7.580   4.206   -12.626 1.00 22.77 ? 118 ASP A N   1 
ATOM   916  C  CA  . ASP A 1 118 ? 6.607   4.523   -11.582 1.00 22.40 ? 118 ASP A CA  1 
ATOM   917  C  C   . ASP A 1 118 ? 5.239   3.920   -11.883 1.00 22.68 ? 118 ASP A C   1 
ATOM   918  O  O   . ASP A 1 118 ? 4.599   3.368   -10.993 1.00 20.99 ? 118 ASP A O   1 
ATOM   919  C  CB  . ASP A 1 118 ? 6.475   6.037   -11.371 1.00 22.99 ? 118 ASP A CB  1 
ATOM   920  C  CG  . ASP A 1 118 ? 7.638   6.624   -10.589 1.00 34.46 ? 118 ASP A CG  1 
ATOM   921  O  OD1 . ASP A 1 118 ? 8.655   5.921   -10.405 1.00 40.44 ? 118 ASP A OD1 1 
ATOM   922  O  OD2 . ASP A 1 118 ? 7.538   7.798   -10.164 1.00 46.15 ? 118 ASP A OD2 1 
ATOM   923  N  N   . ASP A 1 119 ? 4.797   3.990   -13.135 1.00 20.32 ? 119 ASP A N   1 
ATOM   924  C  CA  . ASP A 1 119 ? 3.466   3.474   -13.468 1.00 23.08 ? 119 ASP A CA  1 
ATOM   925  C  C   . ASP A 1 119 ? 3.365   1.948   -13.315 1.00 23.29 ? 119 ASP A C   1 
ATOM   926  O  O   . ASP A 1 119 ? 2.299   1.415   -12.978 1.00 22.45 ? 119 ASP A O   1 
ATOM   927  C  CB  . ASP A 1 119 ? 2.970   3.976   -14.840 1.00 23.45 ? 119 ASP A CB  1 
ATOM   928  C  CG  . ASP A 1 119 ? 3.768   3.429   -16.021 1.00 30.02 ? 119 ASP A CG  1 
ATOM   929  O  OD1 . ASP A 1 119 ? 4.949   3.039   -15.876 1.00 30.07 ? 119 ASP A OD1 1 
ATOM   930  O  OD2 . ASP A 1 119 ? 3.197   3.413   -17.135 1.00 32.71 ? 119 ASP A OD2 1 
ATOM   931  N  N   . GLN A 1 120 ? 4.476   1.252   -13.543 1.00 18.70 ? 120 GLN A N   1 
ATOM   932  C  CA  . GLN A 1 120 ? 4.518   -0.193  -13.368 1.00 19.14 ? 120 GLN A CA  1 
ATOM   933  C  C   . GLN A 1 120 ? 4.494   -0.565  -11.880 1.00 20.99 ? 120 GLN A C   1 
ATOM   934  O  O   . GLN A 1 120 ? 3.836   -1.537  -11.479 1.00 20.28 ? 120 GLN A O   1 
ATOM   935  C  CB  . GLN A 1 120 ? 5.745   -0.772  -14.062 1.00 18.23 ? 120 GLN A CB  1 
ATOM   936  C  CG  . GLN A 1 120 ? 5.691   -0.684  -15.585 1.00 17.50 ? 120 GLN A CG  1 
ATOM   937  C  CD  . GLN A 1 120 ? 6.998   -1.105  -16.220 1.00 22.06 ? 120 GLN A CD  1 
ATOM   938  O  OE1 . GLN A 1 120 ? 8.055   -0.566  -15.895 1.00 22.30 ? 120 GLN A OE1 1 
ATOM   939  N  NE2 . GLN A 1 120 ? 6.938   -2.082  -17.119 1.00 27.17 ? 120 GLN A NE2 1 
ATOM   940  N  N   . ILE A 1 121 ? 5.220   0.189   -11.060 1.00 18.98 ? 121 ILE A N   1 
ATOM   941  C  CA  . ILE A 1 121 ? 5.127   0.008   -9.615  1.00 18.65 ? 121 ILE A CA  1 
ATOM   942  C  C   . ILE A 1 121 ? 3.702   0.282   -9.124  1.00 20.13 ? 121 ILE A C   1 
ATOM   943  O  O   . ILE A 1 121 ? 3.148   -0.495  -8.316  1.00 18.99 ? 121 ILE A O   1 
ATOM   944  C  CB  . ILE A 1 121 ? 6.152   0.903   -8.876  1.00 19.44 ? 121 ILE A CB  1 
ATOM   945  C  CG1 . ILE A 1 121 ? 7.564   0.401   -9.194  1.00 22.92 ? 121 ILE A CG1 1 
ATOM   946  C  CG2 . ILE A 1 121 ? 5.885   0.909   -7.366  1.00 20.59 ? 121 ILE A CG2 1 
ATOM   947  C  CD1 . ILE A 1 121 ? 8.685   1.303   -8.713  1.00 26.45 ? 121 ILE A CD1 1 
ATOM   948  N  N   . MET A 1 122 ? 3.143   1.150   -9.752  1.00 18.78 ? 122 MET A N   1 
ATOM   949  C  CA  . MET A 1 122 ? 1.854   1.543   -9.241  1.00 20.23 ? 122 MET A CA  1 
ATOM   950  C  C   . MET A 1 122 ? 0.719   0.607   -9.641  1.00 18.28 ? 122 MET A C   1 
ATOM   951  O  O   . MET A 1 122 ? -0.244  0.486   -8.949  1.00 19.08 ? 122 MET A O   1 
ATOM   952  C  CB  . MET A 1 122 ? 1.558   3.012   -9.625  1.00 22.01 ? 122 MET A CB  1 
ATOM   953  C  CG  . MET A 1 122 ? 2.517   4.051   -8.943  1.00 25.88 ? 122 MET A CG  1 
ATOM   954  S  SD  . MET A 1 122 ? 2.337   3.898   -7.135  1.00 30.42 ? 122 MET A SD  1 
ATOM   955  C  CE  . MET A 1 122 ? 0.706   4.493   -7.189  1.00 37.82 ? 122 MET A CE  1 
ATOM   956  N  N   . GLU A 1 123 ? 0.981   -0.023  -10.764 1.00 19.20 ? 123 GLU A N   1 
ATOM   957  C  CA  . GLU A 1 123 ? 0.104   -1.109  -11.190 1.00 18.20 ? 123 GLU A CA  1 
ATOM   958  C  C   . GLU A 1 123 ? 0.178   -2.316  -10.240 1.00 18.93 ? 123 GLU A C   1 
ATOM   959  O  O   . GLU A 1 123 ? -0.830  -2.998  -10.021 1.00 16.99 ? 123 GLU A O   1 
ATOM   960  C  CB  . GLU A 1 123 ? 0.468   -1.519  -12.614 1.00 18.37 ? 123 GLU A CB  1 
ATOM   961  C  CG  . GLU A 1 123 ? -0.404  -2.624  -13.210 1.00 19.74 ? 123 GLU A CG  1 
ATOM   962  C  CD  . GLU A 1 123 ? -1.789  -2.165  -13.650 1.00 20.57 ? 123 GLU A CD  1 
ATOM   963  O  OE1 . GLU A 1 123 ? -2.151  -0.976  -13.481 1.00 18.84 ? 123 GLU A OE1 1 
ATOM   964  O  OE2 . GLU A 1 123 ? -2.541  -3.011  -14.188 1.00 25.55 ? 123 GLU A OE2 1 
ATOM   965  N  N   . MET A 1 124 ? 1.359   -2.570  -9.674  1.00 17.60 ? 124 MET A N   1 
ATOM   966  C  CA  . MET A 1 124 ? 1.498   -3.596  -8.634  1.00 18.47 ? 124 MET A CA  1 
ATOM   967  C  C   . MET A 1 124 ? 0.684   -3.201  -7.406  1.00 17.08 ? 124 MET A C   1 
ATOM   968  O  O   . MET A 1 124 ? -0.041  -4.022  -6.815  1.00 17.59 ? 124 MET A O   1 
ATOM   969  C  CB  . MET A 1 124 ? 2.967   -3.783  -8.244  1.00 20.40 ? 124 MET A CB  1 
ATOM   970  C  CG  . MET A 1 124 ? 3.846   -4.286  -9.386  1.00 19.40 ? 124 MET A CG  1 
ATOM   971  S  SD  . MET A 1 124 ? 5.583   -4.265  -8.908  1.00 23.29 ? 124 MET A SD  1 
ATOM   972  C  CE  . MET A 1 124 ? 5.598   -5.579  -7.711  1.00 25.91 ? 124 MET A CE  1 
ATOM   973  N  N   . VAL A 1 125 ? 0.785   -1.937  -7.005  1.00 17.84 ? 125 VAL A N   1 
ATOM   974  C  CA  . VAL A 1 125 ? 0.000   -1.469  -5.866  1.00 17.53 ? 125 VAL A CA  1 
ATOM   975  C  C   . VAL A 1 125 ? -1.501  -1.530  -6.150  1.00 17.14 ? 125 VAL A C   1 
ATOM   976  O  O   . VAL A 1 125 ? -2.294  -1.896  -5.281  1.00 16.78 ? 125 VAL A O   1 
ATOM   977  C  CB  . VAL A 1 125 ? 0.395   -0.029  -5.486  1.00 17.86 ? 125 VAL A CB  1 
ATOM   978  C  CG1 . VAL A 1 125 ? -0.500  0.513   -4.374  1.00 18.35 ? 125 VAL A CG1 1 
ATOM   979  C  CG2 . VAL A 1 125 ? 1.855   0.032   -5.078  1.00 16.84 ? 125 VAL A CG2 1 
ATOM   980  N  N   . GLU A 1 126 ? -1.892  -1.173  -7.369  1.00 16.68 ? 126 GLU A N   1 
ATOM   981  C  CA  . GLU A 1 126 ? -3.301  -1.252  -7.756  1.00 16.85 ? 126 GLU A CA  1 
ATOM   982  C  C   . GLU A 1 126 ? -3.808  -2.691  -7.731  1.00 18.30 ? 126 GLU A C   1 
ATOM   983  O  O   . GLU A 1 126 ? -4.939  -2.953  -7.318  1.00 18.00 ? 126 GLU A O   1 
ATOM   984  C  CB  . GLU A 1 126 ? -3.519  -0.679  -9.148  1.00 16.43 ? 126 GLU A CB  1 
ATOM   985  C  CG  . GLU A 1 126 ? -4.988  -0.605  -9.501  1.00 16.75 ? 126 GLU A CG  1 
ATOM   986  C  CD  . GLU A 1 126 ? -5.226  -0.191  -10.931 1.00 20.96 ? 126 GLU A CD  1 
ATOM   987  O  OE1 . GLU A 1 126 ? -4.257  -0.147  -11.731 1.00 20.54 ? 126 GLU A OE1 1 
ATOM   988  O  OE2 . GLU A 1 126 ? -6.404  0.070   -11.271 1.00 20.51 ? 126 GLU A OE2 1 
ATOM   989  N  N   . GLU A 1 127 ? -2.986  -3.622  -8.198  1.00 16.30 ? 127 GLU A N   1 
ATOM   990  C  CA  . GLU A 1 127 ? -3.341  -5.037  -8.106  1.00 16.51 ? 127 GLU A CA  1 
ATOM   991  C  C   . GLU A 1 127 ? -3.667  -5.456  -6.673  1.00 17.61 ? 127 GLU A C   1 
ATOM   992  O  O   . GLU A 1 127 ? -4.703  -6.075  -6.422  1.00 20.54 ? 127 GLU A O   1 
ATOM   993  C  CB  . GLU A 1 127 ? -2.240  -5.922  -8.713  1.00 20.43 ? 127 GLU A CB  1 
ATOM   994  C  CG  . GLU A 1 127 ? -2.381  -6.132  -10.209 1.00 21.67 ? 127 GLU A CG  1 
ATOM   995  C  CD  . GLU A 1 127 ? -3.734  -6.711  -10.596 1.00 19.54 ? 127 GLU A CD  1 
ATOM   996  O  OE1 . GLU A 1 127 ? -4.128  -7.755  -10.028 1.00 22.29 ? 127 GLU A OE1 1 
ATOM   997  O  OE2 . GLU A 1 127 ? -4.412  -6.120  -11.463 1.00 23.83 ? 127 GLU A OE2 1 
ATOM   998  N  N   . VAL A 1 128 ? -2.807  -5.095  -5.724  1.00 18.26 ? 128 VAL A N   1 
ATOM   999  C  CA  . VAL A 1 128 ? -3.086  -5.488  -4.351  1.00 18.08 ? 128 VAL A CA  1 
ATOM   1000 C  C   . VAL A 1 128 ? -4.253  -4.697  -3.727  1.00 16.85 ? 128 VAL A C   1 
ATOM   1001 O  O   . VAL A 1 128 ? -4.980  -5.228  -2.881  1.00 20.20 ? 128 VAL A O   1 
ATOM   1002 C  CB  . VAL A 1 128 ? -1.820  -5.496  -3.472  1.00 25.79 ? 128 VAL A CB  1 
ATOM   1003 C  CG1 . VAL A 1 128 ? -0.786  -6.459  -4.044  1.00 26.41 ? 128 VAL A CG1 1 
ATOM   1004 C  CG2 . VAL A 1 128 ? -1.251  -4.142  -3.384  1.00 24.35 ? 128 VAL A CG2 1 
ATOM   1005 N  N   . TYR A 1 129 ? -4.458  -3.444  -4.126  1.00 15.81 ? 129 TYR A N   1 
ATOM   1006 C  CA  . TYR A 1 129 ? -5.560  -2.657  -3.565  1.00 17.76 ? 129 TYR A CA  1 
ATOM   1007 C  C   . TYR A 1 129 ? -6.920  -2.970  -4.189  1.00 18.50 ? 129 TYR A C   1 
ATOM   1008 O  O   . TYR A 1 129 ? -7.930  -3.045  -3.485  1.00 19.95 ? 129 TYR A O   1 
ATOM   1009 C  CB  . TYR A 1 129 ? -5.280  -1.159  -3.700  1.00 18.85 ? 129 TYR A CB  1 
ATOM   1010 C  CG  . TYR A 1 129 ? -6.239  -0.277  -2.916  1.00 17.35 ? 129 TYR A CG  1 
ATOM   1011 C  CD1 . TYR A 1 129 ? -6.187  -0.213  -1.526  1.00 16.44 ? 129 TYR A CD1 1 
ATOM   1012 C  CD2 . TYR A 1 129 ? -7.200  0.485   -3.563  1.00 17.46 ? 129 TYR A CD2 1 
ATOM   1013 C  CE1 . TYR A 1 129 ? -7.056  0.616   -0.809  1.00 17.06 ? 129 TYR A CE1 1 
ATOM   1014 C  CE2 . TYR A 1 129 ? -8.072  1.302   -2.848  1.00 18.94 ? 129 TYR A CE2 1 
ATOM   1015 C  CZ  . TYR A 1 129 ? -8.000  1.352   -1.481  1.00 18.32 ? 129 TYR A CZ  1 
ATOM   1016 O  OH  . TYR A 1 129 ? -8.860  2.178   -0.799  1.00 18.92 ? 129 TYR A OH  1 
ATOM   1017 N  N   . ASP A 1 130 ? -6.951  -3.154  -5.510  1.00 17.97 ? 130 ASP A N   1 
ATOM   1018 C  CA  . ASP A 1 130 ? -8.194  -3.448  -6.226  1.00 18.97 ? 130 ASP A CA  1 
ATOM   1019 C  C   . ASP A 1 130 ? -8.571  -4.911  -6.058  1.00 18.14 ? 130 ASP A C   1 
ATOM   1020 O  O   . ASP A 1 130 ? -9.753  -5.249  -5.967  1.00 21.26 ? 130 ASP A O   1 
ATOM   1021 C  CB  . ASP A 1 130 ? -8.032  -3.169  -7.726  1.00 17.61 ? 130 ASP A CB  1 
ATOM   1022 C  CG  . ASP A 1 130 ? -8.156  -1.694  -8.086  1.00 20.17 ? 130 ASP A CG  1 
ATOM   1023 O  OD1 . ASP A 1 130 ? -8.236  -0.824  -7.189  1.00 20.60 ? 130 ASP A OD1 1 
ATOM   1024 O  OD2 . ASP A 1 130 ? -8.149  -1.404  -9.310  1.00 19.68 ? 130 ASP A OD2 1 
ATOM   1025 N  N   . HIS A 1 131 ? -7.559  -5.770  -6.043  1.00 18.61 ? 131 HIS A N   1 
ATOM   1026 C  CA  . HIS A 1 131 ? -7.778  -7.217  -5.997  1.00 18.20 ? 131 HIS A CA  1 
ATOM   1027 C  C   . HIS A 1 131 ? -6.953  -7.954  -4.932  1.00 20.53 ? 131 HIS A C   1 
ATOM   1028 O  O   . HIS A 1 131 ? -6.249  -8.932  -5.243  1.00 19.76 ? 131 HIS A O   1 
ATOM   1029 C  CB  . HIS A 1 131 ? -7.506  -7.828  -7.379  1.00 18.18 ? 131 HIS A CB  1 
ATOM   1030 C  CG  . HIS A 1 131 ? -8.223  -7.130  -8.494  1.00 20.74 ? 131 HIS A CG  1 
ATOM   1031 N  ND1 . HIS A 1 131 ? -9.574  -7.267  -8.702  1.00 23.78 ? 131 HIS A ND1 1 
ATOM   1032 C  CD2 . HIS A 1 131 ? -7.774  -6.277  -9.445  1.00 21.86 ? 131 HIS A CD2 1 
ATOM   1033 C  CE1 . HIS A 1 131 ? -9.935  -6.524  -9.738  1.00 21.90 ? 131 HIS A CE1 1 
ATOM   1034 N  NE2 . HIS A 1 131 ? -8.864  -5.916  -10.205 1.00 22.62 ? 131 HIS A NE2 1 
ATOM   1035 N  N   . PRO A 1 132 ? -7.062  -7.522  -3.663  1.00 19.50 ? 132 PRO A N   1 
ATOM   1036 C  CA  . PRO A 1 132 ? -6.232  -8.091  -2.594  1.00 19.83 ? 132 PRO A CA  1 
ATOM   1037 C  C   . PRO A 1 132 ? -6.361  -9.606  -2.444  1.00 21.16 ? 132 PRO A C   1 
ATOM   1038 O  O   . PRO A 1 132 ? -5.377  -10.263 -2.125  1.00 23.88 ? 132 PRO A O   1 
ATOM   1039 C  CB  . PRO A 1 132 ? -6.767  -7.398  -1.336  1.00 22.38 ? 132 PRO A CB  1 
ATOM   1040 C  CG  . PRO A 1 132 ? -8.159  -6.989  -1.697  1.00 19.53 ? 132 PRO A CG  1 
ATOM   1041 C  CD  . PRO A 1 132 ? -8.055  -6.574  -3.128  1.00 20.00 ? 132 PRO A CD  1 
ATOM   1042 N  N   . ASP A 1 133 ? -7.549  -10.144 -2.683  1.00 22.42 ? 133 ASP A N   1 
ATOM   1043 C  CA  . ASP A 1 133 ? -7.778  -11.566 -2.448  1.00 27.86 ? 133 ASP A CA  1 
ATOM   1044 C  C   . ASP A 1 133 ? -7.157  -12.429 -3.542  1.00 27.19 ? 133 ASP A C   1 
ATOM   1045 O  O   . ASP A 1 133 ? -7.134  -13.653 -3.429  1.00 28.42 ? 133 ASP A O   1 
ATOM   1046 C  CB  . ASP A 1 133 ? -9.273  -11.847 -2.281  1.00 26.58 ? 133 ASP A CB  1 
ATOM   1047 C  CG  . ASP A 1 133 ? -9.831  -11.274 -0.986  1.00 40.32 ? 133 ASP A CG  1 
ATOM   1048 O  OD1 . ASP A 1 133 ? -9.118  -11.317 0.041   1.00 42.41 ? 133 ASP A OD1 1 
ATOM   1049 O  OD2 . ASP A 1 133 ? -10.974 -10.766 -0.989  1.00 49.19 ? 133 ASP A OD2 1 
ATOM   1050 N  N   . ASP A 1 134 ? -6.631  -11.803 -4.590  1.00 24.04 ? 134 ASP A N   1 
ATOM   1051 C  CA  . ASP A 1 134 ? -5.934  -12.559 -5.630  1.00 21.61 ? 134 ASP A CA  1 
ATOM   1052 C  C   . ASP A 1 134 ? -4.476  -12.823 -5.255  1.00 23.45 ? 134 ASP A C   1 
ATOM   1053 O  O   . ASP A 1 134 ? -3.781  -13.559 -5.947  1.00 26.56 ? 134 ASP A O   1 
ATOM   1054 C  CB  . ASP A 1 134 ? -5.980  -11.829 -6.971  1.00 23.93 ? 134 ASP A CB  1 
ATOM   1055 C  CG  . ASP A 1 134 ? -7.360  -11.838 -7.592  1.00 29.08 ? 134 ASP A CG  1 
ATOM   1056 O  OD1 . ASP A 1 134 ? -8.220  -12.619 -7.128  1.00 35.78 ? 134 ASP A OD1 1 
ATOM   1057 O  OD2 . ASP A 1 134 ? -7.582  -11.069 -8.554  1.00 29.68 ? 134 ASP A OD2 1 
ATOM   1058 N  N   . TYR A 1 135 ? -4.022  -12.242 -4.146  1.00 20.37 ? 135 TYR A N   1 
ATOM   1059 C  CA  . TYR A 1 135 ? -2.619  -12.318 -3.766  1.00 20.87 ? 135 TYR A CA  1 
ATOM   1060 C  C   . TYR A 1 135 ? -2.465  -12.794 -2.342  1.00 19.60 ? 135 TYR A C   1 
ATOM   1061 O  O   . TYR A 1 135 ? -3.332  -12.560 -1.496  1.00 21.61 ? 135 TYR A O   1 
ATOM   1062 C  CB  . TYR A 1 135 ? -1.934  -10.952 -3.966  1.00 20.47 ? 135 TYR A CB  1 
ATOM   1063 C  CG  . TYR A 1 135 ? -2.026  -10.513 -5.396  1.00 19.60 ? 135 TYR A CG  1 
ATOM   1064 C  CD1 . TYR A 1 135 ? -1.170  -11.034 -6.348  1.00 18.93 ? 135 TYR A CD1 1 
ATOM   1065 C  CD2 . TYR A 1 135 ? -3.009  -9.626  -5.800  1.00 18.66 ? 135 TYR A CD2 1 
ATOM   1066 C  CE1 . TYR A 1 135 ? -1.264  -10.650 -7.660  1.00 21.08 ? 135 TYR A CE1 1 
ATOM   1067 C  CE2 . TYR A 1 135 ? -3.123  -9.239  -7.120  1.00 19.10 ? 135 TYR A CE2 1 
ATOM   1068 C  CZ  . TYR A 1 135 ? -2.248  -9.766  -8.041  1.00 22.59 ? 135 TYR A CZ  1 
ATOM   1069 O  OH  . TYR A 1 135 ? -2.338  -9.404  -9.358  1.00 22.46 ? 135 TYR A OH  1 
ATOM   1070 N  N   . THR A 1 136 ? -1.355  -13.459 -2.062  1.00 23.70 ? 136 THR A N   1 
ATOM   1071 C  CA  . THR A 1 136 ? -1.095  -13.936 -0.714  1.00 22.37 ? 136 THR A CA  1 
ATOM   1072 C  C   . THR A 1 136 ? -0.791  -12.735 0.161   1.00 21.45 ? 136 THR A C   1 
ATOM   1073 O  O   . THR A 1 136 ? -0.392  -11.690 -0.347  1.00 19.80 ? 136 THR A O   1 
ATOM   1074 C  CB  . THR A 1 136 ? 0.113   -14.886 -0.672  1.00 23.63 ? 136 THR A CB  1 
ATOM   1075 O  OG1 . THR A 1 136 ? 1.284   -14.206 -1.144  1.00 23.35 ? 136 THR A OG1 1 
ATOM   1076 C  CG2 . THR A 1 136 ? -0.138  -16.132 -1.522  1.00 26.11 ? 136 THR A CG2 1 
ATOM   1077 N  N   . PRO A 1 137 ? -0.994  -12.870 1.477   1.00 21.01 ? 137 PRO A N   1 
ATOM   1078 C  CA  . PRO A 1 137 ? -0.551  -11.819 2.395   1.00 22.62 ? 137 PRO A CA  1 
ATOM   1079 C  C   . PRO A 1 137 ? 0.916   -11.420 2.161   1.00 23.41 ? 137 PRO A C   1 
ATOM   1080 O  O   . PRO A 1 137 ? 1.239   -10.230 2.195   1.00 22.01 ? 137 PRO A O   1 
ATOM   1081 C  CB  . PRO A 1 137 ? -0.747  -12.468 3.770   1.00 23.05 ? 137 PRO A CB  1 
ATOM   1082 C  CG  . PRO A 1 137 ? -1.918  -13.396 3.562   1.00 26.70 ? 137 PRO A CG  1 
ATOM   1083 C  CD  . PRO A 1 137 ? -1.736  -13.942 2.172   1.00 25.32 ? 137 PRO A CD  1 
ATOM   1084 N  N   . ASP A 1 138 ? 1.789   -12.383 1.875   1.00 23.52 ? 138 ASP A N   1 
ATOM   1085 C  CA  . ASP A 1 138 ? 3.199   -12.080 1.633   1.00 21.42 ? 138 ASP A CA  1 
ATOM   1086 C  C   . ASP A 1 138 ? 3.393   -11.155 0.430   1.00 20.49 ? 138 ASP A C   1 
ATOM   1087 O  O   . ASP A 1 138 ? 4.210   -10.238 0.474   1.00 23.92 ? 138 ASP A O   1 
ATOM   1088 C  CB  . ASP A 1 138 ? 4.006   -13.363 1.429   1.00 24.71 ? 138 ASP A CB  1 
ATOM   1089 C  CG  . ASP A 1 138 ? 4.261   -14.114 2.721   1.00 36.12 ? 138 ASP A CG  1 
ATOM   1090 O  OD1 . ASP A 1 138 ? 4.016   -13.554 3.816   1.00 34.32 ? 138 ASP A OD1 1 
ATOM   1091 O  OD2 . ASP A 1 138 ? 4.726   -15.273 2.635   1.00 40.08 ? 138 ASP A OD2 1 
ATOM   1092 N  N   . ILE A 1 139 ? 2.642   -11.401 -0.640  1.00 19.45 ? 139 ILE A N   1 
ATOM   1093 C  CA  . ILE A 1 139 ? 2.727   -10.533 -1.811  1.00 20.08 ? 139 ILE A CA  1 
ATOM   1094 C  C   . ILE A 1 139 ? 2.125   -9.158  -1.545  1.00 19.35 ? 139 ILE A C   1 
ATOM   1095 O  O   . ILE A 1 139 ? 2.712   -8.148  -1.940  1.00 22.31 ? 139 ILE A O   1 
ATOM   1096 C  CB  . ILE A 1 139 ? 2.093   -11.184 -3.058  1.00 20.99 ? 139 ILE A CB  1 
ATOM   1097 C  CG1 . ILE A 1 139 ? 2.973   -12.339 -3.529  1.00 22.16 ? 139 ILE A CG1 1 
ATOM   1098 C  CG2 . ILE A 1 139 ? 1.940   -10.168 -4.199  1.00 22.88 ? 139 ILE A CG2 1 
ATOM   1099 C  CD1 . ILE A 1 139 ? 4.397   -11.907 -3.812  1.00 25.54 ? 139 ILE A CD1 1 
ATOM   1100 N  N   . ARG A 1 140 ? 0.978   -9.102  -0.869  1.00 21.84 ? 140 ARG A N   1 
ATOM   1101 C  CA  . ARG A 1 140 ? 0.350   -7.817  -0.564  1.00 20.93 ? 140 ARG A CA  1 
ATOM   1102 C  C   . ARG A 1 140 ? 1.269   -6.962  0.294   1.00 22.77 ? 140 ARG A C   1 
ATOM   1103 O  O   . ARG A 1 140 ? 1.544   -5.806  -0.043  1.00 21.82 ? 140 ARG A O   1 
ATOM   1104 C  CB  . ARG A 1 140 ? -0.999  -8.005  0.131   1.00 21.97 ? 140 ARG A CB  1 
ATOM   1105 C  CG  . ARG A 1 140 ? -2.083  -8.617  -0.752  1.00 22.62 ? 140 ARG A CG  1 
ATOM   1106 C  CD  . ARG A 1 140 ? -3.488  -8.416  -0.169  1.00 20.78 ? 140 ARG A CD  1 
ATOM   1107 N  NE  . ARG A 1 140 ? -3.629  -8.926  1.197   1.00 21.56 ? 140 ARG A NE  1 
ATOM   1108 C  CZ  . ARG A 1 140 ? -4.141  -10.111 1.531   1.00 22.83 ? 140 ARG A CZ  1 
ATOM   1109 N  NH1 . ARG A 1 140 ? -4.601  -10.939 0.603   1.00 25.02 ? 140 ARG A NH1 1 
ATOM   1110 N  NH2 . ARG A 1 140 ? -4.215  -10.461 2.809   1.00 25.95 ? 140 ARG A NH2 1 
ATOM   1111 N  N   . ILE A 1 141 ? 1.755   -7.541  1.389   1.00 22.13 ? 141 ILE A N   1 
ATOM   1112 C  CA  . ILE A 1 141 ? 2.648   -6.836  2.308   1.00 21.16 ? 141 ILE A CA  1 
ATOM   1113 C  C   . ILE A 1 141 ? 3.959   -6.473  1.626   1.00 22.10 ? 141 ILE A C   1 
ATOM   1114 O  O   . ILE A 1 141 ? 4.434   -5.337  1.745   1.00 22.00 ? 141 ILE A O   1 
ATOM   1115 C  CB  . ILE A 1 141 ? 2.897   -7.667  3.583   1.00 24.81 ? 141 ILE A CB  1 
ATOM   1116 C  CG1 . ILE A 1 141 ? 1.624   -7.687  4.431   1.00 29.74 ? 141 ILE A CG1 1 
ATOM   1117 C  CG2 . ILE A 1 141 ? 4.073   -7.118  4.376   1.00 23.99 ? 141 ILE A CG2 1 
ATOM   1118 C  CD1 . ILE A 1 141 ? 1.619   -8.782  5.471   1.00 28.74 ? 141 ILE A CD1 1 
ATOM   1119 N  N   . GLY A 1 142 ? 4.520   -7.419  0.880   1.00 21.37 ? 142 GLY A N   1 
ATOM   1120 C  CA  . GLY A 1 142 ? 5.748   -7.176  0.141   1.00 19.72 ? 142 GLY A CA  1 
ATOM   1121 C  C   . GLY A 1 142 ? 5.635   -6.035  -0.852  1.00 21.37 ? 142 GLY A C   1 
ATOM   1122 O  O   . GLY A 1 142 ? 6.520   -5.183  -0.927  1.00 23.60 ? 142 GLY A O   1 
ATOM   1123 N  N   . THR A 1 143 ? 4.535   -6.014  -1.598  1.00 20.87 ? 143 THR A N   1 
ATOM   1124 C  CA  . THR A 1 143 ? 4.323   -4.970  -2.594  1.00 19.60 ? 143 THR A CA  1 
ATOM   1125 C  C   . THR A 1 143 ? 4.212   -3.612  -1.919  1.00 19.59 ? 143 THR A C   1 
ATOM   1126 O  O   . THR A 1 143 ? 4.867   -2.655  -2.329  1.00 18.66 ? 143 THR A O   1 
ATOM   1127 C  CB  . THR A 1 143 ? 3.063   -5.236  -3.436  1.00 16.38 ? 143 THR A CB  1 
ATOM   1128 O  OG1 . THR A 1 143 ? 3.226   -6.465  -4.152  1.00 21.58 ? 143 THR A OG1 1 
ATOM   1129 C  CG2 . THR A 1 143 ? 2.852   -4.113  -4.463  1.00 17.14 ? 143 THR A CG2 1 
ATOM   1130 N  N   . ILE A 1 144 ? 3.382   -3.526  -0.883  1.00 17.71 ? 144 ILE A N   1 
ATOM   1131 C  CA  . ILE A 1 144 ? 3.178   -2.247  -0.224  1.00 19.12 ? 144 ILE A CA  1 
ATOM   1132 C  C   . ILE A 1 144 ? 4.445   -1.790  0.501   1.00 20.31 ? 144 ILE A C   1 
ATOM   1133 O  O   . ILE A 1 144 ? 4.781   -0.598  0.476   1.00 19.67 ? 144 ILE A O   1 
ATOM   1134 C  CB  . ILE A 1 144 ? 1.968   -2.292  0.724   1.00 17.29 ? 144 ILE A CB  1 
ATOM   1135 C  CG1 . ILE A 1 144 ? 0.673   -2.525  -0.075  1.00 17.41 ? 144 ILE A CG1 1 
ATOM   1136 C  CG2 . ILE A 1 144 ? 1.855   -0.998  1.535   1.00 20.57 ? 144 ILE A CG2 1 
ATOM   1137 C  CD1 . ILE A 1 144 ? 0.572   -1.756  -1.373  1.00 21.66 ? 144 ILE A CD1 1 
ATOM   1138 N  N   . THR A 1 145 ? 5.157   -2.732  1.126   1.00 19.51 ? 145 THR A N   1 
ATOM   1139 C  CA  . THR A 1 145 ? 6.430   -2.413  1.776   1.00 19.84 ? 145 THR A CA  1 
ATOM   1140 C  C   . THR A 1 145 ? 7.447   -1.864  0.772   1.00 18.51 ? 145 THR A C   1 
ATOM   1141 O  O   . THR A 1 145 ? 8.083   -0.831  1.015   1.00 20.61 ? 145 THR A O   1 
ATOM   1142 C  CB  . THR A 1 145 ? 7.023   -3.632  2.503   1.00 21.58 ? 145 THR A CB  1 
ATOM   1143 O  OG1 . THR A 1 145 ? 6.060   -4.153  3.426   1.00 23.39 ? 145 THR A OG1 1 
ATOM   1144 C  CG2 . THR A 1 145 ? 8.276   -3.244  3.280   1.00 22.22 ? 145 THR A CG2 1 
ATOM   1145 N  N   . ALA A 1 146 ? 7.599   -2.560  -0.350  1.00 20.05 ? 146 ALA A N   1 
ATOM   1146 C  CA  . ALA A 1 146 ? 8.519   -2.123  -1.386  1.00 19.30 ? 146 ALA A CA  1 
ATOM   1147 C  C   . ALA A 1 146 ? 8.163   -0.740  -1.922  1.00 22.03 ? 146 ALA A C   1 
ATOM   1148 O  O   . ALA A 1 146 ? 9.034   0.095   -2.144  1.00 23.26 ? 146 ALA A O   1 
ATOM   1149 C  CB  . ALA A 1 146 ? 8.554   -3.151  -2.514  1.00 21.49 ? 146 ALA A CB  1 
ATOM   1150 N  N   . TRP A 1 147 ? 6.870   -0.516  -2.126  1.00 18.88 ? 147 TRP A N   1 
ATOM   1151 C  CA  . TRP A 1 147 ? 6.358   0.777   -2.555  1.00 19.68 ? 147 TRP A CA  1 
ATOM   1152 C  C   . TRP A 1 147 ? 6.677   1.887   -1.555  1.00 19.91 ? 147 TRP A C   1 
ATOM   1153 O  O   . TRP A 1 147 ? 7.168   2.944   -1.947  1.00 20.18 ? 147 TRP A O   1 
ATOM   1154 C  CB  . TRP A 1 147 ? 4.854   0.649   -2.776  1.00 18.13 ? 147 TRP A CB  1 
ATOM   1155 C  CG  . TRP A 1 147 ? 4.131   1.901   -3.143  1.00 20.22 ? 147 TRP A CG  1 
ATOM   1156 C  CD1 . TRP A 1 147 ? 4.428   2.750   -4.160  1.00 21.81 ? 147 TRP A CD1 1 
ATOM   1157 C  CD2 . TRP A 1 147 ? 2.934   2.405   -2.538  1.00 21.39 ? 147 TRP A CD2 1 
ATOM   1158 N  NE1 . TRP A 1 147 ? 3.507   3.767   -4.213  1.00 24.37 ? 147 TRP A NE1 1 
ATOM   1159 C  CE2 . TRP A 1 147 ? 2.578   3.577   -3.224  1.00 23.28 ? 147 TRP A CE2 1 
ATOM   1160 C  CE3 . TRP A 1 147 ? 2.137   1.981   -1.474  1.00 22.20 ? 147 TRP A CE3 1 
ATOM   1161 C  CZ2 . TRP A 1 147 ? 1.459   4.336   -2.879  1.00 27.44 ? 147 TRP A CZ2 1 
ATOM   1162 C  CZ3 . TRP A 1 147 ? 1.032   2.733   -1.130  1.00 22.34 ? 147 TRP A CZ3 1 
ATOM   1163 C  CH2 . TRP A 1 147 ? 0.701   3.890   -1.833  1.00 24.83 ? 147 TRP A CH2 1 
ATOM   1164 N  N   . LEU A 1 148 ? 6.403   1.648   -0.276  1.00 20.11 ? 148 LEU A N   1 
ATOM   1165 C  CA  . LEU A 1 148 ? 6.716   2.637   0.752   1.00 19.90 ? 148 LEU A CA  1 
ATOM   1166 C  C   . LEU A 1 148 ? 8.210   2.880   0.849   1.00 20.28 ? 148 LEU A C   1 
ATOM   1167 O  O   . LEU A 1 148 ? 8.640   4.022   1.030   1.00 22.15 ? 148 LEU A O   1 
ATOM   1168 C  CB  . LEU A 1 148 ? 6.176   2.204   2.109   1.00 19.30 ? 148 LEU A CB  1 
ATOM   1169 C  CG  . LEU A 1 148 ? 4.666   2.303   2.299   1.00 21.45 ? 148 LEU A CG  1 
ATOM   1170 C  CD1 . LEU A 1 148 ? 4.273   1.856   3.697   1.00 23.91 ? 148 LEU A CD1 1 
ATOM   1171 C  CD2 . LEU A 1 148 ? 4.207   3.716   2.038   1.00 26.61 ? 148 LEU A CD2 1 
ATOM   1172 N  N   . ARG A 1 149 ? 9.003   1.817   0.711   1.00 21.34 ? 149 ARG A N   1 
ATOM   1173 C  CA  . ARG A 1 149 ? 10.455  1.969   0.758   1.00 24.48 ? 149 ARG A CA  1 
ATOM   1174 C  C   . ARG A 1 149 ? 10.931  2.872   -0.374  1.00 24.26 ? 149 ARG A C   1 
ATOM   1175 O  O   . ARG A 1 149 ? 11.789  3.728   -0.180  1.00 25.34 ? 149 ARG A O   1 
ATOM   1176 C  CB  . ARG A 1 149 ? 11.159  0.612   0.714   1.00 27.21 ? 149 ARG A CB  1 
ATOM   1177 C  CG  . ARG A 1 149 ? 12.664  0.707   0.904   1.00 27.47 ? 149 ARG A CG  1 
ATOM   1178 C  CD  . ARG A 1 149 ? 13.295  -0.657  1.142   1.00 28.44 ? 149 ARG A CD  1 
ATOM   1179 N  NE  . ARG A 1 149 ? 13.146  -1.106  2.523   1.00 29.17 ? 149 ARG A NE  1 
ATOM   1180 C  CZ  . ARG A 1 149 ? 13.722  -2.199  3.007   1.00 28.76 ? 149 ARG A CZ  1 
ATOM   1181 N  NH1 . ARG A 1 149 ? 14.471  -2.960  2.220   1.00 30.73 ? 149 ARG A NH1 1 
ATOM   1182 N  NH2 . ARG A 1 149 ? 13.546  -2.534  4.277   1.00 31.42 ? 149 ARG A NH2 1 
ATOM   1183 N  N   A CYS A 1 150 ? 10.346  2.701   -1.551  0.50 20.93 ? 150 CYS A N   1 
ATOM   1184 N  N   B CYS A 1 150 ? 10.315  2.750   -1.537  0.50 20.93 ? 150 CYS A N   1 
ATOM   1185 C  CA  A CYS A 1 150 ? 10.673  3.545   -2.688  0.50 23.44 ? 150 CYS A CA  1 
ATOM   1186 C  CA  B CYS A 1 150 ? 10.707  3.577   -2.659  0.50 23.44 ? 150 CYS A CA  1 
ATOM   1187 C  C   A CYS A 1 150 ? 10.375  5.017   -2.398  0.50 22.82 ? 150 CYS A C   1 
ATOM   1188 C  C   B CYS A 1 150 ? 10.399  5.041   -2.358  0.50 22.82 ? 150 CYS A C   1 
ATOM   1189 O  O   A CYS A 1 150 ? 11.198  5.897   -2.688  0.50 24.72 ? 150 CYS A O   1 
ATOM   1190 O  O   B CYS A 1 150 ? 11.200  5.902   -2.651  0.50 24.72 ? 150 CYS A O   1 
ATOM   1191 C  CB  A CYS A 1 150 ? 9.879   3.068   -3.899  0.50 26.47 ? 150 CYS A CB  1 
ATOM   1192 C  CB  B CYS A 1 150 ? 10.066  3.085   -3.974  0.50 26.47 ? 150 CYS A CB  1 
ATOM   1193 S  SG  A CYS A 1 150 ? 10.387  3.800   -5.441  0.50 37.42 ? 150 CYS A SG  1 
ATOM   1194 S  SG  B CYS A 1 150 ? 10.668  1.446   -4.683  0.50 37.42 ? 150 CYS A SG  1 
ATOM   1195 N  N   . LYS A 1 151 ? 9.205   5.291   -1.826  1.00 20.33 ? 151 LYS A N   1 
ATOM   1196 C  CA  . LYS A 1 151 ? 8.824   6.666   -1.538  1.00 21.25 ? 151 LYS A CA  1 
ATOM   1197 C  C   . LYS A 1 151 ? 9.722   7.267   -0.460  1.00 25.52 ? 151 LYS A C   1 
ATOM   1198 O  O   . LYS A 1 151 ? 10.139  8.428   -0.560  1.00 25.33 ? 151 LYS A O   1 
ATOM   1199 C  CB  . LYS A 1 151 ? 7.363   6.735   -1.080  1.00 25.19 ? 151 LYS A CB  1 
ATOM   1200 C  CG  . LYS A 1 151 ? 6.350   6.356   -2.143  1.00 26.63 ? 151 LYS A CG  1 
ATOM   1201 C  CD  . LYS A 1 151 ? 5.077   5.793   -1.529  1.00 33.59 ? 151 LYS A CD  1 
ATOM   1202 C  CE  . LYS A 1 151 ? 4.220   6.849   -0.887  1.00 36.00 ? 151 LYS A CE  1 
ATOM   1203 N  NZ  . LYS A 1 151 ? 3.504   7.674   -1.901  1.00 41.43 ? 151 LYS A NZ  1 
ATOM   1204 N  N   . ASN A 1 152 ? 10.013  6.483   0.575   1.00 23.28 ? 152 ASN A N   1 
ATOM   1205 C  CA  . ASN A 1 152 ? 10.815  6.986   1.686   1.00 24.11 ? 152 ASN A CA  1 
ATOM   1206 C  C   . ASN A 1 152 ? 12.262  7.273   1.274   1.00 28.59 ? 152 ASN A C   1 
ATOM   1207 O  O   . ASN A 1 152 ? 12.917  8.122   1.868   1.00 27.29 ? 152 ASN A O   1 
ATOM   1208 C  CB  . ASN A 1 152 ? 10.772  6.021   2.881   1.00 24.54 ? 152 ASN A CB  1 
ATOM   1209 C  CG  . ASN A 1 152 ? 9.390   5.896   3.498   1.00 21.39 ? 152 ASN A CG  1 
ATOM   1210 O  OD1 . ASN A 1 152 ? 8.574   6.820   3.433   1.00 26.50 ? 152 ASN A OD1 1 
ATOM   1211 N  ND2 . ASN A 1 152 ? 9.122   4.741   4.120   1.00 22.11 ? 152 ASN A ND2 1 
ATOM   1212 N  N   . LYS A 1 153 ? 12.773  6.557   0.277   1.00 27.00 ? 153 LYS A N   1 
ATOM   1213 C  CA  . LYS A 1 153 ? 14.093  6.851   -0.215  1.00 29.77 ? 153 LYS A CA  1 
ATOM   1214 C  C   . LYS A 1 153 ? 14.194  8.161   -0.928  1.00 32.63 ? 153 LYS A C   1 
ATOM   1215 O  O   . LYS A 1 153 ? 15.270  8.610   -1.098  1.00 36.16 ? 153 LYS A O   1 
ATOM   1216 C  CB  . LYS A 1 153 ? 14.601  5.786   -1.146  1.00 36.76 ? 153 LYS A CB  1 
ATOM   1217 C  CG  . LYS A 1 153 ? 14.908  4.503   -0.446  1.00 35.69 ? 153 LYS A CG  1 
ATOM   1218 C  CD  . LYS A 1 153 ? 15.444  3.403   -1.399  1.00 44.39 ? 153 LYS A CD  1 
ATOM   1219 C  CE  . LYS A 1 153 ? 15.169  1.994   -0.934  1.00 46.46 ? 153 LYS A CE  1 
ATOM   1220 N  NZ  . LYS A 1 153 ? 16.362  1.222   -0.442  1.00 50.48 ? 153 LYS A NZ  1 
ATOM   1221 N  N   . LYS A 1 154 ? 13.107  8.752   -1.342  1.00 32.58 ? 154 LYS A N   1 
ATOM   1222 C  CA  . LYS A 1 154 ? 13.081  10.089  -1.943  1.00 34.30 ? 154 LYS A CA  1 
ATOM   1223 C  C   . LYS A 1 154 ? 12.982  11.210  -0.907  1.00 39.15 ? 154 LYS A C   1 
ATOM   1224 O  O   . LYS A 1 154 ? 12.973  12.390  -1.257  1.00 41.65 ? 154 LYS A O   1 
ATOM   1225 C  CB  . LYS A 1 154 ? 11.915  10.218  -2.921  1.00 37.67 ? 154 LYS A CB  1 
ATOM   1226 C  CG  . LYS A 1 154 ? 11.881  9.174   -4.009  1.00 35.07 ? 154 LYS A CG  1 
ATOM   1227 C  CD  . LYS A 1 154 ? 10.661  9.408   -4.865  1.00 35.57 ? 154 LYS A CD  1 
ATOM   1228 C  CE  . LYS A 1 154 ? 10.528  8.376   -5.958  1.00 30.25 ? 154 LYS A CE  1 
ATOM   1229 N  NZ  . LYS A 1 154 ? 9.374   8.733   -6.831  1.00 43.08 ? 154 LYS A NZ  1 
ATOM   1230 N  N   . SER A 1 155 ? 12.881  10.838  0.365   1.00 34.02 ? 155 SER A N   1 
ATOM   1231 C  CA  . SER A 1 155 ? 12.945  11.799  1.452   1.00 37.92 ? 155 SER A CA  1 
ATOM   1232 C  C   . SER A 1 155 ? 14.393  11.885  1.913   1.00 37.39 ? 155 SER A C   1 
ATOM   1233 O  O   . SER A 1 155 ? 14.799  12.877  2.515   1.00 49.32 ? 155 SER A O   1 
ATOM   1234 C  CB  . SER A 1 155 ? 12.052  11.352  2.610   1.00 42.82 ? 155 SER A CB  1 
ATOM   1235 O  OG  . SER A 1 155 ? 10.748  11.030  2.157   1.00 45.44 ? 155 SER A OG  1 
HETATM 1236 MG MG  . MG  B 2 .   ? -8.277  0.313   -10.422 1.00 30.00 ? 201 MG  A MG  1 
HETATM 1237 MG MG  . MG  C 2 .   ? -4.103  -0.029  -13.756 1.00 30.00 ? 202 MG  A MG  1 
HETATM 1238 O  O   . HOH D 3 .   ? 10.150  -11.968 -17.300 1.00 39.38 ? 301 HOH A O   1 
HETATM 1239 O  O   . HOH D 3 .   ? 16.284  14.328  3.182   1.00 35.31 ? 302 HOH A O   1 
HETATM 1240 O  O   . HOH D 3 .   ? -7.710  -12.666 1.242   1.00 43.65 ? 303 HOH A O   1 
HETATM 1241 O  O   . HOH D 3 .   ? 2.307   -1.907  17.545  1.00 40.47 ? 304 HOH A O   1 
HETATM 1242 O  O   . HOH D 3 .   ? 10.976  -6.994  -17.278 1.00 38.91 ? 305 HOH A O   1 
HETATM 1243 O  O   . HOH D 3 .   ? 4.099   14.611  6.104   1.00 40.54 ? 306 HOH A O   1 
HETATM 1244 O  O   . HOH D 3 .   ? 4.456   -18.103 -13.347 1.00 41.83 ? 307 HOH A O   1 
HETATM 1245 O  O   . HOH D 3 .   ? -15.394 2.909   -2.906  1.00 44.36 ? 308 HOH A O   1 
HETATM 1246 O  O   . HOH D 3 .   ? 14.512  10.955  10.614  1.00 28.89 ? 309 HOH A O   1 
HETATM 1247 O  O   . HOH D 3 .   ? 2.096   -14.094 5.439   1.00 38.72 ? 310 HOH A O   1 
HETATM 1248 O  O   . HOH D 3 .   ? -14.091 16.158  9.891   1.00 35.42 ? 311 HOH A O   1 
HETATM 1249 O  O   . HOH D 3 .   ? -7.609  -3.225  -11.058 1.00 23.19 ? 312 HOH A O   1 
HETATM 1250 O  O   . HOH D 3 .   ? -0.237  16.163  10.026  1.00 36.30 ? 313 HOH A O   1 
HETATM 1251 O  O   . HOH D 3 .   ? -2.774  -8.356  8.129   1.00 25.30 ? 314 HOH A O   1 
HETATM 1252 O  O   . HOH D 3 .   ? 0.490   15.845  7.047   1.00 34.68 ? 315 HOH A O   1 
HETATM 1253 O  O   . HOH D 3 .   ? -5.967  0.862   -13.725 1.00 23.65 ? 316 HOH A O   1 
HETATM 1254 O  O   . HOH D 3 .   ? 5.539   -17.215 -5.548  1.00 34.99 ? 317 HOH A O   1 
HETATM 1255 O  O   . HOH D 3 .   ? 10.371  -11.256 -12.585 1.00 36.88 ? 318 HOH A O   1 
HETATM 1256 O  O   . HOH D 3 .   ? 5.470   -11.148 4.584   1.00 42.97 ? 319 HOH A O   1 
HETATM 1257 O  O   . HOH D 3 .   ? 6.201   10.839  3.891   1.00 39.87 ? 320 HOH A O   1 
HETATM 1258 O  O   . HOH D 3 .   ? -5.596  -4.706  20.069  1.00 40.66 ? 321 HOH A O   1 
HETATM 1259 O  O   . HOH D 3 .   ? -8.160  14.436  -0.176  1.00 27.53 ? 322 HOH A O   1 
HETATM 1260 O  O   . HOH D 3 .   ? 8.095   9.322   2.761   1.00 36.63 ? 323 HOH A O   1 
HETATM 1261 O  O   . HOH D 3 .   ? -3.785  0.315   -15.761 1.00 21.78 ? 324 HOH A O   1 
HETATM 1262 O  O   . HOH D 3 .   ? 0.690   8.958   -20.912 1.00 32.32 ? 325 HOH A O   1 
HETATM 1263 O  O   . HOH D 3 .   ? -7.640  1.329   -8.639  1.00 21.67 ? 326 HOH A O   1 
HETATM 1264 O  O   . HOH D 3 .   ? -4.125  -15.393 -7.848  1.00 42.65 ? 327 HOH A O   1 
HETATM 1265 O  O   . HOH D 3 .   ? 3.391   -15.626 -1.952  1.00 28.17 ? 328 HOH A O   1 
HETATM 1266 O  O   . HOH D 3 .   ? -4.968  -1.878  -14.194 1.00 22.41 ? 329 HOH A O   1 
HETATM 1267 O  O   . HOH D 3 .   ? -12.342 -7.597  17.447  1.00 39.01 ? 330 HOH A O   1 
HETATM 1268 O  O   . HOH D 3 .   ? 13.140  11.969  6.045   1.00 42.85 ? 331 HOH A O   1 
HETATM 1269 O  O   . HOH D 3 .   ? 15.374  -7.557  -2.474  1.00 31.67 ? 332 HOH A O   1 
HETATM 1270 O  O   . HOH D 3 .   ? 7.255   -6.587  -16.639 1.00 29.88 ? 333 HOH A O   1 
HETATM 1271 O  O   . HOH D 3 .   ? 10.786  3.587   10.799  1.00 42.21 ? 334 HOH A O   1 
HETATM 1272 O  O   . HOH D 3 .   ? -13.209 4.917   13.100  1.00 30.40 ? 335 HOH A O   1 
HETATM 1273 O  O   . HOH D 3 .   ? -2.944  -5.632  -13.734 1.00 24.96 ? 336 HOH A O   1 
HETATM 1274 O  O   . HOH D 3 .   ? -6.321  2.868   -15.552 1.00 37.51 ? 337 HOH A O   1 
HETATM 1275 O  O   . HOH D 3 .   ? -5.298  -14.338 -1.004  1.00 30.75 ? 338 HOH A O   1 
HETATM 1276 O  O   . HOH D 3 .   ? -7.737  15.950  6.493   1.00 27.48 ? 339 HOH A O   1 
HETATM 1277 O  O   . HOH D 3 .   ? -4.825  -3.446  -11.483 1.00 27.22 ? 340 HOH A O   1 
HETATM 1278 O  O   . HOH D 3 .   ? -11.117 -8.814  -7.098  1.00 34.43 ? 341 HOH A O   1 
HETATM 1279 O  O   . HOH D 3 .   ? -5.747  13.010  -4.137  1.00 40.62 ? 342 HOH A O   1 
HETATM 1280 O  O   . HOH D 3 .   ? -3.153  -3.505  -16.794 1.00 31.30 ? 343 HOH A O   1 
HETATM 1281 O  O   . HOH D 3 .   ? -10.460 -0.612  -5.543  1.00 28.61 ? 344 HOH A O   1 
HETATM 1282 O  O   . HOH D 3 .   ? 1.221   -10.373 -21.688 1.00 44.50 ? 345 HOH A O   1 
HETATM 1283 O  O   . HOH D 3 .   ? 10.409  -0.890  -17.236 1.00 29.56 ? 346 HOH A O   1 
HETATM 1284 O  O   . HOH D 3 .   ? -6.830  13.995  4.434   1.00 27.14 ? 347 HOH A O   1 
HETATM 1285 O  O   . HOH D 3 .   ? -11.973 5.117   15.705  1.00 37.95 ? 348 HOH A O   1 
HETATM 1286 O  O   . HOH D 3 .   ? 13.102  5.674   -4.640  1.00 37.27 ? 349 HOH A O   1 
HETATM 1287 O  O   . HOH D 3 .   ? 9.040   -12.062 -10.302 1.00 29.24 ? 350 HOH A O   1 
HETATM 1288 O  O   . HOH D 3 .   ? 9.351   9.922   5.154   1.00 39.82 ? 351 HOH A O   1 
HETATM 1289 O  O   . HOH D 3 .   ? -3.048  -5.795  13.468  1.00 25.52 ? 352 HOH A O   1 
HETATM 1290 O  O   . HOH D 3 .   ? -11.996 -6.614  -2.687  1.00 42.11 ? 353 HOH A O   1 
HETATM 1291 O  O   . HOH D 3 .   ? 10.581  3.997   -10.774 1.00 33.55 ? 354 HOH A O   1 
HETATM 1292 O  O   . HOH D 3 .   ? -8.341  10.995  8.734   1.00 23.80 ? 355 HOH A O   1 
HETATM 1293 O  O   . HOH D 3 .   ? -12.092 11.701  -14.647 1.00 47.10 ? 356 HOH A O   1 
HETATM 1294 O  O   . HOH D 3 .   ? -13.869 -1.834  13.548  1.00 31.72 ? 357 HOH A O   1 
HETATM 1295 O  O   . HOH D 3 .   ? 6.286   -10.247 2.284   1.00 33.20 ? 358 HOH A O   1 
HETATM 1296 O  O   . HOH D 3 .   ? -13.111 12.053  2.851   1.00 33.48 ? 359 HOH A O   1 
HETATM 1297 O  O   . HOH D 3 .   ? -1.249  7.295   -2.272  1.00 26.07 ? 360 HOH A O   1 
HETATM 1298 O  O   . HOH D 3 .   ? 4.044   12.251  3.078   1.00 37.93 ? 361 HOH A O   1 
HETATM 1299 O  O   . HOH D 3 .   ? -13.608 -6.684  12.810  1.00 40.73 ? 362 HOH A O   1 
HETATM 1300 O  O   . HOH D 3 .   ? 3.075   -16.278 -11.730 1.00 31.74 ? 363 HOH A O   1 
HETATM 1301 O  O   . HOH D 3 .   ? 8.394   -2.594  12.857  1.00 36.10 ? 364 HOH A O   1 
HETATM 1302 O  O   . HOH D 3 .   ? 17.785  -7.197  -15.196 1.00 39.22 ? 365 HOH A O   1 
HETATM 1303 O  O   . HOH D 3 .   ? 14.024  -0.867  -1.996  1.00 34.37 ? 366 HOH A O   1 
HETATM 1304 O  O   . HOH D 3 .   ? -10.500 -11.349 -6.137  1.00 43.70 ? 367 HOH A O   1 
HETATM 1305 O  O   . HOH D 3 .   ? 11.851  -11.401 -8.072  1.00 38.79 ? 368 HOH A O   1 
HETATM 1306 O  O   . HOH D 3 .   ? -1.327  -2.089  18.971  1.00 37.99 ? 369 HOH A O   1 
HETATM 1307 O  O   . HOH D 3 .   ? -8.629  -5.213  16.699  1.00 24.85 ? 370 HOH A O   1 
HETATM 1308 O  O   . HOH D 3 .   ? 13.104  -0.845  6.747   1.00 47.32 ? 371 HOH A O   1 
HETATM 1309 O  O   . HOH D 3 .   ? 9.319   6.129   -13.691 1.00 32.61 ? 372 HOH A O   1 
HETATM 1310 O  O   . HOH D 3 .   ? 2.569   -15.538 -4.716  1.00 28.91 ? 373 HOH A O   1 
HETATM 1311 O  O   . HOH D 3 .   ? -2.063  -3.122  -28.248 1.00 43.26 ? 374 HOH A O   1 
HETATM 1312 O  O   . HOH D 3 .   ? -2.304  -9.092  4.342   1.00 27.89 ? 375 HOH A O   1 
HETATM 1313 O  O   . HOH D 3 .   ? -5.202  0.083   -21.237 1.00 49.88 ? 376 HOH A O   1 
HETATM 1314 O  O   . HOH D 3 .   ? -15.761 -10.386 9.064   1.00 50.68 ? 377 HOH A O   1 
HETATM 1315 O  O   . HOH D 3 .   ? -1.021  -12.867 -15.506 1.00 30.16 ? 378 HOH A O   1 
HETATM 1316 O  O   . HOH D 3 .   ? 8.594   8.105   12.416  1.00 37.18 ? 379 HOH A O   1 
HETATM 1317 O  O   . HOH D 3 .   ? -12.987 0.344   7.396   1.00 32.98 ? 380 HOH A O   1 
HETATM 1318 O  O   . HOH D 3 .   ? 7.125   -9.374  10.232  1.00 41.88 ? 381 HOH A O   1 
HETATM 1319 O  O   . HOH D 3 .   ? -3.345  9.496   -10.155 1.00 24.54 ? 382 HOH A O   1 
HETATM 1320 O  O   . HOH D 3 .   ? -11.848 10.336  -6.726  1.00 34.43 ? 383 HOH A O   1 
HETATM 1321 O  O   . HOH D 3 .   ? 8.597   -18.360 -8.332  1.00 35.70 ? 384 HOH A O   1 
HETATM 1322 O  O   . HOH D 3 .   ? 7.732   -8.372  -18.869 1.00 41.67 ? 385 HOH A O   1 
HETATM 1323 O  O   . HOH D 3 .   ? -9.086  -0.652  -12.017 1.00 25.65 ? 386 HOH A O   1 
HETATM 1324 O  O   . HOH D 3 .   ? -8.303  -15.229 -1.306  1.00 31.29 ? 387 HOH A O   1 
HETATM 1325 O  O   . HOH D 3 .   ? 5.273   12.437  7.025   1.00 36.29 ? 388 HOH A O   1 
HETATM 1326 O  O   . HOH D 3 .   ? 11.625  -0.942  -2.908  1.00 29.69 ? 389 HOH A O   1 
HETATM 1327 O  O   . HOH D 3 .   ? -10.299 0.502   -9.655  1.00 27.32 ? 390 HOH A O   1 
HETATM 1328 O  O   . HOH D 3 .   ? 12.533  -14.292 -2.556  1.00 44.68 ? 391 HOH A O   1 
HETATM 1329 O  O   . HOH D 3 .   ? 13.475  -7.852  13.345  1.00 43.05 ? 392 HOH A O   1 
HETATM 1330 O  O   . HOH D 3 .   ? -3.837  -12.614 -15.135 1.00 40.90 ? 393 HOH A O   1 
HETATM 1331 O  O   . HOH D 3 .   ? 10.288  0.794   -19.582 1.00 34.11 ? 394 HOH A O   1 
HETATM 1332 O  O   . HOH D 3 .   ? -6.926  12.362  6.760   1.00 34.18 ? 395 HOH A O   1 
HETATM 1333 O  O   . HOH D 3 .   ? 12.873  -2.079  -5.186  1.00 30.37 ? 396 HOH A O   1 
HETATM 1334 O  O   . HOH D 3 .   ? -8.972  10.373  -6.701  1.00 32.41 ? 397 HOH A O   1 
HETATM 1335 O  O   . HOH D 3 .   ? -14.114 10.588  0.124   1.00 33.38 ? 398 HOH A O   1 
HETATM 1336 O  O   . HOH D 3 .   ? -12.405 -8.205  -1.295  1.00 45.77 ? 399 HOH A O   1 
HETATM 1337 O  O   . HOH D 3 .   ? -15.555 8.752   11.025  1.00 35.80 ? 400 HOH A O   1 
HETATM 1338 O  O   . HOH D 3 .   ? -16.353 0.552   -1.601  1.00 40.26 ? 401 HOH A O   1 
HETATM 1339 O  O   . HOH D 3 .   ? -4.375  -7.842  -24.082 1.00 38.51 ? 402 HOH A O   1 
HETATM 1340 O  O   . HOH D 3 .   ? -2.075  -15.593 -4.616  1.00 25.94 ? 403 HOH A O   1 
HETATM 1341 O  O   . HOH D 3 .   ? -4.070  -1.358  -17.897 1.00 30.16 ? 404 HOH A O   1 
HETATM 1342 O  O   . HOH D 3 .   ? -10.224 -7.788  15.786  1.00 28.76 ? 405 HOH A O   1 
HETATM 1343 O  O   . HOH D 3 .   ? 12.708  0.566   -10.519 1.00 40.97 ? 406 HOH A O   1 
HETATM 1344 O  O   . HOH D 3 .   ? -13.282 -4.887  -3.275  1.00 44.99 ? 407 HOH A O   1 
HETATM 1345 O  O   . HOH D 3 .   ? -1.225  15.245  -1.245  1.00 27.07 ? 408 HOH A O   1 
HETATM 1346 O  O   . HOH D 3 .   ? -0.410  15.713  12.784  1.00 42.17 ? 409 HOH A O   1 
HETATM 1347 O  O   . HOH D 3 .   ? -14.871 -0.986  5.104   1.00 35.97 ? 410 HOH A O   1 
HETATM 1348 O  O   . HOH D 3 .   ? 15.965  -7.506  -16.099 1.00 39.32 ? 411 HOH A O   1 
HETATM 1349 O  O   . HOH D 3 .   ? 5.856   6.051   -15.060 1.00 32.73 ? 412 HOH A O   1 
HETATM 1350 O  O   . HOH D 3 .   ? -5.218  -13.645 1.782   1.00 35.81 ? 413 HOH A O   1 
HETATM 1351 O  O   . HOH D 3 .   ? 0.131   -13.972 -4.644  1.00 27.19 ? 414 HOH A O   1 
HETATM 1352 O  O   . HOH D 3 .   ? -5.659  9.551   -17.193 1.00 41.69 ? 415 HOH A O   1 
HETATM 1353 O  O   . HOH D 3 .   ? 1.428   -15.347 2.432   1.00 32.77 ? 416 HOH A O   1 
HETATM 1354 O  O   . HOH D 3 .   ? -11.470 -10.577 2.005   1.00 44.99 ? 417 HOH A O   1 
HETATM 1355 O  O   . HOH D 3 .   ? -14.732 -11.777 11.828  1.00 43.75 ? 418 HOH A O   1 
HETATM 1356 O  O   . HOH D 3 .   ? -4.636  11.184  -2.984  1.00 35.04 ? 419 HOH A O   1 
HETATM 1357 O  O   . HOH D 3 .   ? -2.928  -5.243  -24.511 1.00 29.39 ? 420 HOH A O   1 
HETATM 1358 O  O   . HOH D 3 .   ? -10.139 10.127  -11.417 1.00 37.31 ? 421 HOH A O   1 
HETATM 1359 O  O   . HOH D 3 .   ? 2.612   6.461   -12.108 1.00 38.44 ? 422 HOH A O   1 
HETATM 1360 O  O   . HOH D 3 .   ? 0.947   8.456   -3.416  1.00 38.40 ? 423 HOH A O   1 
HETATM 1361 O  O   . HOH D 3 .   ? -13.744 2.329   -4.784  1.00 37.80 ? 424 HOH A O   1 
HETATM 1362 O  O   . HOH D 3 .   ? -10.709 6.373   -11.966 1.00 39.66 ? 425 HOH A O   1 
HETATM 1363 O  O   . HOH D 3 .   ? -14.025 -5.096  -1.006  1.00 32.93 ? 426 HOH A O   1 
HETATM 1364 O  O   . HOH D 3 .   ? -10.010 -8.921  -4.130  1.00 33.33 ? 427 HOH A O   1 
HETATM 1365 O  O   . HOH D 3 .   ? -4.985  15.588  17.370  1.00 43.10 ? 428 HOH A O   1 
HETATM 1366 O  O   . HOH D 3 .   ? 11.103  -11.587 2.075   1.00 32.64 ? 429 HOH A O   1 
HETATM 1367 O  O   . HOH D 3 .   ? -15.612 5.298   -1.095  1.00 23.83 ? 430 HOH A O   1 
HETATM 1368 O  O   . HOH D 3 .   ? 5.178   -4.657  -17.501 1.00 34.75 ? 431 HOH A O   1 
HETATM 1369 O  O   . HOH D 3 .   ? -12.730 2.294   5.314   1.00 26.73 ? 432 HOH A O   1 
HETATM 1370 O  O   . HOH D 3 .   ? -11.032 17.694  11.975  1.00 37.16 ? 433 HOH A O   1 
HETATM 1371 O  O   . HOH D 3 .   ? -13.356 0.473   -5.920  1.00 44.24 ? 434 HOH A O   1 
HETATM 1372 O  O   . HOH D 3 .   ? -9.904  18.150  10.230  1.00 38.52 ? 435 HOH A O   1 
HETATM 1373 O  O   . HOH D 3 .   ? -14.088 9.118   -2.406  1.00 35.19 ? 436 HOH A O   1 
HETATM 1374 O  O   . HOH D 3 .   ? 12.012  8.987   4.913   1.00 41.37 ? 437 HOH A O   1 
HETATM 1375 O  O   . HOH D 3 .   ? -9.599  -9.068  6.462   1.00 16.45 ? 438 HOH A O   1 
HETATM 1376 O  O   . HOH D 3 .   ? 9.348   -4.447  15.391  1.00 44.39 ? 439 HOH A O   1 
HETATM 1377 O  O   . HOH D 3 .   ? 1.822   10.339  -0.496  1.00 39.53 ? 440 HOH A O   1 
HETATM 1378 O  O   . HOH D 3 .   ? -1.113  -7.355  14.630  1.00 31.01 ? 441 HOH A O   1 
HETATM 1379 O  O   . HOH D 3 .   ? 1.950   6.895   -4.869  1.00 39.55 ? 442 HOH A O   1 
HETATM 1380 O  O   . HOH D 3 .   ? 12.366  -13.407 2.118   1.00 46.20 ? 443 HOH A O   1 
HETATM 1381 O  O   . HOH D 3 .   ? -15.439 2.197   12.841  1.00 37.00 ? 444 HOH A O   1 
HETATM 1382 O  O   . HOH D 3 .   ? -6.192  -5.192  -15.228 1.00 40.07 ? 445 HOH A O   1 
HETATM 1383 O  O   . HOH D 3 .   ? 3.313   -17.743 -9.367  1.00 35.32 ? 446 HOH A O   1 
HETATM 1384 O  O   . HOH D 3 .   ? -1.092  -14.139 -13.068 1.00 35.99 ? 447 HOH A O   1 
HETATM 1385 O  O   . HOH D 3 .   ? 6.770   -7.544  13.575  1.00 43.33 ? 448 HOH A O   1 
HETATM 1386 O  O   . HOH D 3 .   ? 8.696   5.525   -5.397  1.00 30.05 ? 449 HOH A O   1 
HETATM 1387 O  O   . HOH D 3 .   ? -10.008 14.508  -3.944  1.00 34.97 ? 450 HOH A O   1 
HETATM 1388 O  O   . HOH D 3 .   ? -7.544  7.655   -17.735 1.00 42.17 ? 451 HOH A O   1 
HETATM 1389 O  O   . HOH D 3 .   ? 14.683  -12.600 -3.197  1.00 45.03 ? 452 HOH A O   1 
HETATM 1390 O  O   . HOH D 3 .   ? 16.766  -5.812  -4.083  1.00 39.36 ? 453 HOH A O   1 
HETATM 1391 O  O   . HOH D 3 .   ? 2.307   2.225   18.493  1.00 44.86 ? 454 HOH A O   1 
HETATM 1392 O  O   . HOH D 3 .   ? 1.042   13.969  -0.240  1.00 29.30 ? 455 HOH A O   1 
HETATM 1393 O  O   . HOH D 3 .   ? 2.924   16.679  7.475   1.00 43.18 ? 456 HOH A O   1 
HETATM 1394 O  O   . HOH D 3 .   ? -14.526 -1.991  7.429   1.00 35.58 ? 457 HOH A O   1 
HETATM 1395 O  O   . HOH D 3 .   ? -15.913 8.151   -1.069  1.00 39.68 ? 458 HOH A O   1 
HETATM 1396 O  O   . HOH D 3 .   ? 17.266  -3.736  -3.472  1.00 43.64 ? 459 HOH A O   1 
HETATM 1397 O  O   . HOH D 3 .   ? -13.611 10.889  -4.327  1.00 45.23 ? 460 HOH A O   1 
HETATM 1398 O  O   . HOH D 3 .   ? 15.173  -1.523  -4.295  1.00 43.06 ? 461 HOH A O   1 
HETATM 1399 O  O   . HOH D 3 .   ? -17.431 6.192   12.852  1.00 49.92 ? 462 HOH A O   1 
HETATM 1400 O  O   . HOH D 3 .   ? 2.962   -18.072 -1.571  1.00 34.61 ? 463 HOH A O   1 
HETATM 1401 O  O   . HOH D 3 .   ? -0.146  -14.733 -17.382 1.00 42.78 ? 464 HOH A O   1 
HETATM 1402 O  O   . HOH D 3 .   ? 12.843  1.480   -5.027  1.00 36.73 ? 465 HOH A O   1 
HETATM 1403 O  O   . HOH D 3 .   ? 3.150   11.659  0.671   1.00 39.90 ? 466 HOH A O   1 
HETATM 1404 O  O   . HOH D 3 .   ? 4.917   -1.898  16.233  1.00 46.28 ? 467 HOH A O   1 
HETATM 1405 O  O   . HOH D 3 .   ? 12.320  1.370   -7.841  1.00 46.31 ? 468 HOH A O   1 
HETATM 1406 O  O   . HOH D 3 .   ? 5.213   -3.156  -27.814 1.00 39.63 ? 469 HOH A O   1 
# 
